data_7C8A
#
_entry.id   7C8A
#
_cell.length_a   75.999
_cell.length_b   103.081
_cell.length_c   105.029
_cell.angle_alpha   105.936
_cell.angle_beta   104.945
_cell.angle_gamma   92.381
#
_symmetry.space_group_name_H-M   'P 1'
#
loop_
_entity.id
_entity.type
_entity.pdbx_description
1 polymer Peroxiredoxin
2 non-polymer 1-naphthalen-2-ylethanone
3 non-polymer 'CITRIC ACID'
4 water water
#
_entity_poly.entity_id   1
_entity_poly.type   'polypeptide(L)'
_entity_poly.pdbx_seq_one_letter_code
;MPGSIPLIGERFPEMEVTTDHGVIKLPDHYVSQGKWFVLFSHPADFTPVSTTEFVSFARRYEDFQRLGVDLIGLSVDSVC
SHIKWKEWIERHIGVRIPFPIIADPQGTVARRLGLLHAESATHTVRGVFIVDARGVIRTMLYYPMELGRLVDEILRIVKA
LKLGDSLKRAVPADWPNNEIIGEGLIVPPPTTEDQARARMESGQYRSLDWWFSWDTPASRDDVEEARRYLRRAAEKPAKL
LYEEARTHLH
;
_entity_poly.pdbx_strand_id   A,B,C,D,E,F,G,H,I,J
#
# COMPACT_ATOMS: atom_id res chain seq x y z
N PRO A 2 18.35 -20.21 -0.04
CA PRO A 2 17.86 -18.99 0.60
C PRO A 2 18.88 -18.24 1.47
N GLY A 3 19.99 -17.74 0.91
CA GLY A 3 20.95 -16.88 1.65
C GLY A 3 21.49 -15.73 0.82
N SER A 4 22.05 -14.69 1.48
CA SER A 4 22.60 -13.43 0.89
C SER A 4 24.08 -13.20 1.29
N ILE A 5 24.99 -13.20 0.33
CA ILE A 5 26.45 -12.99 0.58
C ILE A 5 26.88 -11.58 0.20
N PRO A 6 27.98 -11.07 0.79
CA PRO A 6 28.69 -9.90 0.26
C PRO A 6 29.46 -10.44 -0.96
N LEU A 7 30.07 -9.60 -1.80
CA LEU A 7 30.55 -10.08 -3.13
C LEU A 7 32.01 -9.67 -3.34
N ILE A 8 32.72 -10.44 -4.15
CA ILE A 8 34.10 -10.09 -4.59
C ILE A 8 34.03 -8.73 -5.30
N GLY A 9 34.96 -7.83 -4.98
CA GLY A 9 34.99 -6.48 -5.56
C GLY A 9 34.27 -5.47 -4.69
N GLU A 10 33.41 -5.90 -3.77
CA GLU A 10 32.74 -5.00 -2.78
C GLU A 10 33.69 -4.77 -1.60
N ARG A 11 33.63 -3.58 -1.00
CA ARG A 11 34.19 -3.27 0.33
C ARG A 11 33.63 -4.24 1.36
N PHE A 12 34.47 -4.76 2.23
CA PHE A 12 34.00 -5.58 3.37
C PHE A 12 33.03 -4.68 4.15
N PRO A 13 31.83 -5.15 4.49
CA PRO A 13 30.82 -4.29 5.12
C PRO A 13 31.30 -3.67 6.44
N GLU A 14 31.09 -2.37 6.63
CA GLU A 14 31.43 -1.65 7.88
C GLU A 14 30.76 -2.36 9.04
N MET A 15 31.52 -2.69 10.09
CA MET A 15 30.93 -3.28 11.31
C MET A 15 31.94 -3.20 12.45
N GLU A 16 31.41 -3.01 13.64
CA GLU A 16 32.11 -3.15 14.93
C GLU A 16 31.88 -4.59 15.39
N VAL A 17 32.96 -5.30 15.76
CA VAL A 17 32.87 -6.68 16.26
C VAL A 17 33.56 -6.75 17.62
N THR A 18 33.04 -7.59 18.50
CA THR A 18 33.69 -7.91 19.80
C THR A 18 34.56 -9.14 19.61
N THR A 19 35.86 -9.04 19.90
CA THR A 19 36.82 -10.17 19.82
C THR A 19 37.38 -10.41 21.23
N ASP A 20 38.03 -11.56 21.42
CA ASP A 20 38.77 -11.89 22.64
C ASP A 20 40.05 -11.03 22.78
N HIS A 21 40.36 -10.12 21.85
CA HIS A 21 41.44 -9.09 21.96
C HIS A 21 40.84 -7.69 22.17
N GLY A 22 39.53 -7.55 22.14
CA GLY A 22 38.82 -6.27 22.29
C GLY A 22 37.86 -6.02 21.15
N VAL A 23 37.28 -4.82 21.12
CA VAL A 23 36.34 -4.35 20.07
C VAL A 23 37.15 -3.76 18.92
N ILE A 24 36.85 -4.13 17.69
CA ILE A 24 37.53 -3.48 16.54
C ILE A 24 36.54 -3.16 15.44
N LYS A 25 36.90 -2.22 14.56
CA LYS A 25 36.08 -1.89 13.39
C LYS A 25 36.66 -2.66 12.18
N LEU A 26 35.84 -3.40 11.45
CA LEU A 26 36.26 -4.04 10.18
C LEU A 26 35.67 -3.22 9.05
N PRO A 27 36.39 -3.08 7.90
CA PRO A 27 37.76 -3.58 7.73
C PRO A 27 38.83 -2.57 8.18
N ASP A 28 38.41 -1.45 8.79
CA ASP A 28 39.25 -0.25 9.10
C ASP A 28 40.46 -0.64 9.96
N HIS A 29 40.29 -1.55 10.92
CA HIS A 29 41.36 -1.92 11.87
C HIS A 29 42.58 -2.41 11.07
N TYR A 30 42.35 -3.09 9.94
CA TYR A 30 43.40 -3.76 9.13
C TYR A 30 43.83 -2.80 8.00
N VAL A 31 42.88 -2.14 7.36
CA VAL A 31 43.20 -1.05 6.38
C VAL A 31 44.20 -0.04 7.00
N SER A 32 43.95 0.45 8.22
CA SER A 32 44.80 1.45 8.96
C SER A 32 46.24 0.97 9.15
N GLN A 33 46.45 -0.35 9.24
CA GLN A 33 47.78 -1.02 9.37
C GLN A 33 48.35 -1.37 8.00
N GLY A 34 47.62 -1.11 6.93
CA GLY A 34 48.08 -1.51 5.58
C GLY A 34 48.07 -3.01 5.42
N LYS A 35 47.19 -3.69 6.15
CA LYS A 35 47.12 -5.17 6.18
C LYS A 35 45.96 -5.70 5.34
N TRP A 36 46.21 -6.82 4.70
CA TRP A 36 45.15 -7.76 4.29
C TRP A 36 44.67 -8.50 5.54
N PHE A 37 43.49 -9.10 5.46
CA PHE A 37 43.05 -10.00 6.54
C PHE A 37 42.27 -11.14 5.94
N VAL A 38 42.42 -12.31 6.54
CA VAL A 38 41.55 -13.49 6.32
C VAL A 38 40.59 -13.60 7.51
N LEU A 39 39.32 -13.28 7.30
CA LEU A 39 38.26 -13.60 8.25
C LEU A 39 37.83 -15.01 7.91
N PHE A 40 37.79 -15.89 8.89
CA PHE A 40 37.30 -17.28 8.76
C PHE A 40 36.42 -17.59 9.96
N SER A 41 35.48 -18.49 9.76
CA SER A 41 34.44 -18.83 10.75
C SER A 41 34.54 -20.30 11.08
N HIS A 42 34.05 -20.70 12.25
CA HIS A 42 33.90 -22.12 12.64
C HIS A 42 32.62 -22.22 13.44
N PRO A 43 31.97 -23.40 13.47
CA PRO A 43 30.64 -23.55 14.05
C PRO A 43 30.56 -23.28 15.55
N ALA A 44 31.51 -23.79 16.33
CA ALA A 44 31.52 -23.65 17.80
C ALA A 44 32.92 -23.94 18.36
N ASP A 45 33.22 -23.33 19.49
CA ASP A 45 34.40 -23.64 20.34
C ASP A 45 34.27 -25.07 20.86
N PHE A 46 35.39 -25.69 21.18
CA PHE A 46 35.46 -27.07 21.72
C PHE A 46 34.81 -28.04 20.74
N THR A 47 35.09 -27.83 19.46
CA THR A 47 34.79 -28.78 18.35
C THR A 47 36.12 -29.20 17.74
N PRO A 48 36.23 -30.50 17.37
CA PRO A 48 37.51 -31.05 16.92
C PRO A 48 38.04 -30.57 15.55
N VAL A 49 37.24 -30.52 14.47
CA VAL A 49 37.75 -30.03 13.17
C VAL A 49 38.20 -28.57 13.35
N SER A 50 37.39 -27.76 14.02
CA SER A 50 37.70 -26.33 14.30
C SER A 50 39.05 -26.21 15.00
N THR A 51 39.29 -27.07 16.02
CA THR A 51 40.56 -27.06 16.76
C THR A 51 41.71 -27.36 15.80
N THR A 52 41.56 -28.38 14.93
CA THR A 52 42.63 -28.74 13.96
C THR A 52 42.90 -27.56 13.03
N GLU A 53 41.88 -26.78 12.66
CA GLU A 53 42.03 -25.59 11.80
C GLU A 53 42.76 -24.48 12.54
N PHE A 54 42.39 -24.17 13.79
CA PHE A 54 43.05 -23.10 14.55
C PHE A 54 44.55 -23.43 14.69
N VAL A 55 44.86 -24.70 14.92
CA VAL A 55 46.28 -25.15 15.05
C VAL A 55 47.00 -24.96 13.71
N SER A 56 46.35 -25.32 12.60
CA SER A 56 46.91 -25.14 11.24
C SER A 56 47.21 -23.66 10.99
N PHE A 57 46.24 -22.78 11.27
CA PHE A 57 46.42 -21.34 11.02
C PHE A 57 47.61 -20.81 11.86
N ALA A 58 47.69 -21.17 13.14
CA ALA A 58 48.68 -20.70 14.12
C ALA A 58 50.07 -21.14 13.67
N ARG A 59 50.15 -22.37 13.19
CA ARG A 59 51.40 -22.91 12.60
C ARG A 59 51.80 -22.07 11.40
N ARG A 60 50.85 -21.51 10.64
CA ARG A 60 51.15 -20.76 9.39
C ARG A 60 51.20 -19.26 9.65
N TYR A 61 51.11 -18.83 10.90
CA TYR A 61 50.85 -17.42 11.24
C TYR A 61 51.99 -16.56 10.70
N GLU A 62 53.22 -17.04 10.88
CA GLU A 62 54.43 -16.31 10.47
C GLU A 62 54.39 -16.16 8.95
N ASP A 63 53.93 -17.18 8.24
CA ASP A 63 53.77 -17.15 6.76
C ASP A 63 52.77 -16.05 6.40
N PHE A 64 51.66 -15.94 7.14
CA PHE A 64 50.68 -14.87 6.84
C PHE A 64 51.30 -13.50 7.15
N GLN A 65 51.98 -13.38 8.29
CA GLN A 65 52.58 -12.12 8.78
C GLN A 65 53.58 -11.60 7.74
N ARG A 66 54.41 -12.49 7.21
CA ARG A 66 55.43 -12.18 6.17
C ARG A 66 54.75 -11.59 4.92
N LEU A 67 53.54 -12.04 4.58
CA LEU A 67 52.75 -11.53 3.43
C LEU A 67 52.07 -10.21 3.75
N GLY A 68 52.11 -9.74 4.98
CA GLY A 68 51.34 -8.54 5.36
C GLY A 68 49.87 -8.86 5.59
N VAL A 69 49.60 -10.07 6.07
CA VAL A 69 48.23 -10.63 6.23
C VAL A 69 47.99 -10.96 7.70
N ASP A 70 46.87 -10.58 8.24
CA ASP A 70 46.46 -10.99 9.59
C ASP A 70 45.25 -11.94 9.50
N LEU A 71 44.98 -12.64 10.59
CA LEU A 71 43.89 -13.64 10.71
C LEU A 71 42.90 -13.13 11.75
N ILE A 72 41.61 -13.37 11.49
CA ILE A 72 40.57 -13.16 12.52
C ILE A 72 39.53 -14.28 12.36
N GLY A 73 39.25 -14.97 13.47
CA GLY A 73 38.26 -16.04 13.55
C GLY A 73 36.88 -15.48 13.89
N LEU A 74 35.89 -16.38 13.96
CA LEU A 74 34.47 -16.04 14.16
C LEU A 74 33.75 -17.33 14.52
N SER A 75 33.08 -17.34 15.65
CA SER A 75 31.95 -18.27 15.90
C SER A 75 30.89 -17.53 16.70
N VAL A 76 29.74 -18.17 16.90
CA VAL A 76 28.59 -17.63 17.66
C VAL A 76 28.86 -17.75 19.17
N ASP A 77 29.91 -18.43 19.62
CA ASP A 77 30.28 -18.50 21.07
C ASP A 77 30.79 -17.16 21.59
N SER A 78 30.83 -16.98 22.90
CA SER A 78 31.17 -15.67 23.51
C SER A 78 32.66 -15.64 23.83
N VAL A 79 33.18 -14.47 24.16
CA VAL A 79 34.62 -14.20 24.41
C VAL A 79 35.17 -15.17 25.49
N CYS A 80 34.45 -15.46 26.57
CA CYS A 80 34.99 -16.27 27.70
C CYS A 80 35.22 -17.69 27.22
N SER A 81 34.28 -18.22 26.43
CA SER A 81 34.42 -19.54 25.77
C SER A 81 35.62 -19.50 24.82
N HIS A 82 35.76 -18.44 24.02
CA HIS A 82 36.91 -18.26 23.12
C HIS A 82 38.22 -18.41 23.94
N ILE A 83 38.31 -17.72 25.09
CA ILE A 83 39.59 -17.67 25.87
C ILE A 83 39.82 -19.04 26.52
N LYS A 84 38.77 -19.68 27.03
CA LYS A 84 38.87 -21.04 27.63
C LYS A 84 39.37 -22.07 26.61
N TRP A 85 38.85 -21.99 25.38
CA TRP A 85 39.19 -22.92 24.29
C TRP A 85 40.66 -22.73 23.90
N LYS A 86 41.11 -21.49 23.72
CA LYS A 86 42.51 -21.16 23.38
C LYS A 86 43.45 -21.72 24.46
N GLU A 87 43.07 -21.54 25.73
CA GLU A 87 43.81 -22.06 26.88
C GLU A 87 43.90 -23.58 26.77
N TRP A 88 42.77 -24.24 26.51
CA TRP A 88 42.72 -25.69 26.28
C TRP A 88 43.70 -26.06 25.16
N ILE A 89 43.68 -25.33 24.03
CA ILE A 89 44.58 -25.68 22.89
C ILE A 89 46.05 -25.52 23.33
N GLU A 90 46.41 -24.45 24.03
CA GLU A 90 47.81 -24.21 24.47
C GLU A 90 48.22 -25.29 25.45
N ARG A 91 47.38 -25.61 26.42
CA ARG A 91 47.71 -26.60 27.47
C ARG A 91 47.87 -28.01 26.86
N HIS A 92 46.97 -28.43 25.98
CA HIS A 92 46.81 -29.86 25.59
C HIS A 92 47.51 -30.16 24.25
N ILE A 93 47.66 -29.18 23.38
CA ILE A 93 48.32 -29.38 22.06
C ILE A 93 49.67 -28.68 22.08
N GLY A 94 49.89 -27.70 22.95
CA GLY A 94 51.19 -27.02 23.04
C GLY A 94 51.31 -25.89 22.04
N VAL A 95 50.17 -25.41 21.51
CA VAL A 95 50.13 -24.41 20.41
C VAL A 95 49.32 -23.22 20.92
N ARG A 96 49.95 -22.05 20.93
CA ARG A 96 49.33 -20.76 21.27
C ARG A 96 48.61 -20.21 20.02
N ILE A 97 47.34 -19.83 20.15
CA ILE A 97 46.57 -19.13 19.09
C ILE A 97 46.77 -17.63 19.27
N PRO A 98 47.56 -16.94 18.42
CA PRO A 98 47.91 -15.55 18.71
C PRO A 98 46.92 -14.51 18.14
N PHE A 99 45.96 -14.92 17.31
CA PHE A 99 45.08 -13.99 16.55
C PHE A 99 43.70 -13.99 17.20
N PRO A 100 42.93 -12.88 17.03
CA PRO A 100 41.64 -12.75 17.69
C PRO A 100 40.56 -13.66 17.09
N ILE A 101 39.54 -13.94 17.89
CA ILE A 101 38.29 -14.63 17.46
C ILE A 101 37.13 -13.68 17.77
N ILE A 102 36.30 -13.44 16.77
CA ILE A 102 35.03 -12.69 16.94
C ILE A 102 34.04 -13.55 17.73
N ALA A 103 33.35 -12.93 18.66
CA ALA A 103 32.18 -13.49 19.38
C ALA A 103 30.93 -12.92 18.72
N ASP A 104 30.07 -13.75 18.16
CA ASP A 104 28.88 -13.32 17.37
C ASP A 104 27.64 -14.06 17.87
N PRO A 105 27.29 -13.96 19.16
CA PRO A 105 26.15 -14.69 19.73
C PRO A 105 24.76 -14.43 19.12
N GLN A 106 24.50 -13.29 18.51
CA GLN A 106 23.16 -13.14 17.89
C GLN A 106 23.23 -13.44 16.38
N GLY A 107 24.39 -13.87 15.87
CA GLY A 107 24.54 -14.18 14.44
C GLY A 107 24.50 -12.96 13.53
N THR A 108 24.69 -11.75 14.07
CA THR A 108 24.65 -10.47 13.31
C THR A 108 25.71 -10.49 12.21
N VAL A 109 26.96 -10.76 12.59
CA VAL A 109 28.08 -10.89 11.63
C VAL A 109 27.80 -12.06 10.68
N ALA A 110 27.38 -13.20 11.22
CA ALA A 110 27.08 -14.42 10.44
C ALA A 110 26.09 -14.10 9.30
N ARG A 111 24.98 -13.42 9.59
CA ARG A 111 23.91 -13.09 8.60
C ARG A 111 24.46 -12.09 7.59
N ARG A 112 25.22 -11.12 8.05
CA ARG A 112 25.83 -10.13 7.11
C ARG A 112 26.70 -10.89 6.11
N LEU A 113 27.48 -11.91 6.51
CA LEU A 113 28.50 -12.52 5.63
C LEU A 113 27.98 -13.82 4.98
N GLY A 114 26.71 -14.15 5.18
CA GLY A 114 26.08 -15.39 4.68
C GLY A 114 26.74 -16.65 5.20
N LEU A 115 27.05 -16.72 6.52
CA LEU A 115 27.78 -17.87 7.12
C LEU A 115 26.82 -18.89 7.73
N LEU A 116 25.52 -18.64 7.66
CA LEU A 116 24.48 -19.58 8.15
C LEU A 116 23.89 -20.25 6.93
N HIS A 117 24.26 -21.49 6.69
CA HIS A 117 23.77 -22.31 5.55
C HIS A 117 22.75 -23.29 6.14
N ALA A 118 22.22 -24.19 5.34
CA ALA A 118 21.16 -25.11 5.77
C ALA A 118 21.70 -26.23 6.66
N GLU A 119 23.01 -26.50 6.66
CA GLU A 119 23.56 -27.54 7.57
C GLU A 119 23.26 -27.18 9.01
N SER A 120 23.18 -25.90 9.37
CA SER A 120 22.89 -25.48 10.76
C SER A 120 22.22 -24.11 10.75
N ALA A 121 21.08 -24.04 11.40
CA ALA A 121 20.31 -22.79 11.60
C ALA A 121 21.08 -21.90 12.58
N THR A 122 21.89 -22.49 13.47
CA THR A 122 22.41 -21.82 14.69
C THR A 122 23.90 -21.56 14.59
N HIS A 123 24.60 -22.32 13.77
CA HIS A 123 26.07 -22.36 13.75
C HIS A 123 26.59 -22.17 12.32
N THR A 124 27.55 -21.27 12.23
CA THR A 124 28.35 -20.87 11.04
C THR A 124 29.01 -22.10 10.42
N VAL A 125 28.97 -22.20 9.10
CA VAL A 125 29.86 -23.11 8.34
C VAL A 125 31.29 -22.51 8.41
N ARG A 126 32.20 -23.05 7.61
CA ARG A 126 33.66 -22.72 7.63
C ARG A 126 33.91 -21.76 6.45
N GLY A 127 33.44 -20.55 6.64
CA GLY A 127 33.56 -19.47 5.66
C GLY A 127 34.94 -18.88 5.72
N VAL A 128 35.38 -18.32 4.60
CA VAL A 128 36.67 -17.63 4.46
C VAL A 128 36.46 -16.39 3.61
N PHE A 129 36.83 -15.23 4.15
CA PHE A 129 36.83 -13.94 3.44
C PHE A 129 38.27 -13.45 3.35
N ILE A 130 38.76 -13.28 2.12
CA ILE A 130 40.12 -12.74 1.91
C ILE A 130 39.92 -11.29 1.51
N VAL A 131 40.45 -10.37 2.32
CA VAL A 131 40.19 -8.92 2.16
C VAL A 131 41.54 -8.22 2.00
N ASP A 132 41.67 -7.33 1.04
CA ASP A 132 42.97 -6.68 0.74
C ASP A 132 43.12 -5.41 1.60
N ALA A 133 44.23 -4.70 1.45
CA ALA A 133 44.61 -3.53 2.28
C ALA A 133 43.76 -2.30 1.89
N ARG A 134 43.00 -2.32 0.81
CA ARG A 134 41.96 -1.28 0.55
C ARG A 134 40.62 -1.72 1.20
N GLY A 135 40.56 -2.87 1.88
CA GLY A 135 39.32 -3.39 2.49
C GLY A 135 38.35 -3.99 1.48
N VAL A 136 38.84 -4.45 0.33
CA VAL A 136 37.99 -5.03 -0.76
C VAL A 136 38.04 -6.56 -0.65
N ILE A 137 36.89 -7.23 -0.67
CA ILE A 137 36.80 -8.71 -0.64
C ILE A 137 37.38 -9.23 -1.98
N ARG A 138 38.34 -10.14 -1.92
CA ARG A 138 39.06 -10.63 -3.11
C ARG A 138 38.68 -12.08 -3.43
N THR A 139 38.28 -12.89 -2.43
CA THR A 139 37.98 -14.34 -2.62
C THR A 139 37.09 -14.77 -1.46
N MET A 140 36.17 -15.70 -1.70
CA MET A 140 35.26 -16.22 -0.64
C MET A 140 35.12 -17.74 -0.81
N LEU A 141 35.30 -18.47 0.27
CA LEU A 141 35.23 -19.94 0.28
C LEU A 141 34.23 -20.31 1.36
N TYR A 142 33.44 -21.35 1.08
CA TYR A 142 32.45 -21.88 2.02
C TYR A 142 32.66 -23.39 2.10
N TYR A 143 33.40 -23.84 3.12
CA TYR A 143 33.58 -25.25 3.51
C TYR A 143 32.48 -25.61 4.50
N PRO A 144 32.09 -26.89 4.54
CA PRO A 144 31.02 -27.35 5.42
C PRO A 144 31.53 -27.76 6.81
N MET A 145 30.60 -28.19 7.65
CA MET A 145 30.87 -28.63 9.04
C MET A 145 31.87 -29.78 9.02
N GLU A 146 31.72 -30.70 8.06
CA GLU A 146 32.33 -32.06 8.11
C GLU A 146 33.72 -32.07 7.47
N LEU A 147 34.21 -30.94 6.98
CA LEU A 147 35.46 -30.90 6.18
C LEU A 147 36.33 -29.71 6.57
N GLY A 148 37.53 -29.98 7.05
CA GLY A 148 38.52 -28.93 7.35
C GLY A 148 39.07 -28.32 6.10
N ARG A 149 39.40 -27.05 6.20
CA ARG A 149 40.09 -26.30 5.12
C ARG A 149 41.51 -26.84 4.90
N LEU A 150 42.02 -26.55 3.70
CA LEU A 150 43.45 -26.67 3.32
C LEU A 150 44.08 -25.29 3.43
N VAL A 151 44.70 -25.02 4.57
CA VAL A 151 45.13 -23.63 4.90
C VAL A 151 46.26 -23.20 3.96
N ASP A 152 47.04 -24.14 3.42
CA ASP A 152 48.09 -23.78 2.43
C ASP A 152 47.50 -23.14 1.19
N GLU A 153 46.25 -23.46 0.83
CA GLU A 153 45.59 -22.88 -0.36
C GLU A 153 45.21 -21.42 -0.07
N ILE A 154 44.91 -21.11 1.19
CA ILE A 154 44.64 -19.70 1.60
C ILE A 154 45.94 -18.88 1.46
N LEU A 155 47.07 -19.41 1.91
CA LEU A 155 48.39 -18.78 1.69
C LEU A 155 48.62 -18.61 0.17
N ARG A 156 48.36 -19.64 -0.64
CA ARG A 156 48.64 -19.55 -2.11
C ARG A 156 47.72 -18.47 -2.72
N ILE A 157 46.45 -18.43 -2.29
CA ILE A 157 45.47 -17.44 -2.83
C ILE A 157 46.05 -16.04 -2.55
N VAL A 158 46.45 -15.74 -1.32
CA VAL A 158 46.91 -14.37 -0.92
C VAL A 158 48.19 -13.99 -1.67
N LYS A 159 49.17 -14.87 -1.68
CA LYS A 159 50.46 -14.65 -2.41
C LYS A 159 50.20 -14.41 -3.92
N ALA A 160 49.40 -15.25 -4.56
CA ALA A 160 49.11 -15.14 -6.01
C ALA A 160 48.41 -13.80 -6.32
N LEU A 161 47.46 -13.38 -5.48
CA LEU A 161 46.69 -12.10 -5.62
C LEU A 161 47.67 -10.90 -5.49
N LYS A 162 48.51 -10.86 -4.45
CA LYS A 162 49.49 -9.75 -4.22
C LYS A 162 50.49 -9.66 -5.37
N LEU A 163 50.93 -10.81 -5.86
CA LEU A 163 51.79 -10.93 -7.06
C LEU A 163 51.04 -10.40 -8.29
N GLY A 164 49.83 -10.89 -8.55
CA GLY A 164 49.03 -10.43 -9.70
C GLY A 164 48.79 -8.93 -9.64
N ASP A 165 48.49 -8.39 -8.45
CA ASP A 165 48.22 -6.94 -8.24
C ASP A 165 49.50 -6.14 -8.51
N SER A 166 50.64 -6.58 -8.01
CA SER A 166 51.92 -5.83 -8.13
C SER A 166 52.49 -5.97 -9.55
N LEU A 167 52.34 -7.10 -10.22
CA LEU A 167 52.96 -7.33 -11.54
C LEU A 167 51.97 -7.04 -12.67
N LYS A 168 50.74 -6.64 -12.34
CA LYS A 168 49.66 -6.40 -13.33
C LYS A 168 49.50 -7.65 -14.20
N ARG A 169 49.23 -8.79 -13.57
CA ARG A 169 49.09 -10.08 -14.29
C ARG A 169 47.93 -10.87 -13.68
N ALA A 170 47.33 -11.73 -14.48
CA ALA A 170 46.37 -12.75 -14.06
C ALA A 170 47.17 -14.02 -13.76
N VAL A 171 46.65 -14.90 -12.91
CA VAL A 171 47.40 -16.08 -12.43
C VAL A 171 46.73 -17.32 -12.98
N PRO A 172 47.50 -18.18 -13.68
CA PRO A 172 46.96 -19.38 -14.29
C PRO A 172 46.50 -20.39 -13.24
N ALA A 173 45.67 -21.33 -13.70
CA ALA A 173 45.27 -22.52 -12.91
C ALA A 173 46.52 -23.16 -12.28
N ASP A 174 46.48 -23.47 -10.99
CA ASP A 174 47.45 -24.37 -10.32
C ASP A 174 48.80 -23.65 -10.20
N TRP A 175 48.83 -22.34 -10.39
CA TRP A 175 50.10 -21.58 -10.25
C TRP A 175 50.73 -21.81 -8.87
N PRO A 176 52.06 -21.98 -8.72
CA PRO A 176 53.05 -21.77 -9.78
C PRO A 176 53.47 -23.00 -10.60
N ASN A 177 52.63 -24.05 -10.59
CA ASN A 177 52.85 -25.32 -11.31
C ASN A 177 51.80 -25.50 -12.43
N ASN A 178 51.46 -24.45 -13.17
CA ASN A 178 50.46 -24.57 -14.27
C ASN A 178 51.06 -25.48 -15.34
N GLU A 179 50.26 -26.36 -15.92
CA GLU A 179 50.76 -27.40 -16.84
C GLU A 179 51.05 -26.78 -18.21
N ILE A 180 50.46 -25.62 -18.56
CA ILE A 180 50.66 -24.98 -19.88
C ILE A 180 51.91 -24.11 -19.78
N ILE A 181 51.96 -23.20 -18.81
CA ILE A 181 53.01 -22.14 -18.75
C ILE A 181 53.80 -22.19 -17.45
N GLY A 182 53.59 -23.22 -16.62
CA GLY A 182 54.33 -23.39 -15.34
C GLY A 182 54.11 -22.24 -14.38
N GLU A 183 55.15 -21.45 -14.17
CA GLU A 183 55.13 -20.33 -13.19
C GLU A 183 54.94 -19.01 -13.93
N GLY A 184 54.71 -19.06 -15.23
CA GLY A 184 54.32 -17.87 -16.00
C GLY A 184 53.03 -17.26 -15.47
N LEU A 185 52.90 -15.96 -15.69
CA LEU A 185 51.72 -15.15 -15.32
C LEU A 185 51.14 -14.56 -16.59
N ILE A 186 49.83 -14.33 -16.60
CA ILE A 186 49.08 -14.02 -17.86
C ILE A 186 48.98 -12.49 -18.02
N VAL A 187 49.27 -12.00 -19.23
CA VAL A 187 49.03 -10.57 -19.59
C VAL A 187 47.53 -10.43 -19.77
N PRO A 188 46.85 -9.49 -19.08
CA PRO A 188 45.42 -9.31 -19.29
C PRO A 188 45.17 -9.13 -20.78
N PRO A 189 44.23 -9.89 -21.39
CA PRO A 189 44.01 -9.88 -22.82
C PRO A 189 43.57 -8.53 -23.39
N PRO A 190 43.78 -8.29 -24.69
CA PRO A 190 43.26 -7.09 -25.35
C PRO A 190 41.74 -7.01 -25.22
N THR A 191 41.15 -5.82 -25.17
CA THR A 191 39.67 -5.64 -25.11
C THR A 191 39.15 -5.06 -26.43
N THR A 192 40.01 -4.86 -27.43
CA THR A 192 39.62 -4.29 -28.74
C THR A 192 40.43 -4.95 -29.84
N GLU A 193 39.96 -4.84 -31.07
CA GLU A 193 40.65 -5.40 -32.27
C GLU A 193 41.97 -4.66 -32.48
N ASP A 194 42.00 -3.37 -32.19
CA ASP A 194 43.23 -2.56 -32.36
C ASP A 194 44.27 -3.01 -31.32
N GLN A 195 43.88 -3.19 -30.06
CA GLN A 195 44.81 -3.74 -29.03
C GLN A 195 45.27 -5.14 -29.45
N ALA A 196 44.40 -5.99 -29.99
CA ALA A 196 44.73 -7.39 -30.38
C ALA A 196 45.77 -7.43 -31.50
N ARG A 197 45.61 -6.61 -32.54
CA ARG A 197 46.61 -6.47 -33.65
C ARG A 197 47.92 -5.98 -33.06
N ALA A 198 47.93 -4.91 -32.27
CA ALA A 198 49.17 -4.28 -31.78
C ALA A 198 49.94 -5.27 -30.89
N ARG A 199 49.21 -6.12 -30.16
CA ARG A 199 49.79 -7.14 -29.25
C ARG A 199 50.48 -8.23 -30.08
N MET A 200 49.76 -8.80 -31.05
CA MET A 200 50.30 -9.82 -31.99
C MET A 200 51.52 -9.24 -32.72
N GLU A 201 51.49 -7.95 -33.09
CA GLU A 201 52.58 -7.24 -33.84
C GLU A 201 53.74 -6.80 -32.92
N SER A 202 53.58 -6.78 -31.60
CA SER A 202 54.65 -6.30 -30.66
C SER A 202 55.70 -7.40 -30.49
N GLY A 203 55.33 -8.67 -30.69
CA GLY A 203 56.15 -9.85 -30.35
C GLY A 203 56.80 -9.70 -28.97
N GLN A 204 56.22 -8.88 -28.10
CA GLN A 204 56.75 -8.54 -26.76
C GLN A 204 56.66 -9.76 -25.84
N TYR A 205 55.68 -10.66 -26.06
CA TYR A 205 55.36 -11.78 -25.14
C TYR A 205 55.21 -13.08 -25.91
N ARG A 206 55.52 -14.19 -25.23
CA ARG A 206 55.09 -15.54 -25.70
C ARG A 206 53.56 -15.55 -25.77
N SER A 207 52.97 -16.13 -26.81
CA SER A 207 51.51 -16.10 -27.10
C SER A 207 51.11 -17.43 -27.71
N LEU A 208 49.90 -17.91 -27.38
CA LEU A 208 49.22 -18.99 -28.14
C LEU A 208 48.22 -18.34 -29.09
N ASP A 209 47.85 -17.09 -28.84
CA ASP A 209 46.85 -16.32 -29.61
C ASP A 209 46.87 -14.88 -29.07
N TRP A 210 46.11 -13.97 -29.69
CA TRP A 210 46.10 -12.54 -29.31
C TRP A 210 45.52 -12.39 -27.89
N TRP A 211 44.72 -13.35 -27.43
CA TRP A 211 44.01 -13.31 -26.11
C TRP A 211 44.76 -14.13 -25.03
N PHE A 212 45.87 -14.78 -25.38
CA PHE A 212 46.64 -15.67 -24.47
C PHE A 212 48.12 -15.36 -24.65
N SER A 213 48.58 -14.41 -23.88
CA SER A 213 50.00 -13.99 -23.77
C SER A 213 50.45 -14.13 -22.31
N TRP A 214 51.74 -14.44 -22.10
CA TRP A 214 52.34 -14.59 -20.76
C TRP A 214 53.85 -14.34 -20.81
N ASP A 215 54.39 -14.06 -19.63
CA ASP A 215 55.83 -13.86 -19.38
C ASP A 215 56.11 -14.51 -18.01
N THR A 216 57.29 -14.27 -17.43
CA THR A 216 57.73 -14.90 -16.15
C THR A 216 58.35 -13.82 -15.29
N PRO A 217 57.58 -12.81 -14.86
CA PRO A 217 58.12 -11.67 -14.15
C PRO A 217 58.24 -11.89 -12.64
N ALA A 218 57.75 -13.01 -12.09
CA ALA A 218 57.82 -13.24 -10.63
C ALA A 218 59.27 -13.62 -10.26
N SER A 219 59.79 -13.09 -9.17
CA SER A 219 61.15 -13.42 -8.67
C SER A 219 61.17 -14.90 -8.28
N ARG A 220 62.34 -15.53 -8.36
CA ARG A 220 62.58 -16.92 -7.92
C ARG A 220 62.05 -17.05 -6.48
N ASP A 221 62.36 -16.09 -5.60
CA ASP A 221 61.96 -16.09 -4.15
C ASP A 221 60.43 -16.18 -4.01
N ASP A 222 59.67 -15.33 -4.72
CA ASP A 222 58.19 -15.31 -4.67
C ASP A 222 57.64 -16.66 -5.16
N VAL A 223 58.17 -17.18 -6.27
CA VAL A 223 57.77 -18.50 -6.82
C VAL A 223 58.04 -19.59 -5.76
N GLU A 224 59.22 -19.57 -5.13
CA GLU A 224 59.66 -20.65 -4.19
C GLU A 224 58.82 -20.53 -2.92
N GLU A 225 58.47 -19.30 -2.52
CA GLU A 225 57.57 -19.09 -1.35
C GLU A 225 56.24 -19.84 -1.59
N ALA A 226 55.69 -19.75 -2.79
CA ALA A 226 54.36 -20.32 -3.13
C ALA A 226 54.49 -21.84 -3.27
N ARG A 227 55.52 -22.36 -3.93
CA ARG A 227 55.83 -23.80 -4.01
C ARG A 227 55.99 -24.39 -2.60
N ARG A 228 56.59 -23.64 -1.70
CA ARG A 228 56.78 -24.09 -0.29
C ARG A 228 55.40 -24.41 0.34
N TYR A 229 54.38 -23.58 0.12
CA TYR A 229 53.05 -23.78 0.74
C TYR A 229 52.50 -25.11 0.26
N LEU A 230 52.56 -25.35 -1.05
CA LEU A 230 51.97 -26.58 -1.65
C LEU A 230 52.80 -27.81 -1.24
N ARG A 231 54.13 -27.70 -1.16
CA ARG A 231 54.99 -28.84 -0.71
C ARG A 231 54.60 -29.19 0.73
N ARG A 232 54.40 -28.19 1.58
CA ARG A 232 53.97 -28.48 2.98
C ARG A 232 52.60 -29.20 2.95
N ALA A 233 51.67 -28.75 2.09
CA ALA A 233 50.34 -29.38 1.96
C ALA A 233 50.48 -30.86 1.54
N ALA A 234 51.42 -31.15 0.63
CA ALA A 234 51.62 -32.49 0.02
C ALA A 234 52.38 -33.45 0.96
N GLU A 235 53.27 -32.96 1.83
CA GLU A 235 54.15 -33.84 2.67
C GLU A 235 53.48 -34.18 4.00
N LYS A 236 53.53 -35.46 4.38
CA LYS A 236 53.10 -35.93 5.73
C LYS A 236 54.03 -35.28 6.74
N PRO A 237 53.54 -34.61 7.79
CA PRO A 237 54.44 -34.02 8.79
C PRO A 237 55.36 -35.08 9.40
N ALA A 238 56.63 -34.73 9.65
CA ALA A 238 57.67 -35.57 10.31
C ALA A 238 57.13 -36.13 11.64
N LYS A 239 56.52 -35.29 12.49
CA LYS A 239 55.88 -35.77 13.75
C LYS A 239 54.53 -35.07 13.99
N LEU A 240 53.60 -35.81 14.57
CA LEU A 240 52.21 -35.41 14.88
C LEU A 240 52.13 -34.83 16.30
N LEU A 241 51.33 -33.77 16.47
CA LEU A 241 51.24 -33.03 17.75
C LEU A 241 50.50 -33.87 18.80
N TYR A 242 49.73 -34.90 18.44
CA TYR A 242 49.00 -35.73 19.45
C TYR A 242 50.01 -36.61 20.21
N GLU A 243 51.17 -36.92 19.58
CA GLU A 243 52.23 -37.83 20.13
C GLU A 243 52.89 -37.21 21.37
N GLU A 244 53.23 -35.91 21.32
CA GLU A 244 53.94 -35.19 22.42
C GLU A 244 52.93 -34.52 23.37
N ALA A 245 51.62 -34.68 23.12
CA ALA A 245 50.53 -34.11 23.93
C ALA A 245 50.36 -34.93 25.22
N PRO B 2 25.43 -6.25 -2.18
CA PRO B 2 25.53 -7.71 -1.99
C PRO B 2 24.70 -8.48 -3.03
N GLY B 3 24.50 -9.79 -2.82
CA GLY B 3 23.79 -10.71 -3.73
C GLY B 3 23.33 -11.93 -2.96
N SER B 4 22.68 -12.88 -3.62
CA SER B 4 22.07 -14.08 -2.99
C SER B 4 22.70 -15.37 -3.57
N ILE B 5 22.67 -16.45 -2.79
CA ILE B 5 23.30 -17.76 -3.15
C ILE B 5 22.41 -18.90 -2.63
N PRO B 6 22.46 -20.10 -3.25
CA PRO B 6 21.93 -21.28 -2.58
C PRO B 6 22.99 -21.61 -1.52
N LEU B 7 22.69 -22.55 -0.61
CA LEU B 7 23.53 -22.73 0.59
C LEU B 7 23.89 -24.20 0.72
N ILE B 8 25.04 -24.46 1.34
CA ILE B 8 25.47 -25.83 1.73
C ILE B 8 24.31 -26.48 2.47
N GLY B 9 23.98 -27.72 2.15
CA GLY B 9 22.89 -28.50 2.77
C GLY B 9 21.58 -28.34 2.04
N GLU B 10 21.43 -27.33 1.18
CA GLU B 10 20.25 -27.19 0.29
C GLU B 10 20.45 -28.07 -0.95
N ARG B 11 19.36 -28.60 -1.48
CA ARG B 11 19.25 -29.22 -2.82
C ARG B 11 19.63 -28.20 -3.90
N PHE B 12 20.52 -28.55 -4.82
CA PHE B 12 20.83 -27.66 -5.97
C PHE B 12 19.51 -27.19 -6.59
N PRO B 13 19.33 -25.89 -6.89
CA PRO B 13 18.07 -25.42 -7.44
C PRO B 13 17.67 -26.15 -8.74
N GLU B 14 16.42 -26.60 -8.82
CA GLU B 14 15.90 -27.28 -10.01
C GLU B 14 15.95 -26.30 -11.20
N MET B 15 16.55 -26.69 -12.33
CA MET B 15 16.67 -25.77 -13.50
C MET B 15 17.01 -26.59 -14.75
N GLU B 16 16.43 -26.22 -15.89
CA GLU B 16 16.84 -26.73 -17.23
C GLU B 16 17.96 -25.82 -17.71
N VAL B 17 19.03 -26.37 -18.24
CA VAL B 17 20.15 -25.53 -18.75
C VAL B 17 20.47 -26.02 -20.14
N THR B 18 20.87 -25.08 -20.99
CA THR B 18 21.43 -25.38 -22.34
C THR B 18 22.95 -25.48 -22.24
N THR B 19 23.50 -26.61 -22.65
CA THR B 19 24.95 -26.88 -22.74
C THR B 19 25.28 -27.19 -24.18
N ASP B 20 26.57 -27.30 -24.48
CA ASP B 20 27.13 -27.71 -25.81
C ASP B 20 27.01 -29.23 -26.01
N HIS B 21 26.38 -29.96 -25.08
CA HIS B 21 26.08 -31.42 -25.17
C HIS B 21 24.56 -31.62 -25.23
N GLY B 22 23.78 -30.55 -25.11
CA GLY B 22 22.32 -30.65 -25.12
C GLY B 22 21.73 -29.93 -23.93
N VAL B 23 20.41 -29.95 -23.83
CA VAL B 23 19.57 -29.47 -22.70
C VAL B 23 19.59 -30.55 -21.63
N ILE B 24 19.80 -30.19 -20.37
CA ILE B 24 19.77 -31.15 -19.23
C ILE B 24 19.03 -30.51 -18.07
N LYS B 25 18.38 -31.30 -17.22
CA LYS B 25 17.83 -30.74 -15.95
C LYS B 25 18.91 -30.92 -14.86
N LEU B 26 19.14 -29.89 -14.06
CA LEU B 26 20.00 -29.99 -12.86
C LEU B 26 19.08 -29.95 -11.65
N PRO B 27 19.36 -30.71 -10.57
CA PRO B 27 20.45 -31.70 -10.54
C PRO B 27 20.07 -33.10 -11.06
N ASP B 28 18.84 -33.27 -11.54
CA ASP B 28 18.22 -34.60 -11.86
C ASP B 28 19.13 -35.42 -12.76
N HIS B 29 19.73 -34.78 -13.77
CA HIS B 29 20.59 -35.44 -14.79
C HIS B 29 21.72 -36.22 -14.12
N TYR B 30 22.24 -35.74 -12.99
CA TYR B 30 23.38 -36.38 -12.30
C TYR B 30 22.86 -37.30 -11.18
N VAL B 31 21.87 -36.89 -10.41
CA VAL B 31 21.20 -37.76 -9.38
C VAL B 31 20.87 -39.11 -10.04
N SER B 32 20.12 -39.04 -11.15
CA SER B 32 19.60 -40.21 -11.91
C SER B 32 20.73 -41.10 -12.42
N GLN B 33 21.99 -40.64 -12.45
CA GLN B 33 23.13 -41.51 -12.82
C GLN B 33 23.97 -41.90 -11.59
N GLY B 34 23.49 -41.65 -10.38
CA GLY B 34 24.27 -41.90 -9.14
C GLY B 34 25.57 -41.11 -9.08
N LYS B 35 25.59 -39.88 -9.61
CA LYS B 35 26.84 -39.10 -9.81
C LYS B 35 26.77 -37.79 -9.02
N TRP B 36 27.89 -37.45 -8.37
CA TRP B 36 28.22 -36.09 -7.87
C TRP B 36 28.43 -35.25 -9.11
N PHE B 37 28.28 -33.93 -9.00
CA PHE B 37 28.85 -33.05 -10.04
C PHE B 37 29.51 -31.84 -9.41
N VAL B 38 30.55 -31.37 -10.09
CA VAL B 38 31.14 -30.03 -9.81
C VAL B 38 30.68 -29.12 -10.94
N LEU B 39 29.80 -28.17 -10.62
CA LEU B 39 29.50 -27.05 -11.53
C LEU B 39 30.47 -25.91 -11.24
N PHE B 40 31.17 -25.42 -12.25
CA PHE B 40 32.12 -24.29 -12.15
C PHE B 40 31.85 -23.31 -13.29
N SER B 41 32.26 -22.07 -13.07
CA SER B 41 31.95 -20.94 -13.98
C SER B 41 33.27 -20.23 -14.34
N HIS B 42 33.29 -19.60 -15.49
CA HIS B 42 34.45 -18.80 -15.95
C HIS B 42 33.85 -17.61 -16.67
N PRO B 43 34.54 -16.46 -16.71
CA PRO B 43 33.92 -15.25 -17.20
C PRO B 43 33.45 -15.28 -18.67
N ALA B 44 34.31 -15.72 -19.58
CA ALA B 44 34.05 -15.68 -21.03
C ALA B 44 34.96 -16.69 -21.75
N ASP B 45 34.45 -17.19 -22.89
CA ASP B 45 35.20 -18.08 -23.80
C ASP B 45 36.39 -17.28 -24.34
N PHE B 46 37.44 -17.98 -24.76
CA PHE B 46 38.64 -17.37 -25.37
C PHE B 46 39.24 -16.38 -24.38
N THR B 47 39.29 -16.77 -23.10
CA THR B 47 40.07 -16.05 -22.07
C THR B 47 41.13 -17.00 -21.52
N PRO B 48 42.31 -16.42 -21.21
CA PRO B 48 43.49 -17.24 -20.90
C PRO B 48 43.47 -17.98 -19.55
N VAL B 49 43.10 -17.32 -18.45
CA VAL B 49 43.06 -18.04 -17.14
C VAL B 49 42.01 -19.15 -17.27
N SER B 50 40.85 -18.82 -17.82
CA SER B 50 39.75 -19.80 -18.03
C SER B 50 40.26 -21.01 -18.83
N THR B 51 41.03 -20.76 -19.89
CA THR B 51 41.62 -21.81 -20.76
C THR B 51 42.51 -22.71 -19.90
N THR B 52 43.39 -22.13 -19.10
CA THR B 52 44.31 -22.89 -18.20
C THR B 52 43.48 -23.78 -17.27
N GLU B 53 42.33 -23.31 -16.80
CA GLU B 53 41.48 -24.05 -15.84
C GLU B 53 40.79 -25.20 -16.55
N PHE B 54 40.29 -24.94 -17.77
CA PHE B 54 39.64 -26.01 -18.59
C PHE B 54 40.63 -27.14 -18.87
N VAL B 55 41.90 -26.81 -19.14
CA VAL B 55 42.97 -27.81 -19.40
C VAL B 55 43.24 -28.60 -18.10
N SER B 56 43.38 -27.92 -16.96
CA SER B 56 43.59 -28.55 -15.63
C SER B 56 42.45 -29.56 -15.38
N PHE B 57 41.19 -29.15 -15.58
CA PHE B 57 40.03 -30.03 -15.31
C PHE B 57 40.11 -31.25 -16.25
N ALA B 58 40.42 -31.02 -17.53
CA ALA B 58 40.45 -32.08 -18.56
C ALA B 58 41.50 -33.13 -18.20
N ARG B 59 42.71 -32.68 -17.87
CA ARG B 59 43.80 -33.58 -17.39
C ARG B 59 43.36 -34.39 -16.17
N ARG B 60 42.43 -33.86 -15.36
CA ARG B 60 42.03 -34.50 -14.09
C ARG B 60 40.70 -35.21 -14.28
N TYR B 61 40.21 -35.31 -15.51
CA TYR B 61 38.88 -35.91 -15.85
C TYR B 61 38.78 -37.34 -15.32
N GLU B 62 39.82 -38.15 -15.51
CA GLU B 62 39.88 -39.56 -15.09
C GLU B 62 39.81 -39.63 -13.55
N ASP B 63 40.52 -38.72 -12.86
CA ASP B 63 40.52 -38.62 -11.37
C ASP B 63 39.11 -38.32 -10.87
N PHE B 64 38.36 -37.42 -11.53
CA PHE B 64 36.95 -37.13 -11.14
C PHE B 64 36.05 -38.36 -11.42
N GLN B 65 36.30 -39.03 -12.55
CA GLN B 65 35.50 -40.22 -12.97
C GLN B 65 35.70 -41.35 -11.95
N ARG B 66 36.93 -41.59 -11.47
CA ARG B 66 37.25 -42.56 -10.39
C ARG B 66 36.37 -42.28 -9.17
N LEU B 67 36.13 -41.01 -8.83
CA LEU B 67 35.28 -40.64 -7.66
C LEU B 67 33.79 -40.62 -8.04
N GLY B 68 33.39 -41.03 -9.24
CA GLY B 68 31.96 -40.91 -9.66
C GLY B 68 31.50 -39.46 -9.65
N VAL B 69 32.36 -38.53 -10.12
CA VAL B 69 32.06 -37.06 -10.19
C VAL B 69 32.08 -36.61 -11.67
N ASP B 70 31.03 -35.95 -12.14
CA ASP B 70 30.97 -35.32 -13.48
C ASP B 70 31.23 -33.82 -13.34
N LEU B 71 31.75 -33.23 -14.41
CA LEU B 71 32.16 -31.81 -14.49
C LEU B 71 31.20 -31.10 -15.44
N ILE B 72 30.79 -29.89 -15.07
CA ILE B 72 29.96 -29.04 -15.95
C ILE B 72 30.40 -27.59 -15.75
N GLY B 73 30.81 -26.92 -16.82
CA GLY B 73 31.24 -25.50 -16.79
C GLY B 73 30.06 -24.60 -17.08
N LEU B 74 30.28 -23.29 -17.08
CA LEU B 74 29.24 -22.24 -17.18
C LEU B 74 29.96 -20.94 -17.55
N SER B 75 29.49 -20.29 -18.60
CA SER B 75 29.79 -18.85 -18.88
C SER B 75 28.61 -18.22 -19.60
N VAL B 76 28.59 -16.90 -19.73
CA VAL B 76 27.48 -16.17 -20.38
C VAL B 76 27.57 -16.33 -21.91
N ASP B 77 28.64 -16.91 -22.44
CA ASP B 77 28.79 -17.11 -23.91
C ASP B 77 27.85 -18.24 -24.38
N SER B 78 27.54 -18.28 -25.68
CA SER B 78 26.58 -19.24 -26.29
C SER B 78 27.27 -20.54 -26.66
N VAL B 79 26.49 -21.57 -27.03
CA VAL B 79 27.04 -22.93 -27.30
C VAL B 79 27.99 -22.90 -28.51
N CYS B 80 27.73 -22.11 -29.55
CA CYS B 80 28.61 -22.13 -30.76
C CYS B 80 29.98 -21.59 -30.36
N SER B 81 30.02 -20.57 -29.52
CA SER B 81 31.28 -20.03 -28.95
C SER B 81 31.95 -21.09 -28.08
N HIS B 82 31.17 -21.83 -27.28
CA HIS B 82 31.70 -22.90 -26.40
C HIS B 82 32.44 -23.92 -27.27
N ILE B 83 31.78 -24.36 -28.35
CA ILE B 83 32.29 -25.44 -29.24
C ILE B 83 33.52 -24.91 -29.98
N LYS B 84 33.51 -23.67 -30.49
CA LYS B 84 34.68 -23.12 -31.23
C LYS B 84 35.87 -23.01 -30.27
N TRP B 85 35.60 -22.63 -29.02
CA TRP B 85 36.64 -22.48 -27.98
C TRP B 85 37.26 -23.84 -27.65
N LYS B 86 36.44 -24.87 -27.51
CA LYS B 86 36.89 -26.26 -27.29
C LYS B 86 37.76 -26.70 -28.46
N GLU B 87 37.33 -26.43 -29.71
CA GLU B 87 38.11 -26.83 -30.93
C GLU B 87 39.47 -26.12 -30.89
N TRP B 88 39.50 -24.83 -30.56
CA TRP B 88 40.77 -24.08 -30.43
C TRP B 88 41.68 -24.76 -29.40
N ILE B 89 41.16 -25.08 -28.22
CA ILE B 89 41.96 -25.75 -27.15
C ILE B 89 42.50 -27.10 -27.70
N GLU B 90 41.67 -27.91 -28.35
CA GLU B 90 42.10 -29.23 -28.87
C GLU B 90 43.21 -29.04 -29.90
N ARG B 91 43.01 -28.11 -30.84
CA ARG B 91 43.94 -27.85 -31.97
C ARG B 91 45.27 -27.26 -31.45
N HIS B 92 45.26 -26.29 -30.55
CA HIS B 92 46.45 -25.48 -30.24
C HIS B 92 47.16 -26.02 -28.99
N ILE B 93 46.47 -26.72 -28.09
CA ILE B 93 47.09 -27.20 -26.82
C ILE B 93 47.15 -28.73 -26.80
N GLY B 94 46.39 -29.39 -27.68
CA GLY B 94 46.32 -30.85 -27.84
C GLY B 94 45.44 -31.51 -26.78
N VAL B 95 44.59 -30.74 -26.13
CA VAL B 95 43.79 -31.27 -24.99
C VAL B 95 42.30 -31.18 -25.36
N ARG B 96 41.63 -32.33 -25.37
CA ARG B 96 40.18 -32.45 -25.65
C ARG B 96 39.43 -32.17 -24.33
N ILE B 97 38.45 -31.28 -24.36
CA ILE B 97 37.55 -31.00 -23.21
C ILE B 97 36.31 -31.90 -23.36
N PRO B 98 36.14 -32.94 -22.54
CA PRO B 98 35.05 -33.89 -22.76
C PRO B 98 33.75 -33.56 -22.04
N PHE B 99 33.75 -32.59 -21.11
CA PHE B 99 32.57 -32.31 -20.22
C PHE B 99 31.77 -31.16 -20.82
N PRO B 100 30.45 -31.09 -20.55
CA PRO B 100 29.62 -30.01 -21.07
C PRO B 100 29.92 -28.64 -20.46
N ILE B 101 29.53 -27.62 -21.20
CA ILE B 101 29.58 -26.20 -20.77
C ILE B 101 28.19 -25.62 -20.99
N ILE B 102 27.63 -25.04 -19.93
CA ILE B 102 26.34 -24.34 -19.95
C ILE B 102 26.56 -23.00 -20.64
N ALA B 103 25.58 -22.58 -21.45
CA ALA B 103 25.48 -21.25 -22.07
C ALA B 103 24.42 -20.48 -21.29
N ASP B 104 24.80 -19.32 -20.74
CA ASP B 104 23.92 -18.57 -19.81
C ASP B 104 23.88 -17.10 -20.24
N PRO B 105 23.59 -16.85 -21.54
CA PRO B 105 23.60 -15.49 -22.08
C PRO B 105 22.75 -14.46 -21.35
N GLN B 106 21.64 -14.82 -20.74
CA GLN B 106 20.91 -13.74 -19.99
C GLN B 106 21.29 -13.80 -18.50
N GLY B 107 22.26 -14.63 -18.09
CA GLY B 107 22.68 -14.69 -16.68
C GLY B 107 21.64 -15.33 -15.75
N THR B 108 20.70 -16.11 -16.29
CA THR B 108 19.61 -16.74 -15.51
C THR B 108 20.22 -17.66 -14.44
N VAL B 109 21.07 -18.59 -14.87
CA VAL B 109 21.81 -19.50 -13.96
C VAL B 109 22.77 -18.66 -13.08
N ALA B 110 23.49 -17.70 -13.65
CA ALA B 110 24.45 -16.85 -12.90
C ALA B 110 23.76 -16.23 -11.68
N ARG B 111 22.58 -15.62 -11.83
CA ARG B 111 21.91 -14.90 -10.73
C ARG B 111 21.44 -15.92 -9.71
N ARG B 112 20.89 -17.04 -10.17
CA ARG B 112 20.40 -18.07 -9.23
C ARG B 112 21.55 -18.57 -8.34
N LEU B 113 22.78 -18.68 -8.84
CA LEU B 113 23.92 -19.25 -8.09
C LEU B 113 24.83 -18.17 -7.49
N GLY B 114 24.45 -16.89 -7.60
CA GLY B 114 25.23 -15.74 -7.12
C GLY B 114 26.62 -15.69 -7.74
N LEU B 115 26.72 -15.87 -9.07
CA LEU B 115 28.04 -15.91 -9.77
C LEU B 115 28.41 -14.56 -10.35
N LEU B 116 27.54 -13.57 -10.21
CA LEU B 116 27.80 -12.18 -10.66
C LEU B 116 28.15 -11.37 -9.43
N HIS B 117 29.43 -11.08 -9.26
CA HIS B 117 29.96 -10.30 -8.13
C HIS B 117 30.24 -8.90 -8.68
N ALA B 118 30.77 -8.00 -7.86
CA ALA B 118 30.97 -6.59 -8.22
C ALA B 118 32.16 -6.46 -9.16
N GLU B 119 33.02 -7.48 -9.29
CA GLU B 119 34.16 -7.40 -10.25
C GLU B 119 33.62 -7.25 -11.67
N SER B 120 32.45 -7.80 -11.98
CA SER B 120 31.84 -7.68 -13.32
C SER B 120 30.32 -7.79 -13.25
N ALA B 121 29.62 -6.80 -13.79
CA ALA B 121 28.15 -6.79 -13.92
C ALA B 121 27.72 -7.82 -14.95
N THR B 122 28.59 -8.18 -15.90
CA THR B 122 28.19 -8.92 -17.12
C THR B 122 28.68 -10.35 -17.15
N HIS B 123 29.77 -10.66 -16.41
CA HIS B 123 30.44 -11.97 -16.55
C HIS B 123 30.67 -12.61 -15.18
N THR B 124 30.44 -13.91 -15.11
CA THR B 124 30.54 -14.65 -13.84
C THR B 124 32.00 -14.61 -13.37
N VAL B 125 32.19 -14.59 -12.05
CA VAL B 125 33.49 -14.94 -11.40
C VAL B 125 33.69 -16.47 -11.50
N ARG B 126 34.67 -17.01 -10.77
CA ARG B 126 35.15 -18.41 -10.85
C ARG B 126 34.50 -19.19 -9.71
N GLY B 127 33.19 -19.40 -9.83
CA GLY B 127 32.41 -20.15 -8.84
C GLY B 127 32.63 -21.64 -9.01
N VAL B 128 32.50 -22.36 -7.89
CA VAL B 128 32.54 -23.85 -7.83
C VAL B 128 31.42 -24.30 -6.88
N PHE B 129 30.52 -25.12 -7.40
CA PHE B 129 29.48 -25.84 -6.63
C PHE B 129 29.78 -27.32 -6.67
N ILE B 130 29.98 -27.89 -5.49
CA ILE B 130 30.20 -29.33 -5.32
C ILE B 130 28.90 -29.91 -4.79
N VAL B 131 28.32 -30.84 -5.56
CA VAL B 131 26.94 -31.36 -5.38
C VAL B 131 27.01 -32.87 -5.35
N ASP B 132 26.43 -33.49 -4.33
CA ASP B 132 26.49 -34.97 -4.15
C ASP B 132 25.38 -35.64 -4.97
N ALA B 133 25.34 -36.98 -4.93
CA ALA B 133 24.47 -37.85 -5.74
C ALA B 133 23.03 -37.76 -5.26
N ARG B 134 22.76 -37.06 -4.17
CA ARG B 134 21.39 -36.76 -3.70
C ARG B 134 20.94 -35.38 -4.23
N GLY B 135 21.84 -34.64 -4.89
CA GLY B 135 21.58 -33.29 -5.43
C GLY B 135 21.76 -32.22 -4.38
N VAL B 136 22.55 -32.52 -3.33
CA VAL B 136 22.75 -31.57 -2.19
C VAL B 136 24.08 -30.83 -2.37
N ILE B 137 24.04 -29.51 -2.24
CA ILE B 137 25.25 -28.61 -2.28
C ILE B 137 26.07 -28.89 -1.03
N ARG B 138 27.31 -29.33 -1.23
CA ARG B 138 28.20 -29.74 -0.13
C ARG B 138 29.28 -28.68 0.14
N THR B 139 29.61 -27.82 -0.81
CA THR B 139 30.75 -26.86 -0.68
C THR B 139 30.64 -25.84 -1.81
N MET B 140 31.02 -24.60 -1.53
CA MET B 140 30.96 -23.52 -2.54
C MET B 140 32.23 -22.68 -2.42
N LEU B 141 32.87 -22.40 -3.56
CA LEU B 141 34.08 -21.55 -3.65
C LEU B 141 33.79 -20.43 -4.65
N TYR B 142 34.24 -19.22 -4.32
CA TYR B 142 34.20 -18.05 -5.23
C TYR B 142 35.62 -17.49 -5.36
N TYR B 143 36.28 -17.84 -6.47
CA TYR B 143 37.59 -17.29 -6.88
C TYR B 143 37.31 -16.14 -7.85
N PRO B 144 38.20 -15.13 -7.93
CA PRO B 144 37.93 -13.95 -8.74
C PRO B 144 38.44 -14.10 -10.19
N MET B 145 38.30 -13.04 -10.98
CA MET B 145 38.71 -13.01 -12.42
C MET B 145 40.22 -13.30 -12.51
N GLU B 146 41.00 -12.77 -11.58
CA GLU B 146 42.46 -12.64 -11.78
C GLU B 146 43.23 -13.84 -11.20
N LEU B 147 42.54 -14.82 -10.64
CA LEU B 147 43.19 -15.95 -9.92
C LEU B 147 42.55 -17.26 -10.37
N GLY B 148 43.31 -18.11 -11.05
CA GLY B 148 42.88 -19.49 -11.35
C GLY B 148 42.74 -20.32 -10.10
N ARG B 149 41.88 -21.32 -10.17
CA ARG B 149 41.62 -22.30 -9.09
C ARG B 149 42.76 -23.32 -9.02
N LEU B 150 42.88 -23.94 -7.84
CA LEU B 150 43.74 -25.11 -7.57
C LEU B 150 42.85 -26.34 -7.73
N VAL B 151 42.86 -26.97 -8.90
CA VAL B 151 41.84 -28.01 -9.20
C VAL B 151 42.07 -29.24 -8.30
N ASP B 152 43.31 -29.47 -7.85
CA ASP B 152 43.64 -30.62 -6.97
C ASP B 152 42.94 -30.46 -5.60
N GLU B 153 42.68 -29.24 -5.15
CA GLU B 153 41.91 -29.03 -3.92
C GLU B 153 40.44 -29.43 -4.15
N ILE B 154 39.92 -29.27 -5.38
CA ILE B 154 38.51 -29.69 -5.68
C ILE B 154 38.42 -31.21 -5.61
N LEU B 155 39.43 -31.93 -6.12
CA LEU B 155 39.54 -33.41 -5.95
C LEU B 155 39.61 -33.75 -4.46
N ARG B 156 40.47 -33.08 -3.70
CA ARG B 156 40.64 -33.40 -2.28
C ARG B 156 39.30 -33.21 -1.58
N ILE B 157 38.58 -32.13 -1.90
CA ILE B 157 37.28 -31.80 -1.26
C ILE B 157 36.34 -32.99 -1.53
N VAL B 158 36.14 -33.40 -2.77
CA VAL B 158 35.11 -34.46 -3.06
C VAL B 158 35.58 -35.78 -2.44
N LYS B 159 36.86 -36.13 -2.56
CA LYS B 159 37.40 -37.38 -1.98
C LYS B 159 37.11 -37.42 -0.46
N ALA B 160 37.46 -36.36 0.26
CA ALA B 160 37.33 -36.28 1.73
C ALA B 160 35.85 -36.26 2.15
N LEU B 161 34.98 -35.64 1.36
CA LEU B 161 33.53 -35.54 1.68
C LEU B 161 32.94 -36.95 1.57
N LYS B 162 33.22 -37.67 0.49
CA LYS B 162 32.71 -39.06 0.25
C LYS B 162 33.27 -40.01 1.31
N LEU B 163 34.54 -39.87 1.67
CA LEU B 163 35.14 -40.61 2.81
C LEU B 163 34.38 -40.31 4.11
N GLY B 164 34.21 -39.04 4.47
CA GLY B 164 33.41 -38.66 5.64
C GLY B 164 32.02 -39.29 5.62
N ASP B 165 31.36 -39.30 4.47
CA ASP B 165 29.98 -39.81 4.33
C ASP B 165 30.00 -41.32 4.62
N SER B 166 30.99 -42.04 4.10
CA SER B 166 31.01 -43.52 4.09
C SER B 166 31.52 -44.06 5.44
N LEU B 167 32.30 -43.26 6.19
CA LEU B 167 32.88 -43.73 7.49
C LEU B 167 32.22 -43.06 8.70
N LYS B 168 31.26 -42.16 8.47
CA LYS B 168 30.65 -41.28 9.51
C LYS B 168 31.75 -40.56 10.29
N ARG B 169 32.55 -39.75 9.62
CA ARG B 169 33.72 -39.07 10.22
C ARG B 169 33.80 -37.64 9.67
N ALA B 170 34.33 -36.76 10.49
CA ALA B 170 34.70 -35.39 10.08
C ALA B 170 36.19 -35.42 9.73
N VAL B 171 36.61 -34.55 8.82
CA VAL B 171 37.95 -34.57 8.20
C VAL B 171 38.73 -33.39 8.74
N PRO B 172 39.89 -33.62 9.38
CA PRO B 172 40.65 -32.53 10.00
C PRO B 172 41.28 -31.62 8.95
N ALA B 173 41.70 -30.45 9.38
CA ALA B 173 42.42 -29.47 8.54
C ALA B 173 43.53 -30.22 7.79
N ASP B 174 43.68 -29.99 6.49
CA ASP B 174 44.91 -30.32 5.71
C ASP B 174 45.02 -31.84 5.52
N TRP B 175 43.92 -32.56 5.73
CA TRP B 175 43.88 -34.02 5.58
C TRP B 175 44.28 -34.38 4.15
N PRO B 176 45.05 -35.46 3.92
CA PRO B 176 45.43 -36.43 4.94
C PRO B 176 46.77 -36.17 5.62
N ASN B 177 47.23 -34.91 5.64
CA ASN B 177 48.52 -34.51 6.26
C ASN B 177 48.25 -33.58 7.46
N ASN B 178 47.24 -33.88 8.29
CA ASN B 178 46.92 -33.02 9.44
C ASN B 178 48.06 -33.02 10.48
N GLU B 179 48.43 -31.85 11.00
CA GLU B 179 49.61 -31.70 11.89
C GLU B 179 49.35 -32.29 13.30
N ILE B 180 48.11 -32.54 13.69
CA ILE B 180 47.77 -33.15 15.01
C ILE B 180 47.64 -34.68 14.84
N ILE B 181 46.77 -35.14 13.94
CA ILE B 181 46.38 -36.58 13.84
C ILE B 181 46.73 -37.19 12.47
N GLY B 182 47.46 -36.48 11.60
CA GLY B 182 47.94 -37.02 10.32
C GLY B 182 46.79 -37.35 9.37
N GLU B 183 46.60 -38.65 9.10
CA GLU B 183 45.56 -39.21 8.21
C GLU B 183 44.34 -39.62 9.02
N GLY B 184 44.39 -39.38 10.31
CA GLY B 184 43.26 -39.65 11.21
C GLY B 184 42.00 -38.90 10.80
N LEU B 185 40.86 -39.51 11.11
CA LEU B 185 39.52 -38.93 10.89
C LEU B 185 38.84 -38.81 12.25
N ILE B 186 38.00 -37.80 12.40
CA ILE B 186 37.43 -37.35 13.70
C ILE B 186 36.05 -37.98 13.88
N VAL B 187 35.77 -38.52 15.06
CA VAL B 187 34.42 -39.03 15.43
C VAL B 187 33.55 -37.81 15.75
N PRO B 188 32.34 -37.67 15.17
CA PRO B 188 31.47 -36.55 15.51
C PRO B 188 31.34 -36.47 17.03
N PRO B 189 31.53 -35.28 17.61
CA PRO B 189 31.54 -35.16 19.06
C PRO B 189 30.19 -35.49 19.69
N PRO B 190 30.19 -35.86 21.00
CA PRO B 190 28.96 -35.98 21.77
C PRO B 190 28.19 -34.65 21.77
N THR B 191 26.86 -34.74 21.85
CA THR B 191 25.94 -33.57 21.90
C THR B 191 25.18 -33.54 23.23
N THR B 192 25.47 -34.48 24.15
CA THR B 192 24.80 -34.53 25.47
C THR B 192 25.81 -34.93 26.53
N GLU B 193 25.54 -34.56 27.78
CA GLU B 193 26.43 -34.90 28.91
C GLU B 193 26.49 -36.43 29.11
N ASP B 194 25.39 -37.16 28.99
CA ASP B 194 25.44 -38.65 29.02
C ASP B 194 26.33 -39.21 27.88
N GLN B 195 26.23 -38.69 26.65
CA GLN B 195 27.08 -39.18 25.54
C GLN B 195 28.54 -38.86 25.87
N ALA B 196 28.79 -37.69 26.46
CA ALA B 196 30.17 -37.26 26.77
C ALA B 196 30.77 -38.20 27.81
N ARG B 197 30.00 -38.60 28.83
CA ARG B 197 30.48 -39.55 29.86
C ARG B 197 30.70 -40.95 29.24
N ALA B 198 29.72 -41.49 28.52
CA ALA B 198 29.84 -42.82 27.84
C ALA B 198 31.14 -42.86 27.00
N ARG B 199 31.49 -41.72 26.37
CA ARG B 199 32.65 -41.60 25.44
C ARG B 199 33.96 -41.62 26.24
N MET B 200 34.04 -40.90 27.35
CA MET B 200 35.27 -40.83 28.19
C MET B 200 35.44 -42.13 29.01
N GLU B 201 34.38 -42.92 29.20
CA GLU B 201 34.42 -44.21 29.92
C GLU B 201 34.86 -45.32 28.96
N SER B 202 34.66 -45.13 27.65
CA SER B 202 34.67 -46.24 26.66
C SER B 202 36.09 -46.71 26.32
N GLY B 203 37.06 -45.82 26.09
CA GLY B 203 38.42 -46.27 25.65
C GLY B 203 38.48 -46.78 24.20
N GLN B 204 37.38 -46.69 23.42
CA GLN B 204 37.33 -47.16 22.01
C GLN B 204 38.25 -46.32 21.10
N TYR B 205 38.46 -45.02 21.38
CA TYR B 205 39.17 -44.10 20.44
C TYR B 205 40.37 -43.45 21.14
N ARG B 206 41.42 -43.12 20.40
CA ARG B 206 42.35 -42.05 20.82
C ARG B 206 41.51 -40.78 21.05
N SER B 207 41.75 -40.06 22.14
CA SER B 207 41.01 -38.81 22.49
C SER B 207 41.96 -37.79 23.08
N LEU B 208 41.71 -36.51 22.86
CA LEU B 208 42.36 -35.43 23.64
C LEU B 208 41.38 -34.95 24.74
N ASP B 209 40.08 -35.18 24.55
CA ASP B 209 38.98 -34.77 25.47
C ASP B 209 37.73 -35.47 24.95
N TRP B 210 36.61 -35.36 25.66
CA TRP B 210 35.34 -36.06 25.31
C TRP B 210 34.83 -35.59 23.95
N TRP B 211 35.22 -34.38 23.51
CA TRP B 211 34.77 -33.76 22.23
C TRP B 211 35.78 -33.92 21.09
N PHE B 212 36.94 -34.52 21.35
CA PHE B 212 38.03 -34.68 20.35
C PHE B 212 38.54 -36.12 20.40
N SER B 213 37.85 -37.00 19.69
CA SER B 213 38.21 -38.41 19.49
C SER B 213 38.47 -38.62 18.00
N TRP B 214 39.35 -39.56 17.66
CA TRP B 214 39.63 -39.93 16.25
C TRP B 214 40.15 -41.36 16.15
N ASP B 215 40.18 -41.87 14.91
CA ASP B 215 40.73 -43.20 14.57
C ASP B 215 41.31 -43.06 13.16
N THR B 216 41.68 -44.19 12.54
CA THR B 216 42.31 -44.22 11.20
C THR B 216 41.57 -45.24 10.36
N PRO B 217 40.30 -44.99 10.02
CA PRO B 217 39.48 -46.02 9.37
C PRO B 217 39.57 -45.95 7.84
N ALA B 218 40.30 -44.97 7.30
CA ALA B 218 40.47 -44.82 5.84
C ALA B 218 41.49 -45.86 5.38
N SER B 219 41.24 -46.48 4.23
CA SER B 219 42.20 -47.41 3.59
C SER B 219 43.45 -46.61 3.21
N ARG B 220 44.61 -47.29 3.17
CA ARG B 220 45.85 -46.67 2.62
C ARG B 220 45.60 -46.16 1.19
N ASP B 221 44.75 -46.83 0.40
CA ASP B 221 44.39 -46.40 -0.97
C ASP B 221 43.73 -45.01 -0.90
N ASP B 222 42.75 -44.83 -0.02
CA ASP B 222 42.01 -43.55 0.16
C ASP B 222 43.01 -42.46 0.55
N VAL B 223 43.86 -42.74 1.52
CA VAL B 223 44.85 -41.76 2.04
C VAL B 223 45.80 -41.37 0.91
N GLU B 224 46.35 -42.35 0.20
CA GLU B 224 47.46 -42.09 -0.75
C GLU B 224 46.91 -41.42 -2.00
N GLU B 225 45.67 -41.73 -2.39
CA GLU B 225 45.00 -41.05 -3.54
C GLU B 225 44.87 -39.56 -3.21
N ALA B 226 44.37 -39.24 -2.01
CA ALA B 226 44.20 -37.83 -1.55
C ALA B 226 45.57 -37.14 -1.53
N ARG B 227 46.60 -37.79 -1.00
CA ARG B 227 47.98 -37.20 -0.95
C ARG B 227 48.52 -36.97 -2.38
N ARG B 228 48.31 -37.92 -3.27
CA ARG B 228 48.65 -37.81 -4.74
C ARG B 228 48.08 -36.51 -5.29
N TYR B 229 46.80 -36.19 -5.06
CA TYR B 229 46.22 -34.92 -5.60
C TYR B 229 47.14 -33.77 -5.18
N LEU B 230 47.57 -33.73 -3.90
CA LEU B 230 48.33 -32.57 -3.37
C LEU B 230 49.77 -32.61 -3.91
N ARG B 231 50.37 -33.81 -3.97
CA ARG B 231 51.74 -33.95 -4.57
C ARG B 231 51.74 -33.41 -6.01
N ARG B 232 50.70 -33.71 -6.80
CA ARG B 232 50.56 -33.17 -8.17
C ARG B 232 50.47 -31.63 -8.11
N ALA B 233 49.71 -31.06 -7.16
CA ALA B 233 49.62 -29.58 -7.03
C ALA B 233 51.01 -29.01 -6.71
N ALA B 234 51.80 -29.67 -5.86
CA ALA B 234 53.15 -29.21 -5.46
C ALA B 234 54.23 -29.50 -6.53
N GLU B 235 54.00 -30.43 -7.44
CA GLU B 235 55.01 -30.89 -8.46
C GLU B 235 55.15 -29.87 -9.60
N LYS B 236 56.37 -29.37 -9.81
CA LYS B 236 56.81 -28.69 -11.07
C LYS B 236 56.52 -29.64 -12.22
N PRO B 237 55.72 -29.28 -13.26
CA PRO B 237 55.31 -30.24 -14.29
C PRO B 237 56.51 -30.73 -15.14
N ALA B 238 56.42 -31.96 -15.66
CA ALA B 238 57.50 -32.62 -16.45
C ALA B 238 57.75 -31.84 -17.74
N LYS B 239 56.73 -31.67 -18.59
CA LYS B 239 56.83 -30.84 -19.81
C LYS B 239 55.64 -29.86 -19.86
N LEU B 240 55.94 -28.57 -19.99
CA LEU B 240 54.94 -27.49 -20.20
C LEU B 240 54.20 -27.72 -21.54
N LEU B 241 52.88 -27.72 -21.52
CA LEU B 241 52.05 -27.95 -22.74
C LEU B 241 52.28 -26.85 -23.79
N TYR B 242 52.84 -25.69 -23.44
CA TYR B 242 53.00 -24.58 -24.42
C TYR B 242 54.04 -24.99 -25.47
N GLU B 243 55.06 -25.75 -25.06
CA GLU B 243 56.18 -26.21 -25.93
C GLU B 243 55.63 -27.13 -27.03
N GLU B 244 55.00 -28.24 -26.65
CA GLU B 244 54.40 -29.26 -27.57
C GLU B 244 53.46 -28.58 -28.57
N ALA B 245 52.75 -27.51 -28.16
CA ALA B 245 51.77 -26.72 -28.94
C ALA B 245 51.06 -27.61 -29.97
N PRO C 2 3.69 -8.87 -25.42
CA PRO C 2 4.48 -9.14 -24.20
C PRO C 2 5.96 -8.70 -24.29
N GLY C 3 6.22 -7.52 -24.84
CA GLY C 3 7.51 -6.79 -24.74
C GLY C 3 7.32 -5.32 -25.01
N SER C 4 8.29 -4.47 -24.70
CA SER C 4 8.19 -3.00 -24.88
C SER C 4 9.42 -2.45 -25.64
N ILE C 5 9.22 -1.55 -26.61
CA ILE C 5 10.31 -1.04 -27.49
C ILE C 5 10.42 0.48 -27.38
N PRO C 6 11.56 1.08 -27.80
CA PRO C 6 11.67 2.53 -27.93
C PRO C 6 10.95 2.85 -29.24
N LEU C 7 10.71 4.12 -29.54
CA LEU C 7 9.76 4.49 -30.62
C LEU C 7 10.37 5.46 -31.63
N ILE C 8 9.87 5.40 -32.86
CA ILE C 8 10.26 6.33 -33.95
C ILE C 8 9.94 7.73 -33.42
N GLY C 9 10.88 8.67 -33.58
CA GLY C 9 10.71 10.04 -33.09
C GLY C 9 11.24 10.20 -31.68
N GLU C 10 11.53 9.13 -30.95
CA GLU C 10 12.25 9.30 -29.65
C GLU C 10 13.74 9.40 -29.94
N ARG C 11 14.46 10.05 -29.05
CA ARG C 11 15.92 9.93 -28.97
C ARG C 11 16.29 8.48 -28.63
N PHE C 12 17.26 7.92 -29.32
CA PHE C 12 17.90 6.62 -28.94
C PHE C 12 18.28 6.73 -27.47
N PRO C 13 17.90 5.77 -26.62
CA PRO C 13 18.20 5.88 -25.19
C PRO C 13 19.70 6.02 -24.93
N GLU C 14 20.10 6.98 -24.08
CA GLU C 14 21.47 7.12 -23.54
C GLU C 14 21.94 5.79 -22.95
N MET C 15 23.11 5.33 -23.37
CA MET C 15 23.67 4.07 -22.81
C MET C 15 25.14 4.00 -23.20
N GLU C 16 25.94 3.51 -22.28
CA GLU C 16 27.35 3.13 -22.52
C GLU C 16 27.32 1.66 -22.93
N VAL C 17 27.95 1.30 -24.04
CA VAL C 17 28.00 -0.11 -24.52
C VAL C 17 29.46 -0.46 -24.73
N THR C 18 29.74 -1.74 -24.53
CA THR C 18 31.05 -2.37 -24.75
C THR C 18 31.02 -3.01 -26.14
N THR C 19 31.94 -2.61 -27.01
CA THR C 19 32.07 -3.17 -28.38
C THR C 19 33.47 -3.75 -28.54
N ASP C 20 33.69 -4.51 -29.61
CA ASP C 20 35.03 -5.09 -29.91
C ASP C 20 35.98 -3.97 -30.39
N HIS C 21 35.51 -2.72 -30.46
CA HIS C 21 36.34 -1.52 -30.74
C HIS C 21 36.50 -0.68 -29.48
N GLY C 22 35.85 -1.07 -28.39
CA GLY C 22 35.96 -0.41 -27.08
C GLY C 22 34.61 0.11 -26.61
N VAL C 23 34.64 1.02 -25.64
CA VAL C 23 33.45 1.55 -24.95
C VAL C 23 33.01 2.82 -25.68
N ILE C 24 31.72 2.90 -25.98
CA ILE C 24 31.15 4.15 -26.57
C ILE C 24 29.78 4.43 -25.96
N LYS C 25 29.42 5.70 -25.99
CA LYS C 25 28.11 6.22 -25.53
C LYS C 25 27.25 6.37 -26.78
N LEU C 26 26.08 5.72 -26.83
CA LEU C 26 25.07 5.94 -27.88
C LEU C 26 24.01 6.88 -27.35
N PRO C 27 23.41 7.77 -28.18
CA PRO C 27 23.83 7.96 -29.57
C PRO C 27 24.96 9.00 -29.76
N ASP C 28 25.51 9.51 -28.66
CA ASP C 28 26.47 10.64 -28.64
C ASP C 28 27.65 10.40 -29.59
N HIS C 29 28.18 9.19 -29.58
CA HIS C 29 29.42 8.83 -30.29
C HIS C 29 29.28 9.21 -31.76
N TYR C 30 28.08 9.03 -32.29
CA TYR C 30 27.73 9.24 -33.71
C TYR C 30 27.22 10.67 -33.90
N VAL C 31 26.35 11.18 -33.02
CA VAL C 31 25.83 12.58 -33.08
C VAL C 31 27.03 13.56 -33.16
N SER C 32 28.05 13.38 -32.33
CA SER C 32 29.21 14.31 -32.20
C SER C 32 30.01 14.35 -33.51
N GLN C 33 29.78 13.38 -34.40
CA GLN C 33 30.45 13.25 -35.73
C GLN C 33 29.52 13.64 -36.89
N GLY C 34 28.26 13.98 -36.60
CA GLY C 34 27.24 14.25 -37.63
C GLY C 34 26.85 12.97 -38.35
N LYS C 35 27.07 11.83 -37.73
CA LYS C 35 26.84 10.54 -38.43
C LYS C 35 25.45 9.99 -38.07
N TRP C 36 24.76 9.44 -39.04
CA TRP C 36 23.68 8.46 -38.78
C TRP C 36 24.31 7.13 -38.36
N PHE C 37 23.55 6.24 -37.74
CA PHE C 37 24.02 4.87 -37.47
C PHE C 37 22.85 3.91 -37.58
N VAL C 38 23.18 2.74 -38.09
CA VAL C 38 22.28 1.55 -38.14
C VAL C 38 22.78 0.61 -37.06
N LEU C 39 22.03 0.51 -35.98
CA LEU C 39 22.30 -0.50 -34.96
C LEU C 39 21.45 -1.69 -35.40
N PHE C 40 22.08 -2.84 -35.55
CA PHE C 40 21.36 -4.10 -35.86
C PHE C 40 21.90 -5.18 -34.92
N SER C 41 21.10 -6.21 -34.73
CA SER C 41 21.36 -7.34 -33.82
C SER C 41 21.26 -8.67 -34.57
N HIS C 42 21.94 -9.66 -34.02
CA HIS C 42 21.92 -11.06 -34.50
C HIS C 42 21.96 -11.96 -33.27
N PRO C 43 21.36 -13.15 -33.36
CA PRO C 43 21.18 -14.02 -32.19
C PRO C 43 22.50 -14.44 -31.51
N ALA C 44 23.49 -14.90 -32.27
CA ALA C 44 24.76 -15.39 -31.70
C ALA C 44 25.83 -15.38 -32.76
N ASP C 45 27.07 -15.22 -32.33
CA ASP C 45 28.30 -15.38 -33.14
C ASP C 45 28.41 -16.82 -33.66
N PHE C 46 29.17 -17.02 -34.72
CA PHE C 46 29.34 -18.35 -35.37
C PHE C 46 27.97 -18.97 -35.66
N THR C 47 27.07 -18.17 -36.23
CA THR C 47 25.81 -18.63 -36.83
C THR C 47 25.75 -18.23 -38.30
N PRO C 48 25.16 -19.12 -39.14
CA PRO C 48 25.24 -18.97 -40.59
C PRO C 48 24.45 -17.79 -41.17
N VAL C 49 23.16 -17.60 -40.84
CA VAL C 49 22.39 -16.44 -41.41
C VAL C 49 23.09 -15.14 -40.99
N SER C 50 23.49 -15.05 -39.72
CA SER C 50 24.17 -13.86 -39.17
C SER C 50 25.44 -13.58 -39.95
N THR C 51 26.26 -14.61 -40.17
CA THR C 51 27.49 -14.51 -40.97
C THR C 51 27.15 -13.90 -42.36
N THR C 52 26.11 -14.39 -43.04
CA THR C 52 25.78 -13.87 -44.40
C THR C 52 25.40 -12.39 -44.30
N GLU C 53 24.79 -11.97 -43.19
CA GLU C 53 24.35 -10.56 -43.01
C GLU C 53 25.56 -9.68 -42.75
N PHE C 54 26.52 -10.13 -41.94
CA PHE C 54 27.77 -9.36 -41.71
C PHE C 54 28.54 -9.16 -43.03
N VAL C 55 28.72 -10.20 -43.83
CA VAL C 55 29.39 -10.08 -45.16
C VAL C 55 28.62 -9.07 -46.03
N SER C 56 27.29 -9.19 -46.09
CA SER C 56 26.38 -8.27 -46.83
C SER C 56 26.59 -6.83 -46.38
N PHE C 57 26.59 -6.55 -45.06
CA PHE C 57 26.84 -5.19 -44.51
C PHE C 57 28.26 -4.73 -44.91
N ALA C 58 29.23 -5.64 -44.80
CA ALA C 58 30.66 -5.32 -45.03
C ALA C 58 30.89 -4.97 -46.51
N ARG C 59 30.26 -5.69 -47.43
CA ARG C 59 30.29 -5.36 -48.88
C ARG C 59 29.66 -3.99 -49.15
N ARG C 60 28.66 -3.56 -48.37
CA ARG C 60 27.95 -2.26 -48.56
C ARG C 60 28.56 -1.18 -47.66
N TYR C 61 29.67 -1.46 -46.98
CA TYR C 61 30.25 -0.55 -45.97
C TYR C 61 30.53 0.84 -46.55
N GLU C 62 31.14 0.89 -47.73
CA GLU C 62 31.52 2.14 -48.42
C GLU C 62 30.24 2.87 -48.87
N ASP C 63 29.23 2.16 -49.37
CA ASP C 63 27.90 2.77 -49.65
C ASP C 63 27.36 3.49 -48.39
N PHE C 64 27.39 2.84 -47.20
CA PHE C 64 26.93 3.43 -45.93
C PHE C 64 27.81 4.65 -45.62
N GLN C 65 29.12 4.48 -45.75
CA GLN C 65 30.12 5.53 -45.42
C GLN C 65 29.88 6.74 -46.32
N ARG C 66 29.54 6.52 -47.59
CA ARG C 66 29.34 7.60 -48.59
C ARG C 66 28.14 8.44 -48.18
N LEU C 67 27.12 7.83 -47.54
CA LEU C 67 25.88 8.52 -47.05
C LEU C 67 26.13 9.15 -45.67
N GLY C 68 27.26 8.91 -45.03
CA GLY C 68 27.52 9.38 -43.65
C GLY C 68 26.79 8.53 -42.64
N VAL C 69 26.75 7.21 -42.86
CA VAL C 69 26.08 6.25 -41.94
C VAL C 69 27.12 5.26 -41.43
N ASP C 70 27.23 5.12 -40.11
CA ASP C 70 28.10 4.08 -39.50
C ASP C 70 27.21 2.87 -39.21
N LEU C 71 27.84 1.73 -39.01
CA LEU C 71 27.14 0.49 -38.68
C LEU C 71 27.63 0.02 -37.32
N ILE C 72 26.75 -0.57 -36.53
CA ILE C 72 27.16 -1.22 -35.26
C ILE C 72 26.23 -2.42 -35.04
N GLY C 73 26.82 -3.60 -34.88
CA GLY C 73 26.05 -4.82 -34.60
C GLY C 73 25.89 -5.01 -33.11
N LEU C 74 25.27 -6.12 -32.72
CA LEU C 74 24.88 -6.43 -31.33
C LEU C 74 24.50 -7.90 -31.30
N SER C 75 25.12 -8.64 -30.38
CA SER C 75 24.61 -9.94 -29.90
C SER C 75 24.98 -10.08 -28.41
N VAL C 76 24.44 -11.11 -27.75
CA VAL C 76 24.67 -11.37 -26.29
C VAL C 76 26.04 -12.02 -26.09
N ASP C 77 26.74 -12.39 -27.15
CA ASP C 77 28.11 -12.97 -27.08
C ASP C 77 29.09 -11.86 -26.65
N SER C 78 30.24 -12.25 -26.11
CA SER C 78 31.23 -11.35 -25.51
C SER C 78 32.25 -10.89 -26.58
N VAL C 79 33.08 -9.88 -26.28
CA VAL C 79 34.00 -9.22 -27.25
C VAL C 79 34.97 -10.26 -27.83
N CYS C 80 35.54 -11.14 -27.01
CA CYS C 80 36.49 -12.18 -27.48
C CYS C 80 35.84 -13.07 -28.55
N SER C 81 34.60 -13.50 -28.37
CA SER C 81 33.85 -14.24 -29.42
C SER C 81 33.75 -13.39 -30.67
N HIS C 82 33.30 -12.15 -30.53
CA HIS C 82 33.12 -11.22 -31.67
C HIS C 82 34.41 -11.25 -32.49
N ILE C 83 35.55 -11.01 -31.84
CA ILE C 83 36.84 -10.86 -32.55
C ILE C 83 37.21 -12.19 -33.21
N LYS C 84 37.01 -13.31 -32.52
CA LYS C 84 37.31 -14.67 -33.08
C LYS C 84 36.41 -14.93 -34.30
N TRP C 85 35.14 -14.56 -34.20
CA TRP C 85 34.16 -14.74 -35.30
C TRP C 85 34.57 -13.88 -36.50
N LYS C 86 34.90 -12.62 -36.25
CA LYS C 86 35.41 -11.73 -37.32
C LYS C 86 36.64 -12.36 -37.97
N GLU C 87 37.58 -12.90 -37.19
CA GLU C 87 38.82 -13.52 -37.73
C GLU C 87 38.43 -14.64 -38.68
N TRP C 88 37.46 -15.47 -38.28
CA TRP C 88 36.99 -16.63 -39.07
C TRP C 88 36.46 -16.16 -40.43
N ILE C 89 35.58 -15.17 -40.42
CA ILE C 89 34.98 -14.56 -41.64
C ILE C 89 36.11 -14.04 -42.57
N GLU C 90 37.05 -13.27 -42.06
CA GLU C 90 38.21 -12.75 -42.85
C GLU C 90 38.97 -13.93 -43.46
N ARG C 91 39.35 -14.89 -42.63
CA ARG C 91 40.12 -16.10 -43.02
C ARG C 91 39.30 -16.95 -44.01
N HIS C 92 38.05 -17.30 -43.71
CA HIS C 92 37.35 -18.33 -44.52
C HIS C 92 36.54 -17.72 -45.68
N ILE C 93 36.16 -16.45 -45.61
CA ILE C 93 35.30 -15.83 -46.65
C ILE C 93 36.08 -14.72 -47.36
N GLY C 94 37.17 -14.22 -46.81
CA GLY C 94 37.99 -13.18 -47.47
C GLY C 94 37.41 -11.79 -47.23
N VAL C 95 36.47 -11.64 -46.29
CA VAL C 95 35.81 -10.33 -46.05
C VAL C 95 36.10 -9.87 -44.62
N ARG C 96 36.78 -8.72 -44.50
CA ARG C 96 37.04 -8.05 -43.21
C ARG C 96 35.76 -7.31 -42.78
N ILE C 97 35.37 -7.47 -41.52
CA ILE C 97 34.25 -6.70 -40.91
C ILE C 97 34.87 -5.50 -40.24
N PRO C 98 34.77 -4.28 -40.82
CA PRO C 98 35.45 -3.12 -40.27
C PRO C 98 34.62 -2.37 -39.20
N PHE C 99 33.35 -2.72 -38.97
CA PHE C 99 32.48 -1.96 -38.03
C PHE C 99 32.42 -2.68 -36.68
N PRO C 100 32.11 -1.96 -35.59
CA PRO C 100 32.03 -2.58 -34.27
C PRO C 100 30.78 -3.45 -34.07
N ILE C 101 30.91 -4.40 -33.14
CA ILE C 101 29.81 -5.26 -32.61
C ILE C 101 29.72 -5.02 -31.10
N ILE C 102 28.52 -4.68 -30.63
CA ILE C 102 28.26 -4.59 -29.17
C ILE C 102 28.25 -6.00 -28.59
N ALA C 103 28.84 -6.14 -27.39
CA ALA C 103 28.73 -7.32 -26.52
C ALA C 103 27.66 -7.05 -25.47
N ASP C 104 26.57 -7.84 -25.44
CA ASP C 104 25.44 -7.61 -24.52
C ASP C 104 25.12 -8.86 -23.69
N PRO C 105 26.09 -9.42 -22.94
CA PRO C 105 25.87 -10.70 -22.25
C PRO C 105 24.73 -10.74 -21.21
N GLN C 106 24.38 -9.66 -20.56
CA GLN C 106 23.24 -9.84 -19.61
C GLN C 106 21.94 -9.38 -20.30
N GLY C 107 21.98 -9.17 -21.64
CA GLY C 107 20.85 -8.67 -22.43
C GLY C 107 20.36 -7.30 -21.98
N THR C 108 21.21 -6.47 -21.40
CA THR C 108 20.84 -5.10 -20.89
C THR C 108 20.39 -4.23 -22.08
N VAL C 109 21.18 -4.19 -23.15
CA VAL C 109 20.78 -3.44 -24.37
C VAL C 109 19.56 -4.10 -25.03
N ALA C 110 19.57 -5.42 -25.17
CA ALA C 110 18.49 -6.18 -25.84
C ALA C 110 17.13 -5.83 -25.22
N ARG C 111 17.05 -5.80 -23.90
CA ARG C 111 15.78 -5.49 -23.17
C ARG C 111 15.40 -4.03 -23.43
N ARG C 112 16.35 -3.09 -23.36
CA ARG C 112 16.07 -1.67 -23.63
C ARG C 112 15.48 -1.49 -25.05
N LEU C 113 15.94 -2.26 -26.03
CA LEU C 113 15.59 -2.03 -27.46
C LEU C 113 14.54 -3.06 -27.93
N GLY C 114 14.03 -3.90 -27.02
CA GLY C 114 12.95 -4.86 -27.33
C GLY C 114 13.35 -5.91 -28.35
N LEU C 115 14.59 -6.39 -28.28
CA LEU C 115 15.23 -7.29 -29.26
C LEU C 115 15.05 -8.73 -28.81
N LEU C 116 14.43 -8.98 -27.66
CA LEU C 116 14.23 -10.35 -27.15
C LEU C 116 12.77 -10.69 -27.43
N HIS C 117 12.47 -11.56 -28.38
CA HIS C 117 11.06 -11.87 -28.77
C HIS C 117 10.77 -13.30 -28.32
N ALA C 118 9.60 -13.85 -28.67
CA ALA C 118 9.14 -15.15 -28.13
C ALA C 118 9.93 -16.28 -28.80
N GLU C 119 10.56 -16.03 -29.95
CA GLU C 119 11.36 -17.05 -30.67
C GLU C 119 12.56 -17.46 -29.82
N SER C 120 13.07 -16.60 -28.92
CA SER C 120 14.16 -16.97 -28.00
C SER C 120 14.17 -16.03 -26.79
N ALA C 121 14.21 -16.62 -25.59
CA ALA C 121 14.30 -15.89 -24.30
C ALA C 121 15.73 -15.39 -24.11
N THR C 122 16.71 -16.00 -24.77
CA THR C 122 18.16 -15.79 -24.47
C THR C 122 18.90 -15.03 -25.59
N HIS C 123 18.43 -15.13 -26.83
CA HIS C 123 19.07 -14.53 -28.01
C HIS C 123 18.12 -13.59 -28.75
N THR C 124 18.74 -12.52 -29.20
CA THR C 124 18.15 -11.36 -29.87
C THR C 124 17.64 -11.84 -31.25
N VAL C 125 16.46 -11.40 -31.67
CA VAL C 125 16.10 -11.50 -33.10
C VAL C 125 16.96 -10.50 -33.92
N ARG C 126 16.58 -10.25 -35.17
CA ARG C 126 17.38 -9.50 -36.18
C ARG C 126 16.79 -8.09 -36.24
N GLY C 127 17.05 -7.30 -35.21
CA GLY C 127 16.51 -5.94 -35.13
C GLY C 127 17.37 -4.98 -35.92
N VAL C 128 16.77 -3.88 -36.36
CA VAL C 128 17.48 -2.78 -37.07
C VAL C 128 16.87 -1.49 -36.55
N PHE C 129 17.71 -0.63 -36.00
CA PHE C 129 17.37 0.74 -35.54
C PHE C 129 18.15 1.71 -36.41
N ILE C 130 17.43 2.51 -37.19
CA ILE C 130 18.06 3.55 -38.03
C ILE C 130 17.92 4.87 -37.28
N VAL C 131 19.06 5.46 -36.93
CA VAL C 131 19.18 6.63 -36.02
C VAL C 131 19.87 7.75 -36.81
N ASP C 132 19.31 8.94 -36.75
CA ASP C 132 19.81 10.09 -37.55
C ASP C 132 20.92 10.77 -36.75
N ALA C 133 21.47 11.83 -37.31
CA ALA C 133 22.63 12.55 -36.75
C ALA C 133 22.17 13.41 -35.58
N ARG C 134 20.87 13.51 -35.29
CA ARG C 134 20.36 14.21 -34.08
C ARG C 134 20.23 13.17 -32.96
N GLY C 135 20.46 11.88 -33.26
CA GLY C 135 20.28 10.77 -32.31
C GLY C 135 18.83 10.28 -32.23
N VAL C 136 18.02 10.54 -33.26
CA VAL C 136 16.56 10.27 -33.21
C VAL C 136 16.28 8.98 -34.00
N ILE C 137 15.55 8.04 -33.41
CA ILE C 137 15.13 6.78 -34.08
C ILE C 137 14.19 7.16 -35.25
N ARG C 138 14.53 6.73 -36.47
CA ARG C 138 13.77 7.10 -37.69
C ARG C 138 12.98 5.89 -38.23
N THR C 139 13.44 4.66 -37.98
CA THR C 139 12.85 3.43 -38.53
C THR C 139 13.29 2.25 -37.66
N MET C 140 12.41 1.26 -37.53
CA MET C 140 12.71 0.03 -36.75
C MET C 140 12.18 -1.18 -37.51
N LEU C 141 13.04 -2.17 -37.73
CA LEU C 141 12.71 -3.44 -38.42
C LEU C 141 12.99 -4.60 -37.44
N TYR C 142 12.09 -5.57 -37.39
CA TYR C 142 12.31 -6.80 -36.61
C TYR C 142 12.13 -8.01 -37.54
N TYR C 143 13.26 -8.52 -38.03
CA TYR C 143 13.31 -9.78 -38.79
C TYR C 143 13.58 -10.92 -37.81
N PRO C 144 13.13 -12.15 -38.15
CA PRO C 144 13.18 -13.28 -37.22
C PRO C 144 14.45 -14.10 -37.39
N MET C 145 14.64 -15.13 -36.57
CA MET C 145 15.91 -15.94 -36.58
C MET C 145 16.10 -16.56 -37.97
N GLU C 146 15.02 -17.04 -38.59
CA GLU C 146 15.08 -17.94 -39.79
C GLU C 146 15.23 -17.14 -41.10
N LEU C 147 15.29 -15.82 -41.09
CA LEU C 147 15.19 -15.00 -42.34
C LEU C 147 16.20 -13.85 -42.31
N GLY C 148 17.20 -13.90 -43.18
CA GLY C 148 18.18 -12.81 -43.31
C GLY C 148 17.55 -11.56 -43.89
N ARG C 149 18.12 -10.39 -43.55
CA ARG C 149 17.59 -9.07 -43.96
C ARG C 149 17.98 -8.85 -45.43
N LEU C 150 17.30 -7.88 -46.05
CA LEU C 150 17.65 -7.35 -47.38
C LEU C 150 18.44 -6.06 -47.15
N VAL C 151 19.75 -6.13 -47.20
CA VAL C 151 20.55 -4.99 -46.67
C VAL C 151 20.38 -3.80 -47.61
N ASP C 152 20.13 -4.03 -48.90
CA ASP C 152 19.90 -2.92 -49.86
C ASP C 152 18.67 -2.10 -49.45
N GLU C 153 17.66 -2.69 -48.81
CA GLU C 153 16.47 -1.91 -48.36
C GLU C 153 16.89 -0.98 -47.21
N ILE C 154 17.86 -1.38 -46.39
CA ILE C 154 18.40 -0.51 -45.29
C ILE C 154 19.14 0.68 -45.91
N LEU C 155 19.90 0.47 -46.97
CA LEU C 155 20.47 1.59 -47.76
C LEU C 155 19.36 2.46 -48.36
N ARG C 156 18.33 1.88 -48.98
CA ARG C 156 17.27 2.69 -49.61
C ARG C 156 16.61 3.53 -48.49
N ILE C 157 16.40 2.95 -47.29
CA ILE C 157 15.68 3.67 -46.20
C ILE C 157 16.51 4.90 -45.81
N VAL C 158 17.79 4.72 -45.54
CA VAL C 158 18.64 5.82 -45.02
C VAL C 158 18.79 6.88 -46.10
N LYS C 159 18.90 6.46 -47.35
CA LYS C 159 19.10 7.39 -48.49
C LYS C 159 17.82 8.24 -48.66
N ALA C 160 16.66 7.59 -48.67
CA ALA C 160 15.36 8.26 -48.84
C ALA C 160 15.06 9.22 -47.67
N LEU C 161 15.37 8.85 -46.43
CA LEU C 161 15.11 9.69 -45.22
C LEU C 161 15.99 10.95 -45.30
N LYS C 162 17.27 10.79 -45.62
CA LYS C 162 18.24 11.90 -45.83
C LYS C 162 17.76 12.86 -46.93
N LEU C 163 17.35 12.32 -48.06
CA LEU C 163 16.75 13.07 -49.19
C LEU C 163 15.52 13.84 -48.69
N GLY C 164 14.62 13.15 -47.97
CA GLY C 164 13.38 13.73 -47.42
C GLY C 164 13.66 14.86 -46.43
N ASP C 165 14.64 14.69 -45.55
CA ASP C 165 15.06 15.73 -44.56
C ASP C 165 15.60 16.94 -45.34
N SER C 166 16.53 16.71 -46.25
CA SER C 166 17.25 17.74 -47.07
C SER C 166 16.27 18.57 -47.91
N LEU C 167 15.33 17.91 -48.60
CA LEU C 167 14.45 18.50 -49.62
C LEU C 167 13.09 18.86 -49.02
N LYS C 168 12.91 18.58 -47.73
CA LYS C 168 11.61 18.76 -47.03
C LYS C 168 10.49 18.08 -47.83
N ARG C 169 10.64 16.79 -48.12
CA ARG C 169 9.66 15.98 -48.87
C ARG C 169 9.41 14.64 -48.13
N ALA C 170 8.21 14.10 -48.32
CA ALA C 170 7.82 12.72 -48.01
C ALA C 170 8.16 11.85 -49.23
N VAL C 171 8.40 10.57 -49.00
CA VAL C 171 8.91 9.65 -50.04
C VAL C 171 7.83 8.60 -50.35
N PRO C 172 7.43 8.49 -51.64
CA PRO C 172 6.36 7.59 -52.06
C PRO C 172 6.78 6.13 -51.92
N ALA C 173 5.79 5.24 -51.85
CA ALA C 173 6.03 3.78 -51.85
C ALA C 173 6.96 3.43 -53.02
N ASP C 174 7.94 2.56 -52.75
CA ASP C 174 8.77 1.93 -53.80
C ASP C 174 9.71 2.98 -54.43
N TRP C 175 9.88 4.18 -53.84
CA TRP C 175 10.82 5.21 -54.38
C TRP C 175 12.21 4.57 -54.52
N PRO C 176 12.99 4.82 -55.58
CA PRO C 176 12.64 5.77 -56.65
C PRO C 176 11.85 5.26 -57.87
N ASN C 177 11.15 4.13 -57.75
CA ASN C 177 10.37 3.53 -58.85
C ASN C 177 8.90 3.51 -58.44
N ASN C 178 8.38 4.62 -57.92
CA ASN C 178 6.96 4.65 -57.54
C ASN C 178 6.10 4.55 -58.81
N GLU C 179 5.03 3.76 -58.75
CA GLU C 179 4.20 3.43 -59.94
C GLU C 179 3.32 4.63 -60.32
N ILE C 180 3.06 5.57 -59.40
CA ILE C 180 2.21 6.77 -59.68
C ILE C 180 3.12 7.93 -60.13
N ILE C 181 4.18 8.22 -59.39
CA ILE C 181 5.00 9.45 -59.63
C ILE C 181 6.48 9.10 -59.84
N GLY C 182 6.83 7.83 -60.05
CA GLY C 182 8.20 7.41 -60.41
C GLY C 182 9.20 7.79 -59.33
N GLU C 183 10.09 8.74 -59.64
CA GLU C 183 11.14 9.26 -58.73
C GLU C 183 10.67 10.57 -58.08
N GLY C 184 9.42 10.95 -58.31
CA GLY C 184 8.83 12.13 -57.64
C GLY C 184 8.85 12.01 -56.13
N LEU C 185 9.01 13.17 -55.47
CA LEU C 185 8.87 13.30 -54.00
C LEU C 185 7.63 14.14 -53.71
N ILE C 186 6.97 13.82 -52.61
CA ILE C 186 5.65 14.35 -52.19
C ILE C 186 5.86 15.59 -51.32
N VAL C 187 5.14 16.68 -51.63
CA VAL C 187 5.10 17.89 -50.78
C VAL C 187 4.23 17.56 -49.55
N PRO C 188 4.69 17.84 -48.30
CA PRO C 188 3.85 17.62 -47.12
C PRO C 188 2.52 18.31 -47.35
N PRO C 189 1.38 17.63 -47.12
CA PRO C 189 0.10 18.18 -47.51
C PRO C 189 -0.30 19.38 -46.64
N PRO C 190 -1.19 20.26 -47.14
CA PRO C 190 -1.75 21.34 -46.33
C PRO C 190 -2.34 20.81 -45.03
N THR C 191 -2.29 21.60 -43.96
CA THR C 191 -2.85 21.26 -42.63
C THR C 191 -4.09 22.14 -42.33
N THR C 192 -4.40 23.11 -43.20
CA THR C 192 -5.57 24.03 -43.05
C THR C 192 -6.27 24.19 -44.38
N GLU C 193 -7.52 24.62 -44.34
CA GLU C 193 -8.33 24.96 -45.54
C GLU C 193 -7.72 26.14 -46.31
N ASP C 194 -7.24 27.19 -45.63
CA ASP C 194 -6.59 28.33 -46.33
C ASP C 194 -5.37 27.81 -47.12
N GLN C 195 -4.49 27.03 -46.48
CA GLN C 195 -3.31 26.41 -47.14
C GLN C 195 -3.75 25.56 -48.32
N ALA C 196 -4.81 24.73 -48.17
CA ALA C 196 -5.33 23.86 -49.24
C ALA C 196 -5.69 24.71 -50.47
N ARG C 197 -6.49 25.77 -50.27
CA ARG C 197 -6.89 26.74 -51.34
C ARG C 197 -5.63 27.36 -51.98
N ALA C 198 -4.70 27.90 -51.17
CA ALA C 198 -3.47 28.60 -51.63
C ALA C 198 -2.57 27.66 -52.46
N ARG C 199 -2.50 26.38 -52.07
CA ARG C 199 -1.70 25.35 -52.79
C ARG C 199 -2.28 25.18 -54.19
N MET C 200 -3.59 24.96 -54.27
CA MET C 200 -4.26 24.63 -55.54
C MET C 200 -4.32 25.85 -56.47
N GLU C 201 -4.16 27.07 -55.92
CA GLU C 201 -4.26 28.35 -56.69
C GLU C 201 -2.89 28.76 -57.24
N SER C 202 -1.81 28.49 -56.51
CA SER C 202 -0.43 28.89 -56.90
C SER C 202 0.05 28.08 -58.11
N GLY C 203 -0.52 26.90 -58.40
CA GLY C 203 -0.16 26.05 -59.56
C GLY C 203 1.32 25.68 -59.59
N GLN C 204 1.99 25.75 -58.45
CA GLN C 204 3.46 25.57 -58.28
C GLN C 204 3.89 24.09 -58.40
N TYR C 205 2.99 23.13 -58.19
CA TYR C 205 3.33 21.68 -58.26
C TYR C 205 2.28 20.88 -59.03
N ARG C 206 2.70 19.76 -59.62
CA ARG C 206 1.79 18.71 -60.13
C ARG C 206 1.02 18.13 -58.94
N SER C 207 -0.21 17.70 -59.18
CA SER C 207 -1.21 17.44 -58.12
C SER C 207 -2.28 16.49 -58.63
N LEU C 208 -2.75 15.59 -57.78
CA LEU C 208 -4.00 14.84 -58.03
C LEU C 208 -5.12 15.50 -57.20
N ASP C 209 -4.78 16.21 -56.14
CA ASP C 209 -5.76 16.89 -55.24
C ASP C 209 -4.97 17.83 -54.33
N TRP C 210 -5.65 18.67 -53.55
CA TRP C 210 -4.99 19.65 -52.65
C TRP C 210 -4.08 18.94 -51.63
N TRP C 211 -4.30 17.64 -51.38
CA TRP C 211 -3.53 16.83 -50.38
C TRP C 211 -2.44 15.97 -51.06
N PHE C 212 -2.40 15.91 -52.39
CA PHE C 212 -1.44 15.07 -53.16
C PHE C 212 -0.75 15.91 -54.25
N SER C 213 0.30 16.64 -53.85
CA SER C 213 1.22 17.41 -54.72
C SER C 213 2.63 16.84 -54.64
N TRP C 214 3.39 16.88 -55.73
CA TRP C 214 4.78 16.35 -55.80
C TRP C 214 5.60 17.10 -56.87
N ASP C 215 6.92 17.08 -56.74
CA ASP C 215 7.88 17.58 -57.74
C ASP C 215 9.01 16.56 -57.87
N THR C 216 10.07 16.87 -58.61
CA THR C 216 11.19 15.92 -58.85
C THR C 216 12.48 16.63 -58.45
N PRO C 217 12.69 16.95 -57.15
CA PRO C 217 13.83 17.77 -56.75
C PRO C 217 15.12 16.99 -56.45
N ALA C 218 15.06 15.66 -56.46
CA ALA C 218 16.22 14.79 -56.16
C ALA C 218 17.18 14.87 -57.34
N SER C 219 18.47 15.13 -57.07
CA SER C 219 19.58 15.04 -58.04
C SER C 219 19.50 13.70 -58.76
N ARG C 220 19.85 13.71 -60.05
CA ARG C 220 20.09 12.50 -60.89
C ARG C 220 21.03 11.53 -60.15
N ASP C 221 22.08 12.02 -59.48
CA ASP C 221 23.05 11.14 -58.75
C ASP C 221 22.34 10.44 -57.57
N ASP C 222 21.52 11.18 -56.80
CA ASP C 222 20.76 10.63 -55.65
C ASP C 222 19.80 9.53 -56.13
N VAL C 223 19.09 9.77 -57.22
CA VAL C 223 18.09 8.81 -57.74
C VAL C 223 18.82 7.54 -58.18
N GLU C 224 19.94 7.72 -58.89
CA GLU C 224 20.69 6.59 -59.53
C GLU C 224 21.37 5.75 -58.44
N GLU C 225 21.86 6.41 -57.39
CA GLU C 225 22.49 5.72 -56.22
C GLU C 225 21.40 4.83 -55.59
N ALA C 226 20.17 5.32 -55.50
CA ALA C 226 19.06 4.58 -54.87
C ALA C 226 18.67 3.41 -55.78
N ARG C 227 18.56 3.66 -57.10
CA ARG C 227 18.26 2.60 -58.09
C ARG C 227 19.37 1.54 -58.09
N ARG C 228 20.62 1.97 -57.98
CA ARG C 228 21.80 1.04 -57.89
C ARG C 228 21.61 0.07 -56.71
N TYR C 229 21.14 0.53 -55.55
CA TYR C 229 20.96 -0.38 -54.38
C TYR C 229 19.96 -1.47 -54.77
N LEU C 230 18.83 -1.09 -55.37
CA LEU C 230 17.75 -2.06 -55.74
C LEU C 230 18.18 -2.94 -56.92
N ARG C 231 18.97 -2.41 -57.86
CA ARG C 231 19.47 -3.26 -58.99
C ARG C 231 20.41 -4.31 -58.40
N ARG C 232 21.32 -3.94 -57.49
CA ARG C 232 22.21 -4.95 -56.84
C ARG C 232 21.36 -6.01 -56.16
N ALA C 233 20.29 -5.60 -55.47
CA ALA C 233 19.39 -6.51 -54.73
C ALA C 233 18.79 -7.51 -55.72
N ALA C 234 18.44 -7.07 -56.93
CA ALA C 234 17.72 -7.88 -57.95
C ALA C 234 18.67 -8.81 -58.72
N GLU C 235 19.94 -8.43 -58.93
CA GLU C 235 20.95 -9.20 -59.71
C GLU C 235 21.58 -10.32 -58.85
N LYS C 236 21.65 -11.53 -59.41
CA LYS C 236 22.50 -12.63 -58.90
C LYS C 236 23.97 -12.21 -59.07
N PRO C 237 24.81 -12.22 -58.02
CA PRO C 237 26.23 -11.92 -58.20
C PRO C 237 26.86 -12.87 -59.24
N ALA C 238 27.88 -12.42 -59.97
CA ALA C 238 28.60 -13.21 -61.00
C ALA C 238 29.29 -14.42 -60.36
N LYS C 239 30.06 -14.18 -59.28
CA LYS C 239 30.77 -15.24 -58.51
C LYS C 239 30.34 -15.20 -57.04
N LEU C 240 29.97 -16.35 -56.51
CA LEU C 240 29.65 -16.56 -55.08
C LEU C 240 30.94 -16.70 -54.27
N LEU C 241 31.02 -16.02 -53.13
CA LEU C 241 32.20 -15.99 -52.23
C LEU C 241 32.53 -17.40 -51.71
N TYR C 242 31.58 -18.34 -51.66
CA TYR C 242 31.91 -19.72 -51.16
C TYR C 242 32.83 -20.44 -52.15
N GLU C 243 32.95 -19.98 -53.41
CA GLU C 243 33.79 -20.60 -54.48
C GLU C 243 35.28 -20.31 -54.24
N GLU C 244 35.68 -19.09 -53.86
CA GLU C 244 37.09 -18.75 -53.52
C GLU C 244 37.32 -18.82 -52.00
N ALA C 245 36.46 -19.55 -51.26
CA ALA C 245 36.46 -19.65 -49.78
C ALA C 245 37.42 -20.73 -49.30
N PRO D 2 8.22 5.98 -24.68
CA PRO D 2 8.53 4.56 -25.05
C PRO D 2 7.22 3.78 -25.12
N GLY D 3 7.22 2.55 -25.67
CA GLY D 3 6.00 1.85 -26.08
C GLY D 3 6.06 0.35 -25.84
N SER D 4 4.94 -0.34 -26.04
CA SER D 4 4.74 -1.79 -25.79
C SER D 4 4.28 -2.45 -27.10
N ILE D 5 4.77 -3.67 -27.41
CA ILE D 5 4.49 -4.41 -28.68
C ILE D 5 4.23 -5.89 -28.41
N PRO D 6 3.52 -6.61 -29.29
CA PRO D 6 3.49 -8.08 -29.26
C PRO D 6 4.77 -8.48 -30.02
N LEU D 7 5.15 -9.75 -29.98
CA LEU D 7 6.55 -10.10 -30.39
C LEU D 7 6.52 -11.23 -31.40
N ILE D 8 7.61 -11.33 -32.18
CA ILE D 8 7.82 -12.43 -33.16
C ILE D 8 7.80 -13.71 -32.35
N GLY D 9 7.06 -14.72 -32.82
CA GLY D 9 6.91 -15.99 -32.10
C GLY D 9 5.63 -16.02 -31.28
N GLU D 10 5.00 -14.88 -31.00
CA GLU D 10 3.71 -14.86 -30.26
C GLU D 10 2.54 -15.06 -31.23
N ARG D 11 1.44 -15.61 -30.74
CA ARG D 11 0.15 -15.58 -31.45
C ARG D 11 -0.26 -14.11 -31.57
N PHE D 12 -0.76 -13.73 -32.73
CA PHE D 12 -1.36 -12.39 -32.91
C PHE D 12 -2.45 -12.20 -31.85
N PRO D 13 -2.51 -11.07 -31.12
CA PRO D 13 -3.46 -10.91 -30.03
C PRO D 13 -4.91 -11.06 -30.53
N GLU D 14 -5.70 -11.86 -29.82
CA GLU D 14 -7.13 -12.12 -30.09
C GLU D 14 -7.91 -10.79 -30.07
N MET D 15 -8.61 -10.42 -31.14
CA MET D 15 -9.39 -9.14 -31.14
C MET D 15 -10.46 -9.14 -32.23
N GLU D 16 -11.57 -8.46 -31.96
CA GLU D 16 -12.57 -8.05 -32.97
C GLU D 16 -12.19 -6.67 -33.51
N VAL D 17 -12.20 -6.50 -34.83
CA VAL D 17 -11.89 -5.18 -35.43
C VAL D 17 -13.06 -4.83 -36.36
N THR D 18 -13.43 -3.56 -36.41
CA THR D 18 -14.38 -2.96 -37.37
C THR D 18 -13.56 -2.55 -38.59
N THR D 19 -13.86 -3.15 -39.74
CA THR D 19 -13.26 -2.82 -41.05
C THR D 19 -14.37 -2.30 -41.97
N ASP D 20 -14.00 -1.81 -43.14
CA ASP D 20 -14.95 -1.35 -44.18
C ASP D 20 -15.57 -2.55 -44.91
N HIS D 21 -15.25 -3.80 -44.56
CA HIS D 21 -15.93 -5.03 -45.08
C HIS D 21 -16.76 -5.68 -43.98
N GLY D 22 -16.77 -5.09 -42.80
CA GLY D 22 -17.53 -5.59 -41.64
C GLY D 22 -16.61 -5.92 -40.48
N VAL D 23 -17.20 -6.46 -39.41
CA VAL D 23 -16.47 -6.89 -38.20
C VAL D 23 -15.76 -8.18 -38.55
N ILE D 24 -14.46 -8.30 -38.27
CA ILE D 24 -13.76 -9.62 -38.31
C ILE D 24 -12.97 -9.84 -37.02
N LYS D 25 -12.77 -11.11 -36.69
CA LYS D 25 -11.95 -11.54 -35.53
C LYS D 25 -10.55 -11.86 -36.05
N LEU D 26 -9.54 -11.33 -35.38
CA LEU D 26 -8.12 -11.58 -35.70
C LEU D 26 -7.57 -12.42 -34.56
N PRO D 27 -6.69 -13.41 -34.82
CA PRO D 27 -6.32 -13.82 -36.18
C PRO D 27 -7.23 -14.86 -36.83
N ASP D 28 -8.27 -15.28 -36.10
CA ASP D 28 -9.12 -16.48 -36.39
C ASP D 28 -9.72 -16.41 -37.80
N HIS D 29 -10.16 -15.24 -38.25
CA HIS D 29 -10.71 -15.04 -39.62
C HIS D 29 -9.78 -15.61 -40.70
N TYR D 30 -8.46 -15.48 -40.54
CA TYR D 30 -7.48 -15.92 -41.56
C TYR D 30 -7.01 -17.35 -41.26
N VAL D 31 -6.76 -17.66 -39.99
CA VAL D 31 -6.35 -19.01 -39.50
C VAL D 31 -7.35 -20.05 -40.05
N SER D 32 -8.63 -19.82 -39.82
CA SER D 32 -9.73 -20.74 -40.24
C SER D 32 -9.69 -20.98 -41.77
N GLN D 33 -9.09 -20.06 -42.54
CA GLN D 33 -9.01 -20.18 -44.03
C GLN D 33 -7.67 -20.78 -44.49
N GLY D 34 -6.74 -21.10 -43.57
CA GLY D 34 -5.37 -21.57 -43.90
C GLY D 34 -4.51 -20.45 -44.49
N LYS D 35 -4.84 -19.19 -44.20
CA LYS D 35 -4.25 -18.01 -44.88
C LYS D 35 -3.33 -17.24 -43.92
N TRP D 36 -2.14 -16.88 -44.40
CA TRP D 36 -1.31 -15.80 -43.80
C TRP D 36 -2.08 -14.48 -43.92
N PHE D 37 -1.77 -13.48 -43.11
CA PHE D 37 -2.15 -12.08 -43.48
C PHE D 37 -1.01 -11.13 -43.15
N VAL D 38 -0.96 -10.04 -43.92
CA VAL D 38 -0.15 -8.83 -43.65
C VAL D 38 -1.12 -7.75 -43.20
N LEU D 39 -1.00 -7.37 -41.92
CA LEU D 39 -1.74 -6.23 -41.37
C LEU D 39 -0.76 -5.09 -41.45
N PHE D 40 -1.14 -3.98 -42.06
CA PHE D 40 -0.28 -2.78 -42.11
C PHE D 40 -1.15 -1.59 -41.71
N SER D 41 -0.48 -0.53 -41.27
CA SER D 41 -1.13 0.73 -40.82
C SER D 41 -0.60 1.89 -41.64
N HIS D 42 -1.35 2.98 -41.66
CA HIS D 42 -1.00 4.28 -42.26
C HIS D 42 -1.65 5.35 -41.41
N PRO D 43 -1.04 6.56 -41.34
CA PRO D 43 -1.48 7.61 -40.44
C PRO D 43 -2.95 8.01 -40.58
N ALA D 44 -3.40 8.31 -41.80
CA ALA D 44 -4.75 8.85 -42.09
C ALA D 44 -5.06 8.65 -43.57
N ASP D 45 -6.34 8.52 -43.86
CA ASP D 45 -6.92 8.49 -45.24
C ASP D 45 -6.66 9.86 -45.88
N PHE D 46 -6.70 9.91 -47.21
CA PHE D 46 -6.50 11.15 -48.00
C PHE D 46 -5.17 11.77 -47.60
N THR D 47 -4.13 10.94 -47.49
CA THR D 47 -2.70 11.33 -47.32
C THR D 47 -1.93 10.70 -48.47
N PRO D 48 -0.97 11.44 -49.04
CA PRO D 48 -0.36 11.05 -50.31
C PRO D 48 0.59 9.84 -50.25
N VAL D 49 1.53 9.77 -49.29
CA VAL D 49 2.41 8.57 -49.18
C VAL D 49 1.50 7.34 -48.97
N SER D 50 0.55 7.45 -48.03
CA SER D 50 -0.44 6.37 -47.75
C SER D 50 -1.13 5.94 -49.05
N THR D 51 -1.57 6.89 -49.89
CA THR D 51 -2.27 6.56 -51.16
C THR D 51 -1.33 5.72 -52.04
N THR D 52 -0.08 6.15 -52.20
CA THR D 52 0.91 5.41 -53.03
C THR D 52 1.11 3.99 -52.50
N GLU D 53 1.06 3.78 -51.18
CA GLU D 53 1.25 2.42 -50.59
C GLU D 53 0.04 1.54 -50.90
N PHE D 54 -1.16 2.09 -50.77
CA PHE D 54 -2.40 1.36 -51.04
C PHE D 54 -2.41 0.92 -52.50
N VAL D 55 -1.94 1.77 -53.39
CA VAL D 55 -1.91 1.48 -54.85
C VAL D 55 -0.88 0.36 -55.11
N SER D 56 0.31 0.47 -54.53
CA SER D 56 1.38 -0.56 -54.60
C SER D 56 0.84 -1.93 -54.13
N PHE D 57 0.16 -1.96 -52.99
CA PHE D 57 -0.41 -3.21 -52.40
C PHE D 57 -1.46 -3.79 -53.35
N ALA D 58 -2.37 -2.93 -53.86
CA ALA D 58 -3.47 -3.35 -54.75
C ALA D 58 -2.90 -3.95 -56.03
N ARG D 59 -1.84 -3.33 -56.57
CA ARG D 59 -1.20 -3.78 -57.82
C ARG D 59 -0.50 -5.12 -57.59
N ARG D 60 -0.07 -5.41 -56.37
CA ARG D 60 0.62 -6.67 -56.00
C ARG D 60 -0.36 -7.70 -55.44
N TYR D 61 -1.65 -7.38 -55.39
CA TYR D 61 -2.66 -8.21 -54.66
C TYR D 61 -2.62 -9.65 -55.18
N GLU D 62 -2.51 -9.81 -56.48
CA GLU D 62 -2.43 -11.12 -57.16
C GLU D 62 -1.21 -11.88 -56.63
N ASP D 63 -0.05 -11.23 -56.54
CA ASP D 63 1.19 -11.85 -56.01
C ASP D 63 0.94 -12.34 -54.57
N PHE D 64 0.23 -11.57 -53.74
CA PHE D 64 -0.10 -11.96 -52.35
C PHE D 64 -1.08 -13.17 -52.35
N GLN D 65 -2.16 -13.11 -53.15
CA GLN D 65 -3.19 -14.20 -53.19
C GLN D 65 -2.50 -15.50 -53.63
N ARG D 66 -1.54 -15.43 -54.54
CA ARG D 66 -0.74 -16.59 -55.02
C ARG D 66 -0.05 -17.30 -53.84
N LEU D 67 0.37 -16.56 -52.80
CA LEU D 67 1.14 -17.13 -51.65
C LEU D 67 0.17 -17.54 -50.54
N GLY D 68 -1.14 -17.43 -50.75
CA GLY D 68 -2.14 -17.64 -49.69
C GLY D 68 -2.00 -16.60 -48.60
N VAL D 69 -1.86 -15.33 -49.00
CA VAL D 69 -1.70 -14.15 -48.11
C VAL D 69 -2.83 -13.16 -48.39
N ASP D 70 -3.59 -12.80 -47.38
CA ASP D 70 -4.57 -11.69 -47.42
C ASP D 70 -3.92 -10.42 -46.81
N LEU D 71 -4.43 -9.27 -47.22
CA LEU D 71 -4.01 -7.94 -46.74
C LEU D 71 -5.13 -7.32 -45.91
N ILE D 72 -4.77 -6.57 -44.88
CA ILE D 72 -5.72 -5.77 -44.07
C ILE D 72 -5.02 -4.49 -43.59
N GLY D 73 -5.57 -3.34 -43.97
CA GLY D 73 -5.08 -2.01 -43.56
C GLY D 73 -5.61 -1.59 -42.21
N LEU D 74 -5.16 -0.44 -41.71
CA LEU D 74 -5.44 0.12 -40.37
C LEU D 74 -5.10 1.60 -40.43
N SER D 75 -6.08 2.45 -40.07
CA SER D 75 -5.87 3.83 -39.60
C SER D 75 -6.89 4.19 -38.50
N VAL D 76 -6.67 5.29 -37.81
CA VAL D 76 -7.59 5.78 -36.74
C VAL D 76 -8.84 6.40 -37.39
N ASP D 77 -8.89 6.49 -38.72
CA ASP D 77 -10.05 7.04 -39.46
C ASP D 77 -11.17 5.99 -39.44
N SER D 78 -12.41 6.47 -39.64
CA SER D 78 -13.66 5.71 -39.53
C SER D 78 -13.97 5.02 -40.87
N VAL D 79 -14.90 4.06 -40.87
CA VAL D 79 -15.26 3.23 -42.05
C VAL D 79 -15.69 4.15 -43.17
N CYS D 80 -16.40 5.24 -42.88
CA CYS D 80 -16.95 6.14 -43.92
C CYS D 80 -15.80 6.81 -44.68
N SER D 81 -14.82 7.39 -43.98
CA SER D 81 -13.57 7.94 -44.60
C SER D 81 -12.88 6.86 -45.45
N HIS D 82 -12.77 5.62 -44.94
CA HIS D 82 -12.09 4.53 -45.66
C HIS D 82 -12.75 4.34 -47.03
N ILE D 83 -14.09 4.29 -47.04
CA ILE D 83 -14.90 4.01 -48.26
C ILE D 83 -14.78 5.21 -49.21
N LYS D 84 -14.94 6.45 -48.72
CA LYS D 84 -14.81 7.66 -49.58
C LYS D 84 -13.38 7.71 -50.16
N TRP D 85 -12.38 7.28 -49.38
CA TRP D 85 -10.95 7.34 -49.80
C TRP D 85 -10.74 6.31 -50.90
N LYS D 86 -11.30 5.12 -50.72
CA LYS D 86 -11.21 4.03 -51.71
C LYS D 86 -11.89 4.47 -53.01
N GLU D 87 -13.05 5.13 -52.91
CA GLU D 87 -13.79 5.68 -54.09
C GLU D 87 -12.88 6.68 -54.82
N TRP D 88 -12.25 7.58 -54.08
CA TRP D 88 -11.34 8.60 -54.67
C TRP D 88 -10.22 7.92 -55.46
N ILE D 89 -9.53 6.95 -54.85
CA ILE D 89 -8.42 6.20 -55.52
C ILE D 89 -8.91 5.54 -56.82
N GLU D 90 -10.06 4.86 -56.81
CA GLU D 90 -10.61 4.22 -58.03
C GLU D 90 -10.83 5.27 -59.14
N ARG D 91 -11.47 6.38 -58.79
CA ARG D 91 -11.93 7.42 -59.74
C ARG D 91 -10.72 8.20 -60.31
N HIS D 92 -9.76 8.59 -59.47
CA HIS D 92 -8.66 9.51 -59.86
C HIS D 92 -7.41 8.73 -60.29
N ILE D 93 -7.22 7.49 -59.81
CA ILE D 93 -6.01 6.67 -60.13
C ILE D 93 -6.40 5.45 -60.96
N GLY D 94 -7.66 5.02 -60.94
CA GLY D 94 -8.09 3.86 -61.74
C GLY D 94 -7.68 2.53 -61.09
N VAL D 95 -7.44 2.51 -59.79
CA VAL D 95 -7.02 1.30 -59.05
C VAL D 95 -8.04 1.01 -57.95
N ARG D 96 -8.68 -0.16 -58.00
CA ARG D 96 -9.65 -0.57 -56.97
C ARG D 96 -8.84 -1.13 -55.79
N ILE D 97 -9.12 -0.74 -54.56
CA ILE D 97 -8.51 -1.40 -53.38
C ILE D 97 -9.45 -2.53 -52.92
N PRO D 98 -9.07 -3.80 -53.10
CA PRO D 98 -9.97 -4.92 -52.81
C PRO D 98 -9.94 -5.50 -51.39
N PHE D 99 -8.98 -5.11 -50.55
CA PHE D 99 -8.78 -5.68 -49.19
C PHE D 99 -9.39 -4.73 -48.15
N PRO D 100 -9.73 -5.21 -46.93
CA PRO D 100 -10.34 -4.35 -45.93
C PRO D 100 -9.36 -3.39 -45.26
N ILE D 101 -9.92 -2.32 -44.66
CA ILE D 101 -9.16 -1.40 -43.78
C ILE D 101 -9.88 -1.37 -42.43
N ILE D 102 -9.14 -1.59 -41.35
CA ILE D 102 -9.64 -1.43 -39.97
C ILE D 102 -9.81 0.06 -39.70
N ALA D 103 -10.97 0.44 -39.15
CA ALA D 103 -11.20 1.73 -38.46
C ALA D 103 -10.76 1.56 -37.01
N ASP D 104 -9.85 2.40 -36.53
CA ASP D 104 -9.32 2.33 -35.14
C ASP D 104 -9.45 3.69 -34.44
N PRO D 105 -10.65 4.32 -34.44
CA PRO D 105 -10.82 5.66 -33.88
C PRO D 105 -10.24 5.94 -32.49
N GLN D 106 -10.32 5.05 -31.51
CA GLN D 106 -9.76 5.39 -30.17
C GLN D 106 -8.35 4.83 -30.04
N GLY D 107 -7.81 4.26 -31.11
CA GLY D 107 -6.47 3.66 -31.15
C GLY D 107 -6.38 2.45 -30.25
N THR D 108 -7.46 1.67 -30.12
CA THR D 108 -7.48 0.42 -29.33
C THR D 108 -6.54 -0.60 -29.98
N VAL D 109 -6.70 -0.81 -31.27
CA VAL D 109 -5.84 -1.81 -31.99
C VAL D 109 -4.43 -1.24 -32.01
N ALA D 110 -4.30 0.07 -32.28
CA ALA D 110 -2.97 0.72 -32.46
C ALA D 110 -2.14 0.56 -31.18
N ARG D 111 -2.72 0.81 -30.00
CA ARG D 111 -1.97 0.69 -28.72
C ARG D 111 -1.61 -0.78 -28.49
N ARG D 112 -2.49 -1.72 -28.81
CA ARG D 112 -2.21 -3.16 -28.68
C ARG D 112 -1.01 -3.55 -29.56
N LEU D 113 -0.87 -2.99 -30.77
CA LEU D 113 0.18 -3.38 -31.75
C LEU D 113 1.40 -2.44 -31.72
N GLY D 114 1.47 -1.53 -30.76
CA GLY D 114 2.52 -0.50 -30.62
C GLY D 114 2.69 0.35 -31.88
N LEU D 115 1.58 0.78 -32.50
CA LEU D 115 1.57 1.51 -33.81
C LEU D 115 1.58 3.02 -33.57
N LEU D 116 1.41 3.48 -32.33
CA LEU D 116 1.55 4.90 -31.94
C LEU D 116 2.96 5.13 -31.40
N HIS D 117 3.77 5.88 -32.15
CA HIS D 117 5.17 6.20 -31.80
C HIS D 117 5.24 7.69 -31.49
N ALA D 118 6.41 8.23 -31.14
CA ALA D 118 6.54 9.64 -30.69
C ALA D 118 6.33 10.60 -31.86
N GLU D 119 6.43 10.13 -33.11
CA GLU D 119 6.25 10.95 -34.31
C GLU D 119 4.81 11.53 -34.36
N SER D 120 3.82 10.77 -33.91
CA SER D 120 2.45 11.31 -33.76
C SER D 120 1.77 10.69 -32.56
N ALA D 121 1.24 11.52 -31.66
CA ALA D 121 0.43 11.08 -30.51
C ALA D 121 -0.90 10.50 -31.01
N THR D 122 -1.36 10.90 -32.18
CA THR D 122 -2.76 10.68 -32.64
C THR D 122 -2.86 9.70 -33.83
N HIS D 123 -1.82 9.56 -34.66
CA HIS D 123 -1.88 8.74 -35.89
C HIS D 123 -0.80 7.66 -35.87
N THR D 124 -1.14 6.46 -36.32
CA THR D 124 -0.21 5.33 -36.40
C THR D 124 0.89 5.66 -37.41
N VAL D 125 2.10 5.19 -37.11
CA VAL D 125 3.19 5.07 -38.11
C VAL D 125 2.81 3.98 -39.11
N ARG D 126 3.76 3.56 -39.95
CA ARG D 126 3.56 2.62 -41.07
C ARG D 126 4.04 1.24 -40.61
N GLY D 127 3.30 0.65 -39.68
CA GLY D 127 3.56 -0.70 -39.13
C GLY D 127 3.23 -1.81 -40.10
N VAL D 128 3.96 -2.94 -40.03
CA VAL D 128 3.67 -4.19 -40.78
C VAL D 128 3.79 -5.36 -39.82
N PHE D 129 2.72 -6.14 -39.66
CA PHE D 129 2.69 -7.46 -38.99
C PHE D 129 2.45 -8.54 -40.06
N ILE D 130 3.42 -9.42 -40.23
CA ILE D 130 3.28 -10.59 -41.14
C ILE D 130 2.94 -11.76 -40.24
N VAL D 131 1.77 -12.39 -40.44
CA VAL D 131 1.18 -13.38 -39.51
C VAL D 131 0.93 -14.65 -40.34
N ASP D 132 1.39 -15.82 -39.88
CA ASP D 132 1.31 -17.06 -40.68
C ASP D 132 -0.07 -17.70 -40.47
N ALA D 133 -0.35 -18.80 -41.16
CA ALA D 133 -1.68 -19.48 -41.14
C ALA D 133 -1.98 -20.05 -39.74
N ARG D 134 -1.00 -20.16 -38.86
CA ARG D 134 -1.23 -20.58 -37.44
C ARG D 134 -1.52 -19.35 -36.56
N GLY D 135 -1.57 -18.13 -37.12
CA GLY D 135 -1.82 -16.90 -36.36
C GLY D 135 -0.62 -16.39 -35.58
N VAL D 136 0.59 -16.84 -35.94
CA VAL D 136 1.87 -16.46 -35.25
C VAL D 136 2.49 -15.26 -35.98
N ILE D 137 2.88 -14.22 -35.25
CA ILE D 137 3.66 -13.05 -35.76
C ILE D 137 5.05 -13.56 -36.18
N ARG D 138 5.40 -13.37 -37.45
CA ARG D 138 6.66 -13.89 -38.03
C ARG D 138 7.65 -12.76 -38.28
N THR D 139 7.18 -11.53 -38.45
CA THR D 139 8.06 -10.39 -38.81
C THR D 139 7.28 -9.11 -38.52
N MET D 140 7.98 -8.07 -38.04
CA MET D 140 7.39 -6.76 -37.68
C MET D 140 8.26 -5.65 -38.26
N LEU D 141 7.66 -4.71 -38.99
CA LEU D 141 8.39 -3.54 -39.53
C LEU D 141 7.66 -2.26 -39.10
N TYR D 142 8.43 -1.24 -38.78
CA TYR D 142 7.93 0.09 -38.40
C TYR D 142 8.66 1.12 -39.26
N TYR D 143 7.99 1.54 -40.33
CA TYR D 143 8.38 2.67 -41.19
C TYR D 143 7.68 3.92 -40.69
N PRO D 144 8.30 5.10 -40.93
CA PRO D 144 7.81 6.34 -40.36
C PRO D 144 6.78 7.05 -41.26
N MET D 145 6.30 8.21 -40.84
CA MET D 145 5.27 8.98 -41.60
C MET D 145 5.85 9.37 -42.95
N GLU D 146 7.11 9.77 -42.95
CA GLU D 146 7.72 10.48 -44.11
C GLU D 146 8.30 9.50 -45.16
N LEU D 147 8.17 8.19 -44.97
CA LEU D 147 8.86 7.18 -45.84
C LEU D 147 7.89 6.04 -46.18
N GLY D 148 7.64 5.81 -47.47
CA GLY D 148 6.81 4.69 -47.94
C GLY D 148 7.57 3.39 -47.85
N ARG D 149 6.84 2.30 -47.72
CA ARG D 149 7.43 0.94 -47.68
C ARG D 149 7.80 0.52 -49.09
N LEU D 150 8.72 -0.44 -49.17
CA LEU D 150 9.06 -1.23 -50.37
C LEU D 150 8.21 -2.51 -50.34
N VAL D 151 7.06 -2.48 -50.99
CA VAL D 151 6.09 -3.60 -50.87
C VAL D 151 6.71 -4.89 -51.40
N ASP D 152 7.63 -4.85 -52.38
CA ASP D 152 8.25 -6.08 -52.94
C ASP D 152 9.01 -6.81 -51.81
N GLU D 153 9.58 -6.08 -50.86
CA GLU D 153 10.28 -6.68 -49.71
C GLU D 153 9.28 -7.44 -48.82
N ILE D 154 8.05 -6.95 -48.68
CA ILE D 154 7.01 -7.68 -47.91
C ILE D 154 6.69 -9.00 -48.63
N LEU D 155 6.63 -9.01 -49.96
CA LEU D 155 6.45 -10.26 -50.75
C LEU D 155 7.65 -11.20 -50.58
N ARG D 156 8.87 -10.67 -50.67
CA ARG D 156 10.08 -11.50 -50.53
C ARG D 156 10.05 -12.16 -49.15
N ILE D 157 9.71 -11.42 -48.09
CA ILE D 157 9.67 -11.94 -46.70
C ILE D 157 8.69 -13.12 -46.63
N VAL D 158 7.45 -13.01 -47.11
CA VAL D 158 6.44 -14.11 -46.93
C VAL D 158 6.86 -15.31 -47.79
N LYS D 159 7.41 -15.05 -48.98
CA LYS D 159 7.85 -16.14 -49.90
C LYS D 159 8.99 -16.90 -49.23
N ALA D 160 9.99 -16.18 -48.71
CA ALA D 160 11.20 -16.73 -48.07
C ALA D 160 10.80 -17.53 -46.82
N LEU D 161 9.91 -16.96 -46.01
CA LEU D 161 9.44 -17.59 -44.74
C LEU D 161 8.72 -18.91 -45.09
N LYS D 162 7.76 -18.88 -46.01
CA LYS D 162 6.98 -20.08 -46.44
C LYS D 162 7.93 -21.17 -46.97
N LEU D 163 8.94 -20.78 -47.74
CA LEU D 163 10.06 -21.68 -48.20
C LEU D 163 10.83 -22.27 -47.01
N GLY D 164 11.33 -21.41 -46.12
CA GLY D 164 12.02 -21.81 -44.87
C GLY D 164 11.23 -22.87 -44.12
N ASP D 165 9.95 -22.64 -43.91
CA ASP D 165 9.03 -23.57 -43.20
C ASP D 165 8.93 -24.90 -43.97
N SER D 166 8.69 -24.89 -45.30
CA SER D 166 8.34 -26.12 -46.04
C SER D 166 9.59 -26.98 -46.22
N LEU D 167 10.74 -26.38 -46.46
CA LEU D 167 12.02 -27.10 -46.69
C LEU D 167 12.87 -27.20 -45.41
N LYS D 168 12.41 -26.66 -44.28
CA LYS D 168 13.15 -26.71 -42.98
C LYS D 168 14.53 -26.08 -43.13
N ARG D 169 14.60 -24.83 -43.58
CA ARG D 169 15.89 -24.17 -43.89
C ARG D 169 15.82 -22.74 -43.38
N ALA D 170 16.97 -22.15 -43.09
CA ALA D 170 17.07 -20.71 -42.78
C ALA D 170 17.47 -19.99 -44.08
N VAL D 171 17.11 -18.72 -44.21
CA VAL D 171 17.30 -17.97 -45.48
C VAL D 171 18.44 -16.98 -45.27
N PRO D 172 19.45 -17.00 -46.16
CA PRO D 172 20.61 -16.13 -46.02
C PRO D 172 20.21 -14.70 -46.38
N ALA D 173 21.04 -13.74 -45.98
CA ALA D 173 20.92 -12.30 -46.32
C ALA D 173 20.64 -12.20 -47.83
N ASP D 174 19.73 -11.33 -48.25
CA ASP D 174 19.59 -10.91 -49.68
C ASP D 174 19.17 -12.08 -50.58
N TRP D 175 18.65 -13.17 -50.02
CA TRP D 175 18.15 -14.32 -50.81
C TRP D 175 17.07 -13.83 -51.77
N PRO D 176 17.06 -14.30 -53.05
CA PRO D 176 17.92 -15.37 -53.54
C PRO D 176 19.23 -14.98 -54.22
N ASN D 177 19.70 -13.79 -53.92
CA ASN D 177 20.97 -13.28 -54.49
C ASN D 177 21.99 -13.13 -53.37
N ASN D 178 22.05 -14.08 -52.45
CA ASN D 178 23.07 -14.00 -51.37
C ASN D 178 24.46 -14.04 -51.99
N GLU D 179 25.37 -13.17 -51.59
CA GLU D 179 26.72 -13.08 -52.23
C GLU D 179 27.67 -14.22 -51.83
N ILE D 180 27.31 -15.07 -50.86
CA ILE D 180 28.12 -16.25 -50.47
C ILE D 180 27.54 -17.52 -51.12
N ILE D 181 26.24 -17.78 -50.99
CA ILE D 181 25.66 -19.09 -51.41
C ILE D 181 24.56 -18.87 -52.44
N GLY D 182 24.42 -17.66 -52.97
CA GLY D 182 23.43 -17.34 -54.01
C GLY D 182 22.02 -17.65 -53.57
N GLU D 183 21.40 -18.67 -54.17
CA GLU D 183 20.01 -19.09 -53.84
C GLU D 183 20.03 -20.26 -52.87
N GLY D 184 21.21 -20.68 -52.42
CA GLY D 184 21.37 -21.65 -51.34
C GLY D 184 20.54 -21.29 -50.14
N LEU D 185 20.08 -22.31 -49.43
CA LEU D 185 19.28 -22.23 -48.19
C LEU D 185 20.09 -22.96 -47.12
N ILE D 186 20.00 -22.52 -45.86
CA ILE D 186 20.97 -22.87 -44.78
C ILE D 186 20.35 -23.96 -43.93
N VAL D 187 21.09 -25.03 -43.64
CA VAL D 187 20.64 -26.11 -42.72
C VAL D 187 20.71 -25.54 -41.31
N PRO D 188 19.66 -25.63 -40.47
CA PRO D 188 19.78 -25.21 -39.06
C PRO D 188 21.07 -25.79 -38.49
N PRO D 189 21.97 -24.98 -37.90
CA PRO D 189 23.23 -25.51 -37.36
C PRO D 189 23.06 -26.54 -36.24
N PRO D 190 24.05 -27.43 -36.02
CA PRO D 190 24.03 -28.35 -34.87
C PRO D 190 23.92 -27.58 -33.54
N THR D 191 23.31 -28.17 -32.51
CA THR D 191 23.19 -27.58 -31.14
C THR D 191 24.02 -28.38 -30.12
N THR D 192 24.78 -29.39 -30.57
CA THR D 192 25.64 -30.22 -29.69
C THR D 192 26.91 -30.55 -30.45
N GLU D 193 27.97 -30.92 -29.72
CA GLU D 193 29.27 -31.30 -30.34
C GLU D 193 29.13 -32.62 -31.12
N ASP D 194 28.36 -33.58 -30.58
CA ASP D 194 28.09 -34.88 -31.24
C ASP D 194 27.42 -34.60 -32.60
N GLN D 195 26.37 -33.77 -32.61
CA GLN D 195 25.70 -33.32 -33.86
C GLN D 195 26.71 -32.66 -34.81
N ALA D 196 27.58 -31.77 -34.32
CA ALA D 196 28.55 -31.05 -35.19
C ALA D 196 29.43 -32.10 -35.91
N ARG D 197 30.10 -32.95 -35.14
CA ARG D 197 30.96 -34.06 -35.63
C ARG D 197 30.17 -34.91 -36.67
N ALA D 198 28.96 -35.37 -36.35
CA ALA D 198 28.10 -36.17 -37.25
C ALA D 198 27.91 -35.47 -38.62
N ARG D 199 27.64 -34.14 -38.62
CA ARG D 199 27.44 -33.33 -39.86
C ARG D 199 28.75 -33.23 -40.66
N MET D 200 29.87 -32.94 -40.00
CA MET D 200 31.19 -32.82 -40.67
C MET D 200 31.80 -34.18 -41.08
N GLU D 201 31.12 -35.30 -40.81
CA GLU D 201 31.47 -36.67 -41.30
C GLU D 201 30.42 -37.12 -42.33
N SER D 202 29.19 -36.59 -42.24
CA SER D 202 28.06 -36.71 -43.21
C SER D 202 28.55 -36.61 -44.65
N GLY D 203 29.29 -35.54 -44.99
CA GLY D 203 29.54 -35.13 -46.39
C GLY D 203 28.25 -34.83 -47.16
N GLN D 204 27.09 -34.89 -46.50
CA GLN D 204 25.74 -34.68 -47.08
C GLN D 204 25.54 -33.23 -47.56
N TYR D 205 26.21 -32.24 -46.96
CA TYR D 205 26.01 -30.83 -47.38
C TYR D 205 27.35 -30.19 -47.69
N ARG D 206 27.34 -29.24 -48.61
CA ARG D 206 28.40 -28.21 -48.72
C ARG D 206 28.45 -27.46 -47.39
N SER D 207 29.65 -27.15 -46.91
CA SER D 207 29.92 -26.60 -45.57
C SER D 207 31.11 -25.64 -45.64
N LEU D 208 31.08 -24.59 -44.85
CA LEU D 208 32.25 -23.72 -44.61
C LEU D 208 32.80 -24.07 -43.23
N ASP D 209 31.98 -24.74 -42.42
CA ASP D 209 32.31 -25.13 -41.03
C ASP D 209 31.10 -25.90 -40.51
N TRP D 210 31.22 -26.51 -39.34
CA TRP D 210 30.14 -27.40 -38.79
C TRP D 210 28.86 -26.60 -38.54
N TRP D 211 28.97 -25.28 -38.40
CA TRP D 211 27.78 -24.41 -38.10
C TRP D 211 27.22 -23.77 -39.39
N PHE D 212 27.87 -23.95 -40.53
CA PHE D 212 27.50 -23.27 -41.81
C PHE D 212 27.45 -24.32 -42.91
N SER D 213 26.31 -24.98 -43.03
CA SER D 213 25.97 -25.92 -44.13
C SER D 213 24.77 -25.37 -44.90
N TRP D 214 24.70 -25.65 -46.20
CA TRP D 214 23.56 -25.26 -47.08
C TRP D 214 23.48 -26.20 -48.29
N ASP D 215 22.30 -26.23 -48.92
CA ASP D 215 22.03 -26.96 -50.17
C ASP D 215 21.11 -26.06 -51.01
N THR D 216 20.63 -26.55 -52.15
CA THR D 216 19.79 -25.73 -53.08
C THR D 216 18.49 -26.50 -53.33
N PRO D 217 17.62 -26.62 -52.31
CA PRO D 217 16.40 -27.40 -52.43
C PRO D 217 15.19 -26.62 -52.95
N ALA D 218 15.35 -25.31 -53.19
CA ALA D 218 14.28 -24.43 -53.70
C ALA D 218 14.13 -24.73 -55.20
N SER D 219 12.91 -24.88 -55.70
CA SER D 219 12.63 -25.04 -57.16
C SER D 219 13.15 -23.79 -57.90
N ARG D 220 13.49 -23.92 -59.19
CA ARG D 220 13.87 -22.77 -60.06
C ARG D 220 12.72 -21.75 -60.00
N ASP D 221 11.47 -22.23 -59.95
CA ASP D 221 10.24 -21.37 -59.96
C ASP D 221 10.22 -20.52 -58.69
N ASP D 222 10.54 -21.12 -57.55
CA ASP D 222 10.56 -20.45 -56.22
C ASP D 222 11.63 -19.36 -56.27
N VAL D 223 12.83 -19.69 -56.75
CA VAL D 223 13.97 -18.73 -56.82
C VAL D 223 13.61 -17.57 -57.73
N GLU D 224 13.06 -17.83 -58.93
CA GLU D 224 12.82 -16.77 -59.95
C GLU D 224 11.60 -15.94 -59.55
N GLU D 225 10.57 -16.54 -58.95
CA GLU D 225 9.43 -15.81 -58.33
C GLU D 225 9.98 -14.78 -57.34
N ALA D 226 10.86 -15.18 -56.43
CA ALA D 226 11.40 -14.30 -55.38
C ALA D 226 12.27 -13.25 -56.04
N ARG D 227 13.04 -13.62 -57.05
CA ARG D 227 13.95 -12.66 -57.71
C ARG D 227 13.11 -11.63 -58.49
N ARG D 228 11.98 -12.09 -59.06
CA ARG D 228 11.04 -11.25 -59.86
C ARG D 228 10.54 -10.08 -58.96
N TYR D 229 10.28 -10.34 -57.68
CA TYR D 229 9.82 -9.30 -56.72
C TYR D 229 10.87 -8.21 -56.72
N LEU D 230 12.13 -8.61 -56.60
CA LEU D 230 13.24 -7.63 -56.46
C LEU D 230 13.42 -6.90 -57.80
N ARG D 231 13.34 -7.61 -58.93
CA ARG D 231 13.53 -6.96 -60.26
C ARG D 231 12.41 -5.93 -60.42
N ARG D 232 11.18 -6.26 -60.02
CA ARG D 232 10.08 -5.27 -60.09
C ARG D 232 10.46 -4.01 -59.29
N ALA D 233 10.99 -4.15 -58.09
CA ALA D 233 11.32 -3.00 -57.21
C ALA D 233 12.41 -2.18 -57.88
N ALA D 234 13.35 -2.85 -58.55
CA ALA D 234 14.55 -2.21 -59.14
C ALA D 234 14.21 -1.51 -60.48
N GLU D 235 13.12 -1.86 -61.11
CA GLU D 235 12.78 -1.47 -62.50
C GLU D 235 12.06 -0.11 -62.50
N LYS D 236 12.55 0.85 -63.29
CA LYS D 236 11.88 2.16 -63.60
C LYS D 236 10.54 1.84 -64.24
N PRO D 237 9.37 2.32 -63.72
CA PRO D 237 8.07 1.92 -64.24
C PRO D 237 7.90 2.33 -65.72
N ALA D 238 7.14 1.54 -66.48
CA ALA D 238 6.92 1.72 -67.93
C ALA D 238 6.04 2.95 -68.15
N LYS D 239 4.84 2.94 -67.57
CA LYS D 239 3.89 4.07 -67.63
C LYS D 239 3.48 4.47 -66.21
N LEU D 240 3.85 5.69 -65.82
CA LEU D 240 3.45 6.36 -64.55
C LEU D 240 1.94 6.61 -64.58
N LEU D 241 1.25 6.22 -63.49
CA LEU D 241 -0.23 6.26 -63.39
C LEU D 241 -0.73 7.71 -63.28
N TYR D 242 0.13 8.69 -62.97
CA TYR D 242 -0.32 10.11 -62.81
C TYR D 242 -0.68 10.67 -64.19
N GLU D 243 -0.01 10.22 -65.26
CA GLU D 243 -0.20 10.72 -66.65
C GLU D 243 -1.65 10.50 -67.09
N GLU D 244 -2.23 9.36 -66.72
CA GLU D 244 -3.57 8.86 -67.17
C GLU D 244 -4.57 9.01 -66.03
N ALA D 245 -4.57 10.18 -65.35
CA ALA D 245 -5.30 10.45 -64.09
C ALA D 245 -5.62 11.94 -63.97
N PRO E 2 1.62 -11.96 23.21
CA PRO E 2 1.26 -10.56 23.53
C PRO E 2 2.25 -9.89 24.50
N GLY E 3 2.23 -8.55 24.57
CA GLY E 3 2.86 -7.75 25.65
C GLY E 3 4.22 -7.17 25.32
N SER E 4 4.38 -5.86 25.52
CA SER E 4 5.67 -5.11 25.39
C SER E 4 6.03 -4.46 26.73
N ILE E 5 7.32 -4.13 26.92
CA ILE E 5 7.86 -3.51 28.16
C ILE E 5 9.01 -2.59 27.80
N PRO E 6 9.47 -1.72 28.73
CA PRO E 6 10.76 -1.06 28.60
C PRO E 6 11.73 -2.06 29.26
N LEU E 7 13.04 -1.76 29.25
CA LEU E 7 14.05 -2.81 29.46
C LEU E 7 15.14 -2.32 30.42
N ILE E 8 15.74 -3.26 31.14
CA ILE E 8 16.88 -2.96 32.03
C ILE E 8 17.94 -2.28 31.18
N GLY E 9 18.52 -1.19 31.68
CA GLY E 9 19.53 -0.39 30.96
C GLY E 9 18.92 0.77 30.21
N GLU E 10 17.61 0.77 29.97
CA GLU E 10 16.94 1.92 29.33
C GLU E 10 16.56 2.96 30.39
N ARG E 11 16.50 4.22 29.97
CA ARG E 11 15.96 5.33 30.79
C ARG E 11 14.48 5.04 31.02
N PHE E 12 13.98 5.17 32.25
CA PHE E 12 12.52 5.10 32.53
C PHE E 12 11.85 6.05 31.54
N PRO E 13 10.75 5.64 30.87
CA PRO E 13 10.14 6.48 29.84
C PRO E 13 9.63 7.81 30.41
N GLU E 14 10.00 8.93 29.78
CA GLU E 14 9.50 10.29 30.15
C GLU E 14 7.97 10.27 30.21
N MET E 15 7.36 10.66 31.33
CA MET E 15 5.88 10.73 31.40
C MET E 15 5.47 11.62 32.56
N GLU E 16 4.34 12.29 32.40
CA GLU E 16 3.66 13.00 33.52
C GLU E 16 2.60 12.03 34.04
N VAL E 17 2.55 11.81 35.33
CA VAL E 17 1.53 10.93 35.96
C VAL E 17 0.78 11.74 37.01
N THR E 18 -0.50 11.45 37.17
CA THR E 18 -1.30 12.01 38.30
C THR E 18 -1.24 11.05 39.48
N THR E 19 -0.82 11.57 40.63
CA THR E 19 -0.75 10.85 41.91
C THR E 19 -1.67 11.55 42.93
N ASP E 20 -1.99 10.84 44.01
CA ASP E 20 -2.73 11.35 45.19
C ASP E 20 -1.89 12.38 45.95
N HIS E 21 -0.67 12.72 45.50
CA HIS E 21 0.21 13.79 46.06
C HIS E 21 0.37 14.94 45.04
N GLY E 22 -0.20 14.82 43.85
CA GLY E 22 -0.07 15.81 42.77
C GLY E 22 0.51 15.18 41.51
N VAL E 23 0.67 16.00 40.47
CA VAL E 23 1.24 15.64 39.14
C VAL E 23 2.75 15.66 39.28
N ILE E 24 3.43 14.66 38.74
CA ILE E 24 4.92 14.61 38.79
C ILE E 24 5.43 14.10 37.47
N LYS E 25 6.61 14.58 37.05
CA LYS E 25 7.27 14.05 35.85
C LYS E 25 8.14 12.87 36.29
N LEU E 26 7.99 11.73 35.63
CA LEU E 26 8.88 10.55 35.81
C LEU E 26 9.85 10.51 34.65
N PRO E 27 11.14 10.16 34.86
CA PRO E 27 11.72 10.00 36.20
C PRO E 27 12.34 11.27 36.82
N ASP E 28 12.27 12.39 36.09
CA ASP E 28 12.89 13.71 36.43
C ASP E 28 12.63 14.10 37.90
N HIS E 29 11.42 13.89 38.43
CA HIS E 29 11.06 14.30 39.82
C HIS E 29 12.06 13.71 40.81
N TYR E 30 12.45 12.44 40.60
CA TYR E 30 13.37 11.71 41.51
C TYR E 30 14.83 11.97 41.14
N VAL E 31 15.18 11.94 39.85
CA VAL E 31 16.55 12.24 39.31
C VAL E 31 17.01 13.59 39.85
N SER E 32 16.17 14.63 39.71
CA SER E 32 16.38 16.00 40.27
C SER E 32 16.86 15.97 41.72
N GLN E 33 16.47 15.00 42.53
CA GLN E 33 16.78 14.95 43.98
C GLN E 33 17.91 13.96 44.28
N GLY E 34 18.54 13.39 43.25
CA GLY E 34 19.51 12.28 43.40
C GLY E 34 18.88 11.07 44.09
N LYS E 35 17.57 10.81 43.87
CA LYS E 35 16.89 9.63 44.47
C LYS E 35 16.70 8.53 43.43
N TRP E 36 16.92 7.30 43.86
CA TRP E 36 16.34 6.10 43.21
C TRP E 36 14.84 6.07 43.51
N PHE E 37 14.04 5.40 42.68
CA PHE E 37 12.65 5.08 43.07
C PHE E 37 12.28 3.68 42.65
N VAL E 38 11.46 3.04 43.48
CA VAL E 38 10.74 1.80 43.13
C VAL E 38 9.31 2.17 42.77
N LEU E 39 8.96 2.05 41.48
CA LEU E 39 7.56 2.09 41.06
C LEU E 39 7.02 0.66 41.13
N PHE E 40 5.91 0.45 41.81
CA PHE E 40 5.24 -0.86 41.85
C PHE E 40 3.75 -0.62 41.59
N SER E 41 3.08 -1.68 41.12
CA SER E 41 1.65 -1.65 40.72
C SER E 41 0.87 -2.66 41.57
N HIS E 42 -0.43 -2.47 41.67
CA HIS E 42 -1.38 -3.45 42.26
C HIS E 42 -2.66 -3.31 41.45
N PRO E 43 -3.48 -4.37 41.39
CA PRO E 43 -4.63 -4.40 40.49
C PRO E 43 -5.70 -3.34 40.78
N ALA E 44 -6.08 -3.16 42.04
CA ALA E 44 -7.19 -2.29 42.43
C ALA E 44 -7.09 -1.95 43.91
N ASP E 45 -7.58 -0.75 44.26
CA ASP E 45 -7.76 -0.28 45.65
C ASP E 45 -8.76 -1.19 46.35
N PHE E 46 -8.65 -1.29 47.68
CA PHE E 46 -9.58 -2.08 48.52
C PHE E 46 -9.56 -3.53 48.03
N THR E 47 -8.34 -4.04 47.83
CA THR E 47 -8.03 -5.46 47.59
C THR E 47 -7.11 -5.94 48.70
N PRO E 48 -7.34 -7.18 49.20
CA PRO E 48 -6.66 -7.68 50.40
C PRO E 48 -5.14 -7.89 50.28
N VAL E 49 -4.66 -8.60 49.26
CA VAL E 49 -3.19 -8.80 49.04
C VAL E 49 -2.55 -7.42 48.85
N SER E 50 -3.11 -6.58 47.97
CA SER E 50 -2.57 -5.23 47.72
C SER E 50 -2.47 -4.49 49.05
N THR E 51 -3.45 -4.64 49.95
CA THR E 51 -3.44 -3.92 51.25
C THR E 51 -2.23 -4.42 52.05
N THR E 52 -2.01 -5.72 52.13
CA THR E 52 -0.87 -6.30 52.91
C THR E 52 0.44 -5.75 52.37
N GLU E 53 0.54 -5.54 51.06
CA GLU E 53 1.81 -5.10 50.43
C GLU E 53 2.03 -3.63 50.75
N PHE E 54 0.96 -2.82 50.71
CA PHE E 54 1.04 -1.37 51.05
C PHE E 54 1.56 -1.21 52.49
N VAL E 55 1.03 -2.01 53.40
CA VAL E 55 1.47 -2.00 54.84
C VAL E 55 2.92 -2.47 54.94
N SER E 56 3.30 -3.52 54.20
CA SER E 56 4.69 -4.03 54.21
C SER E 56 5.65 -2.90 53.78
N PHE E 57 5.35 -2.25 52.67
CA PHE E 57 6.18 -1.12 52.12
C PHE E 57 6.24 0.02 53.15
N ALA E 58 5.11 0.36 53.75
CA ALA E 58 4.99 1.49 54.72
C ALA E 58 5.85 1.16 55.94
N ARG E 59 5.78 -0.07 56.42
CA ARG E 59 6.60 -0.47 57.59
C ARG E 59 8.08 -0.36 57.22
N ARG E 60 8.43 -0.51 55.94
CA ARG E 60 9.85 -0.57 55.52
C ARG E 60 10.26 0.77 54.97
N TYR E 61 9.40 1.77 55.08
CA TYR E 61 9.59 3.13 54.50
C TYR E 61 10.94 3.74 54.93
N GLU E 62 11.24 3.67 56.23
CA GLU E 62 12.49 4.18 56.82
C GLU E 62 13.68 3.47 56.16
N ASP E 63 13.57 2.14 55.95
CA ASP E 63 14.64 1.31 55.32
C ASP E 63 14.90 1.83 53.90
N PHE E 64 13.85 2.14 53.13
CA PHE E 64 13.99 2.70 51.75
C PHE E 64 14.64 4.09 51.83
N GLN E 65 14.25 4.90 52.83
CA GLN E 65 14.74 6.31 52.95
C GLN E 65 16.22 6.29 53.32
N ARG E 66 16.66 5.34 54.15
CA ARG E 66 18.10 5.19 54.51
C ARG E 66 18.92 5.05 53.20
N LEU E 67 18.44 4.22 52.26
CA LEU E 67 19.15 3.90 50.98
C LEU E 67 19.00 5.02 49.96
N GLY E 68 18.21 6.05 50.26
CA GLY E 68 17.97 7.16 49.31
C GLY E 68 17.02 6.71 48.22
N VAL E 69 16.03 5.88 48.59
CA VAL E 69 15.02 5.32 47.65
C VAL E 69 13.61 5.83 48.02
N ASP E 70 12.90 6.39 47.07
CA ASP E 70 11.46 6.73 47.20
C ASP E 70 10.59 5.60 46.64
N LEU E 71 9.36 5.54 47.14
CA LEU E 71 8.33 4.57 46.71
C LEU E 71 7.24 5.31 45.96
N ILE E 72 6.68 4.67 44.92
CA ILE E 72 5.50 5.20 44.21
C ILE E 72 4.69 4.02 43.69
N GLY E 73 3.42 3.94 44.09
CA GLY E 73 2.50 2.87 43.66
C GLY E 73 1.77 3.27 42.37
N LEU E 74 0.94 2.36 41.86
CA LEU E 74 0.18 2.53 40.59
C LEU E 74 -0.99 1.55 40.64
N SER E 75 -2.20 2.06 40.36
CA SER E 75 -3.33 1.21 39.90
C SER E 75 -4.22 2.01 38.94
N VAL E 76 -5.22 1.36 38.36
CA VAL E 76 -6.11 1.98 37.34
C VAL E 76 -7.22 2.77 38.05
N ASP E 77 -7.31 2.70 39.38
CA ASP E 77 -8.28 3.44 40.22
C ASP E 77 -7.87 4.92 40.28
N SER E 78 -8.84 5.78 40.59
CA SER E 78 -8.65 7.25 40.60
C SER E 78 -8.12 7.72 41.95
N VAL E 79 -7.57 8.93 41.95
CA VAL E 79 -6.98 9.64 43.12
C VAL E 79 -7.91 9.55 44.34
N CYS E 80 -9.21 9.83 44.20
CA CYS E 80 -10.14 9.92 45.35
C CYS E 80 -10.21 8.55 46.02
N SER E 81 -10.28 7.48 45.22
CA SER E 81 -10.28 6.07 45.68
C SER E 81 -8.94 5.77 46.36
N HIS E 82 -7.82 6.22 45.80
CA HIS E 82 -6.50 6.10 46.47
C HIS E 82 -6.60 6.68 47.89
N ILE E 83 -7.16 7.89 48.03
CA ILE E 83 -7.13 8.63 49.33
C ILE E 83 -8.08 7.94 50.30
N LYS E 84 -9.26 7.51 49.85
CA LYS E 84 -10.25 6.77 50.69
C LYS E 84 -9.64 5.45 51.16
N TRP E 85 -8.88 4.77 50.30
CA TRP E 85 -8.20 3.49 50.65
C TRP E 85 -7.08 3.77 51.65
N LYS E 86 -6.32 4.83 51.45
CA LYS E 86 -5.26 5.23 52.41
C LYS E 86 -5.89 5.46 53.79
N GLU E 87 -7.03 6.16 53.83
CA GLU E 87 -7.75 6.49 55.09
C GLU E 87 -8.20 5.19 55.77
N TRP E 88 -8.82 4.26 55.02
CA TRP E 88 -9.27 2.94 55.57
C TRP E 88 -8.08 2.19 56.21
N ILE E 89 -6.91 2.15 55.55
CA ILE E 89 -5.70 1.49 56.10
C ILE E 89 -5.25 2.20 57.40
N GLU E 90 -5.27 3.53 57.46
CA GLU E 90 -4.82 4.28 58.67
C GLU E 90 -5.79 3.96 59.80
N ARG E 91 -7.08 4.03 59.50
CA ARG E 91 -8.19 3.85 60.47
C ARG E 91 -8.21 2.39 60.98
N HIS E 92 -8.18 1.39 60.11
CA HIS E 92 -8.48 -0.02 60.49
C HIS E 92 -7.21 -0.78 60.86
N ILE E 93 -6.05 -0.50 60.25
CA ILE E 93 -4.78 -1.24 60.54
C ILE E 93 -3.82 -0.36 61.37
N GLY E 94 -4.00 0.96 61.37
CA GLY E 94 -3.20 1.86 62.21
C GLY E 94 -1.88 2.21 61.54
N VAL E 95 -1.81 2.12 60.21
CA VAL E 95 -0.56 2.38 59.44
C VAL E 95 -0.84 3.47 58.40
N ARG E 96 -0.12 4.58 58.48
CA ARG E 96 -0.15 5.66 57.46
C ARG E 96 0.66 5.15 56.25
N ILE E 97 0.12 5.33 55.04
CA ILE E 97 0.88 5.13 53.77
C ILE E 97 1.44 6.49 53.36
N PRO E 98 2.76 6.76 53.51
CA PRO E 98 3.29 8.09 53.26
C PRO E 98 3.65 8.39 51.80
N PHE E 99 3.70 7.39 50.92
CA PHE E 99 4.22 7.57 49.53
C PHE E 99 3.04 7.72 48.57
N PRO E 100 3.26 8.44 47.43
CA PRO E 100 2.23 8.64 46.42
C PRO E 100 1.78 7.35 45.74
N ILE E 101 0.54 7.36 45.24
CA ILE E 101 -0.01 6.32 44.33
C ILE E 101 -0.40 7.02 43.04
N ILE E 102 0.13 6.55 41.92
CA ILE E 102 -0.32 6.97 40.58
C ILE E 102 -1.76 6.49 40.34
N ALA E 103 -2.62 7.36 39.80
CA ALA E 103 -3.95 7.00 39.24
C ALA E 103 -3.79 6.79 37.73
N ASP E 104 -4.17 5.62 37.21
CA ASP E 104 -3.94 5.26 35.79
C ASP E 104 -5.22 4.75 35.14
N PRO E 105 -6.35 5.49 35.27
CA PRO E 105 -7.65 4.99 34.81
C PRO E 105 -7.73 4.60 33.32
N GLN E 106 -6.97 5.19 32.42
CA GLN E 106 -7.08 4.66 31.02
C GLN E 106 -6.01 3.58 30.74
N GLY E 107 -5.13 3.24 31.69
CA GLY E 107 -4.07 2.23 31.48
C GLY E 107 -2.92 2.77 30.64
N THR E 108 -2.83 4.09 30.52
CA THR E 108 -1.78 4.79 29.75
C THR E 108 -0.42 4.35 30.30
N VAL E 109 -0.19 4.50 31.61
CA VAL E 109 1.11 4.13 32.25
C VAL E 109 1.20 2.59 32.20
N ALA E 110 0.11 1.88 32.48
CA ALA E 110 0.10 0.41 32.53
C ALA E 110 0.58 -0.16 31.19
N ARG E 111 0.10 0.35 30.05
CA ARG E 111 0.46 -0.20 28.71
C ARG E 111 1.93 0.15 28.42
N ARG E 112 2.37 1.32 28.78
CA ARG E 112 3.78 1.73 28.58
C ARG E 112 4.74 0.78 29.33
N LEU E 113 4.40 0.33 30.55
CA LEU E 113 5.31 -0.45 31.43
C LEU E 113 5.03 -1.94 31.36
N GLY E 114 4.13 -2.37 30.47
CA GLY E 114 3.69 -3.78 30.27
C GLY E 114 3.09 -4.40 31.53
N LEU E 115 2.21 -3.67 32.22
CA LEU E 115 1.66 -4.15 33.52
C LEU E 115 0.33 -4.87 33.30
N LEU E 116 -0.12 -4.95 32.05
CA LEU E 116 -1.40 -5.61 31.69
C LEU E 116 -1.05 -6.97 31.09
N HIS E 117 -1.18 -8.01 31.87
CA HIS E 117 -0.84 -9.39 31.49
C HIS E 117 -2.18 -10.08 31.22
N ALA E 118 -2.15 -11.35 30.86
CA ALA E 118 -3.33 -12.14 30.42
C ALA E 118 -4.27 -12.45 31.60
N GLU E 119 -3.79 -12.40 32.85
CA GLU E 119 -4.63 -12.66 34.06
C GLU E 119 -5.77 -11.64 34.13
N SER E 120 -5.62 -10.44 33.58
CA SER E 120 -6.69 -9.40 33.57
C SER E 120 -6.40 -8.36 32.49
N ALA E 121 -7.38 -8.12 31.62
CA ALA E 121 -7.32 -7.16 30.51
C ALA E 121 -7.42 -5.73 31.05
N THR E 122 -7.85 -5.54 32.31
CA THR E 122 -8.28 -4.22 32.86
C THR E 122 -7.47 -3.79 34.08
N HIS E 123 -6.93 -4.74 34.83
CA HIS E 123 -6.15 -4.45 36.05
C HIS E 123 -4.74 -4.99 35.88
N THR E 124 -3.83 -4.17 36.35
CA THR E 124 -2.37 -4.30 36.45
C THR E 124 -2.02 -5.49 37.36
N VAL E 125 -1.09 -6.35 36.93
CA VAL E 125 -0.41 -7.34 37.79
C VAL E 125 0.47 -6.59 38.78
N ARG E 126 1.28 -7.32 39.55
CA ARG E 126 2.08 -6.76 40.67
C ARG E 126 3.48 -6.46 40.13
N GLY E 127 3.60 -5.48 39.24
CA GLY E 127 4.87 -5.06 38.64
C GLY E 127 5.78 -4.34 39.63
N VAL E 128 7.09 -4.41 39.42
CA VAL E 128 8.10 -3.64 40.21
C VAL E 128 9.19 -3.16 39.24
N PHE E 129 9.41 -1.85 39.18
CA PHE E 129 10.47 -1.17 38.41
C PHE E 129 11.42 -0.48 39.39
N ILE E 130 12.68 -0.92 39.41
CA ILE E 130 13.76 -0.30 40.23
C ILE E 130 14.58 0.63 39.34
N VAL E 131 14.52 1.92 39.64
CA VAL E 131 15.07 3.00 38.78
C VAL E 131 16.11 3.73 39.62
N ASP E 132 17.30 3.94 39.07
CA ASP E 132 18.44 4.56 39.80
C ASP E 132 18.33 6.09 39.68
N ALA E 133 19.25 6.81 40.29
CA ALA E 133 19.27 8.28 40.40
C ALA E 133 19.58 8.91 39.05
N ARG E 134 19.85 8.09 38.03
CA ARG E 134 20.10 8.58 36.65
C ARG E 134 18.83 8.38 35.82
N GLY E 135 17.81 7.74 36.41
CA GLY E 135 16.54 7.42 35.72
C GLY E 135 16.64 6.15 34.91
N VAL E 136 17.63 5.28 35.17
CA VAL E 136 17.83 4.03 34.37
C VAL E 136 17.13 2.87 35.09
N ILE E 137 16.40 2.06 34.32
CA ILE E 137 15.71 0.85 34.84
C ILE E 137 16.78 -0.19 35.16
N ARG E 138 16.80 -0.69 36.40
CA ARG E 138 17.90 -1.54 36.94
C ARG E 138 17.41 -2.97 37.12
N THR E 139 16.10 -3.18 37.27
CA THR E 139 15.51 -4.50 37.63
C THR E 139 14.00 -4.39 37.47
N MET E 140 13.38 -5.46 37.03
CA MET E 140 11.92 -5.49 36.78
C MET E 140 11.42 -6.83 37.27
N LEU E 141 10.39 -6.81 38.10
CA LEU E 141 9.68 -8.01 38.62
C LEU E 141 8.20 -7.90 38.22
N TYR E 142 7.60 -9.04 37.87
CA TYR E 142 6.16 -9.18 37.56
C TYR E 142 5.62 -10.33 38.40
N TYR E 143 5.05 -9.99 39.56
CA TYR E 143 4.29 -10.93 40.41
C TYR E 143 2.85 -10.90 39.95
N PRO E 144 2.10 -12.02 40.17
CA PRO E 144 0.72 -12.11 39.72
C PRO E 144 -0.31 -11.62 40.75
N MET E 145 -1.60 -11.71 40.40
CA MET E 145 -2.72 -11.26 41.27
C MET E 145 -2.67 -12.04 42.59
N GLU E 146 -2.36 -13.33 42.54
CA GLU E 146 -2.67 -14.29 43.65
C GLU E 146 -1.51 -14.34 44.66
N LEU E 147 -0.41 -13.63 44.40
CA LEU E 147 0.84 -13.80 45.20
C LEU E 147 1.41 -12.42 45.53
N GLY E 148 1.49 -12.12 46.84
CA GLY E 148 2.13 -10.91 47.37
C GLY E 148 3.63 -11.01 47.25
N ARG E 149 4.27 -9.87 47.06
CA ARG E 149 5.73 -9.70 46.95
C ARG E 149 6.37 -9.90 48.32
N LEU E 150 7.67 -10.21 48.28
CA LEU E 150 8.61 -10.23 49.42
C LEU E 150 9.36 -8.89 49.43
N VAL E 151 8.91 -7.94 50.23
CA VAL E 151 9.38 -6.55 50.10
C VAL E 151 10.85 -6.50 50.52
N ASP E 152 11.26 -7.37 51.45
CA ASP E 152 12.68 -7.44 51.89
C ASP E 152 13.59 -7.78 50.70
N GLU E 153 13.10 -8.56 49.73
CA GLU E 153 13.92 -8.83 48.52
C GLU E 153 14.10 -7.53 47.74
N ILE E 154 13.09 -6.66 47.72
CA ILE E 154 13.19 -5.36 46.98
C ILE E 154 14.25 -4.46 47.64
N LEU E 155 14.31 -4.44 48.98
CA LEU E 155 15.36 -3.72 49.74
C LEU E 155 16.74 -4.29 49.42
N ARG E 156 16.88 -5.61 49.50
CA ARG E 156 18.16 -6.30 49.20
C ARG E 156 18.63 -5.96 47.79
N ILE E 157 17.73 -5.94 46.81
CA ILE E 157 18.07 -5.62 45.40
C ILE E 157 18.63 -4.20 45.38
N VAL E 158 17.90 -3.22 45.90
CA VAL E 158 18.38 -1.81 45.79
C VAL E 158 19.71 -1.67 46.54
N LYS E 159 19.78 -2.21 47.75
CA LYS E 159 21.02 -2.15 48.55
C LYS E 159 22.19 -2.73 47.74
N ALA E 160 22.00 -3.95 47.21
CA ALA E 160 23.06 -4.72 46.51
C ALA E 160 23.48 -3.99 45.22
N LEU E 161 22.51 -3.42 44.50
CA LEU E 161 22.75 -2.61 43.28
C LEU E 161 23.62 -1.41 43.63
N LYS E 162 23.26 -0.64 44.68
CA LYS E 162 23.93 0.63 45.02
C LYS E 162 25.37 0.32 45.45
N LEU E 163 25.50 -0.79 46.15
CA LEU E 163 26.80 -1.33 46.62
C LEU E 163 27.64 -1.72 45.39
N GLY E 164 27.07 -2.50 44.46
CA GLY E 164 27.76 -2.83 43.21
C GLY E 164 28.25 -1.56 42.51
N ASP E 165 27.39 -0.56 42.39
CA ASP E 165 27.73 0.70 41.71
C ASP E 165 28.85 1.40 42.47
N SER E 166 28.78 1.46 43.81
CA SER E 166 29.74 2.29 44.57
C SER E 166 31.09 1.57 44.59
N LEU E 167 31.12 0.24 44.63
CA LEU E 167 32.40 -0.51 44.80
C LEU E 167 32.89 -1.08 43.46
N LYS E 168 32.18 -0.84 42.37
CA LYS E 168 32.50 -1.37 41.00
C LYS E 168 32.61 -2.88 41.07
N ARG E 169 31.57 -3.54 41.57
CA ARG E 169 31.58 -4.99 41.82
C ARG E 169 30.25 -5.55 41.35
N ALA E 170 30.25 -6.84 41.02
CA ALA E 170 29.05 -7.62 40.73
C ALA E 170 28.70 -8.38 42.00
N VAL E 171 27.43 -8.70 42.20
CA VAL E 171 26.95 -9.26 43.49
C VAL E 171 26.54 -10.70 43.24
N PRO E 172 27.11 -11.65 44.01
CA PRO E 172 26.84 -13.06 43.81
C PRO E 172 25.44 -13.45 44.27
N ALA E 173 25.01 -14.61 43.81
CA ALA E 173 23.72 -15.20 44.22
C ALA E 173 23.61 -15.11 45.76
N ASP E 174 22.41 -14.81 46.26
CA ASP E 174 22.04 -15.01 47.69
C ASP E 174 22.85 -14.09 48.62
N TRP E 175 23.55 -13.11 48.05
CA TRP E 175 24.38 -12.15 48.83
C TRP E 175 23.50 -11.47 49.87
N PRO E 176 23.97 -11.29 51.13
CA PRO E 176 25.36 -11.52 51.53
C PRO E 176 25.69 -12.89 52.14
N ASN E 177 24.88 -13.90 51.86
CA ASN E 177 25.00 -15.28 52.39
C ASN E 177 25.28 -16.22 51.22
N ASN E 178 26.19 -15.83 50.32
CA ASN E 178 26.53 -16.66 49.13
C ASN E 178 27.31 -17.90 49.57
N GLU E 179 26.91 -19.06 49.07
CA GLU E 179 27.45 -20.37 49.51
C GLU E 179 28.90 -20.56 49.08
N ILE E 180 29.40 -19.81 48.10
CA ILE E 180 30.81 -19.95 47.64
C ILE E 180 31.69 -18.91 48.32
N ILE E 181 31.30 -17.62 48.31
CA ILE E 181 32.19 -16.52 48.75
C ILE E 181 31.52 -15.67 49.85
N GLY E 182 30.41 -16.13 50.42
CA GLY E 182 29.73 -15.45 51.55
C GLY E 182 29.24 -14.06 51.19
N GLU E 183 29.91 -13.05 51.73
CA GLU E 183 29.61 -11.61 51.59
C GLU E 183 30.64 -10.98 50.65
N GLY E 184 31.49 -11.81 50.05
CA GLY E 184 32.39 -11.38 48.97
C GLY E 184 31.61 -10.83 47.79
N LEU E 185 32.22 -9.87 47.11
CA LEU E 185 31.71 -9.20 45.89
C LEU E 185 32.69 -9.52 44.76
N ILE E 186 32.16 -9.70 43.56
CA ILE E 186 32.89 -10.23 42.37
C ILE E 186 33.48 -9.05 41.60
N VAL E 187 34.75 -9.17 41.22
CA VAL E 187 35.44 -8.19 40.33
C VAL E 187 34.88 -8.47 38.92
N PRO E 188 34.38 -7.46 38.16
CA PRO E 188 33.92 -7.72 36.80
C PRO E 188 35.01 -8.43 36.01
N PRO E 189 34.71 -9.55 35.32
CA PRO E 189 35.74 -10.35 34.66
C PRO E 189 36.46 -9.65 33.53
N PRO E 190 37.67 -10.13 33.17
CA PRO E 190 38.42 -9.61 32.03
C PRO E 190 37.61 -9.81 30.75
N THR E 191 37.78 -8.94 29.76
CA THR E 191 37.10 -9.04 28.44
C THR E 191 38.10 -9.33 27.32
N THR E 192 39.41 -9.37 27.63
CA THR E 192 40.48 -9.66 26.64
C THR E 192 41.46 -10.68 27.22
N GLU E 193 42.23 -11.35 26.37
CA GLU E 193 43.32 -12.27 26.81
C GLU E 193 44.37 -11.48 27.61
N ASP E 194 44.81 -10.30 27.13
CA ASP E 194 45.83 -9.47 27.83
C ASP E 194 45.33 -9.13 29.25
N GLN E 195 44.09 -8.68 29.42
CA GLN E 195 43.47 -8.45 30.76
C GLN E 195 43.44 -9.75 31.57
N ALA E 196 43.11 -10.89 30.96
CA ALA E 196 43.01 -12.16 31.70
C ALA E 196 44.40 -12.51 32.26
N ARG E 197 45.44 -12.39 31.44
CA ARG E 197 46.86 -12.68 31.83
C ARG E 197 47.29 -11.70 32.94
N ALA E 198 47.14 -10.39 32.73
CA ALA E 198 47.43 -9.30 33.71
C ALA E 198 46.77 -9.62 35.06
N ARG E 199 45.48 -9.97 35.05
CA ARG E 199 44.70 -10.37 36.26
C ARG E 199 45.37 -11.58 36.93
N MET E 200 45.51 -12.70 36.23
CA MET E 200 46.03 -13.97 36.81
C MET E 200 47.48 -13.78 37.30
N GLU E 201 48.13 -12.65 37.03
CA GLU E 201 49.57 -12.39 37.35
C GLU E 201 49.71 -11.50 38.59
N SER E 202 48.90 -10.45 38.71
CA SER E 202 48.96 -9.45 39.83
C SER E 202 48.77 -10.16 41.19
N GLY E 203 48.09 -11.32 41.24
CA GLY E 203 47.68 -11.98 42.50
C GLY E 203 46.97 -11.00 43.44
N GLN E 204 46.35 -9.96 42.89
CA GLN E 204 45.69 -8.84 43.60
C GLN E 204 44.41 -9.32 44.31
N TYR E 205 43.80 -10.42 43.86
CA TYR E 205 42.50 -10.93 44.37
C TYR E 205 42.58 -12.43 44.63
N ARG E 206 41.71 -12.91 45.52
CA ARG E 206 41.30 -14.34 45.51
C ARG E 206 40.63 -14.61 44.15
N SER E 207 40.99 -15.73 43.54
CA SER E 207 40.60 -16.17 42.17
C SER E 207 40.25 -17.65 42.21
N LEU E 208 39.18 -18.08 41.58
CA LEU E 208 38.98 -19.52 41.26
C LEU E 208 39.47 -19.76 39.81
N ASP E 209 39.62 -18.70 39.02
CA ASP E 209 40.13 -18.71 37.62
C ASP E 209 40.21 -17.23 37.19
N TRP E 210 40.76 -16.93 36.01
CA TRP E 210 40.94 -15.54 35.51
C TRP E 210 39.58 -14.82 35.38
N TRP E 211 38.48 -15.54 35.23
CA TRP E 211 37.10 -14.96 35.05
C TRP E 211 36.30 -14.88 36.38
N PHE E 212 36.83 -15.41 37.49
CA PHE E 212 36.13 -15.56 38.79
C PHE E 212 37.08 -15.10 39.91
N SER E 213 37.16 -13.78 40.06
CA SER E 213 37.91 -13.06 41.11
C SER E 213 36.94 -12.28 42.00
N TRP E 214 37.27 -12.15 43.28
CA TRP E 214 36.45 -11.43 44.29
C TRP E 214 37.32 -10.91 45.44
N ASP E 215 36.74 -10.01 46.23
CA ASP E 215 37.33 -9.50 47.50
C ASP E 215 36.15 -9.24 48.44
N THR E 216 36.36 -8.54 49.55
CA THR E 216 35.34 -8.32 50.60
C THR E 216 35.39 -6.85 50.94
N PRO E 217 35.01 -5.97 49.98
CA PRO E 217 35.21 -4.53 50.12
C PRO E 217 34.02 -3.87 50.82
N ALA E 218 32.94 -4.62 51.06
CA ALA E 218 31.72 -4.07 51.71
C ALA E 218 32.03 -3.86 53.19
N SER E 219 31.54 -2.76 53.78
CA SER E 219 31.56 -2.47 55.22
C SER E 219 30.73 -3.52 55.93
N ARG E 220 31.07 -3.82 57.20
CA ARG E 220 30.27 -4.70 58.07
C ARG E 220 28.84 -4.14 58.13
N ASP E 221 28.66 -2.82 58.12
CA ASP E 221 27.31 -2.20 58.15
C ASP E 221 26.54 -2.61 56.89
N ASP E 222 27.17 -2.54 55.71
CA ASP E 222 26.52 -2.89 54.42
C ASP E 222 26.04 -4.34 54.49
N VAL E 223 26.91 -5.24 54.92
CA VAL E 223 26.62 -6.69 54.98
C VAL E 223 25.49 -6.95 55.97
N GLU E 224 25.55 -6.34 57.16
CA GLU E 224 24.61 -6.72 58.24
C GLU E 224 23.24 -6.09 57.95
N GLU E 225 23.22 -4.90 57.36
CA GLU E 225 21.94 -4.23 56.96
C GLU E 225 21.23 -5.10 55.93
N ALA E 226 21.94 -5.65 54.94
CA ALA E 226 21.40 -6.55 53.89
C ALA E 226 20.88 -7.86 54.50
N ARG E 227 21.62 -8.46 55.41
CA ARG E 227 21.21 -9.69 56.14
C ARG E 227 19.99 -9.42 57.03
N ARG E 228 19.97 -8.27 57.69
CA ARG E 228 18.82 -7.85 58.54
C ARG E 228 17.53 -7.86 57.69
N TYR E 229 17.54 -7.38 56.44
CA TYR E 229 16.33 -7.41 55.57
C TYR E 229 15.82 -8.85 55.48
N LEU E 230 16.74 -9.80 55.27
CA LEU E 230 16.39 -11.24 55.10
C LEU E 230 15.98 -11.87 56.43
N ARG E 231 16.70 -11.58 57.52
CA ARG E 231 16.27 -12.05 58.88
C ARG E 231 14.83 -11.55 59.11
N ARG E 232 14.54 -10.29 58.78
CA ARG E 232 13.14 -9.78 58.94
C ARG E 232 12.21 -10.64 58.07
N ALA E 233 12.58 -10.95 56.82
CA ALA E 233 11.71 -11.77 55.95
C ALA E 233 11.47 -13.13 56.60
N ALA E 234 12.51 -13.68 57.23
CA ALA E 234 12.51 -15.05 57.80
C ALA E 234 11.79 -15.11 59.16
N GLU E 235 11.66 -13.99 59.88
CA GLU E 235 11.10 -13.97 61.26
C GLU E 235 9.57 -13.89 61.27
N LYS E 236 8.98 -14.87 61.96
CA LYS E 236 7.62 -14.87 62.58
C LYS E 236 7.43 -13.51 63.25
N PRO E 237 6.40 -12.70 62.92
CA PRO E 237 6.23 -11.39 63.56
C PRO E 237 5.83 -11.50 65.04
N ALA E 238 6.32 -10.57 65.88
CA ALA E 238 6.11 -10.53 67.35
C ALA E 238 4.62 -10.48 67.66
N LYS E 239 3.90 -9.57 67.00
CA LYS E 239 2.43 -9.39 67.16
C LYS E 239 1.82 -9.07 65.79
N LEU E 240 0.79 -9.82 65.39
CA LEU E 240 0.03 -9.62 64.13
C LEU E 240 -0.86 -8.38 64.25
N LEU E 241 -0.87 -7.51 63.23
CA LEU E 241 -1.59 -6.21 63.23
C LEU E 241 -3.11 -6.44 63.17
N TYR E 242 -3.59 -7.61 62.76
CA TYR E 242 -5.05 -7.88 62.81
C TYR E 242 -5.50 -7.89 64.27
N GLU E 243 -4.61 -8.16 65.22
CA GLU E 243 -4.94 -8.27 66.67
C GLU E 243 -5.37 -6.89 67.18
N GLU E 244 -4.53 -5.86 67.06
CA GLU E 244 -4.89 -4.47 67.46
C GLU E 244 -5.68 -3.82 66.32
N ALA E 245 -6.91 -4.27 66.09
CA ALA E 245 -7.83 -3.77 65.04
C ALA E 245 -9.27 -4.19 65.37
N PRO F 2 12.68 -0.09 23.72
CA PRO F 2 11.92 -1.12 24.44
C PRO F 2 11.91 -2.49 23.72
N GLY F 3 11.07 -3.42 24.17
CA GLY F 3 10.99 -4.81 23.66
C GLY F 3 9.70 -5.45 24.16
N SER F 4 9.45 -6.73 23.83
CA SER F 4 8.20 -7.45 24.16
C SER F 4 8.50 -8.68 25.02
N ILE F 5 7.44 -9.27 25.61
CA ILE F 5 7.53 -10.40 26.58
C ILE F 5 6.29 -11.28 26.44
N PRO F 6 6.34 -12.53 26.92
CA PRO F 6 5.12 -13.31 27.10
C PRO F 6 4.61 -12.82 28.47
N LEU F 7 3.38 -13.17 28.81
CA LEU F 7 2.68 -12.50 29.93
C LEU F 7 2.22 -13.57 30.90
N ILE F 8 2.08 -13.20 32.18
CA ILE F 8 1.45 -14.06 33.20
C ILE F 8 0.06 -14.41 32.69
N GLY F 9 -0.34 -15.66 32.83
CA GLY F 9 -1.66 -16.16 32.41
C GLY F 9 -1.62 -16.74 31.01
N GLU F 10 -0.61 -16.40 30.20
CA GLU F 10 -0.38 -16.98 28.86
C GLU F 10 0.25 -18.38 28.98
N ARG F 11 -0.02 -19.25 28.00
CA ARG F 11 0.74 -20.51 27.86
C ARG F 11 2.20 -20.13 27.55
N PHE F 12 3.17 -20.79 28.18
CA PHE F 12 4.59 -20.67 27.77
C PHE F 12 4.63 -20.96 26.28
N PRO F 13 5.27 -20.15 25.42
CA PRO F 13 5.20 -20.40 23.99
C PRO F 13 5.74 -21.79 23.58
N GLU F 14 5.05 -22.42 22.63
CA GLU F 14 5.44 -23.73 22.05
C GLU F 14 6.82 -23.57 21.38
N MET F 15 7.83 -24.34 21.78
CA MET F 15 9.15 -24.25 21.10
C MET F 15 9.95 -25.53 21.34
N GLU F 16 10.74 -25.93 20.35
CA GLU F 16 11.78 -26.98 20.47
C GLU F 16 13.07 -26.28 20.85
N VAL F 17 13.77 -26.79 21.86
CA VAL F 17 15.03 -26.17 22.34
C VAL F 17 16.08 -27.27 22.40
N THR F 18 17.32 -26.89 22.12
CA THR F 18 18.53 -27.74 22.26
C THR F 18 19.16 -27.48 23.62
N THR F 19 19.29 -28.51 24.45
CA THR F 19 19.94 -28.44 25.80
C THR F 19 21.15 -29.39 25.80
N ASP F 20 22.00 -29.30 26.82
CA ASP F 20 23.13 -30.23 27.05
C ASP F 20 22.63 -31.62 27.48
N HIS F 21 21.32 -31.86 27.61
CA HIS F 21 20.72 -33.20 27.86
C HIS F 21 20.00 -33.72 26.61
N GLY F 22 19.87 -32.91 25.58
CA GLY F 22 19.18 -33.28 24.35
C GLY F 22 18.18 -32.21 23.95
N VAL F 23 17.38 -32.54 22.94
CA VAL F 23 16.29 -31.70 22.37
C VAL F 23 15.03 -31.97 23.20
N ILE F 24 14.32 -30.91 23.62
CA ILE F 24 13.00 -31.07 24.31
C ILE F 24 12.03 -30.02 23.78
N LYS F 25 10.74 -30.34 23.83
CA LYS F 25 9.66 -29.37 23.52
C LYS F 25 9.22 -28.70 24.84
N LEU F 26 9.13 -27.37 24.85
CA LEU F 26 8.53 -26.62 25.98
C LEU F 26 7.17 -26.12 25.52
N PRO F 27 6.18 -26.08 26.43
CA PRO F 27 6.34 -26.59 27.79
C PRO F 27 6.01 -28.09 27.93
N ASP F 28 5.67 -28.77 26.83
CA ASP F 28 5.08 -30.14 26.78
C ASP F 28 5.92 -31.14 27.58
N HIS F 29 7.25 -31.12 27.45
CA HIS F 29 8.17 -32.07 28.14
C HIS F 29 7.90 -32.12 29.65
N TYR F 30 7.44 -31.00 30.23
CA TYR F 30 7.19 -30.86 31.69
C TYR F 30 5.70 -31.07 31.96
N VAL F 31 4.86 -30.44 31.14
CA VAL F 31 3.37 -30.60 31.23
C VAL F 31 3.03 -32.10 31.28
N SER F 32 3.54 -32.87 30.30
CA SER F 32 3.31 -34.34 30.15
C SER F 32 3.74 -35.12 31.41
N GLN F 33 4.71 -34.63 32.21
CA GLN F 33 5.10 -35.27 33.50
C GLN F 33 4.31 -34.70 34.71
N GLY F 34 3.33 -33.81 34.50
CA GLY F 34 2.65 -33.09 35.61
C GLY F 34 3.61 -32.25 36.47
N LYS F 35 4.75 -31.82 35.92
CA LYS F 35 5.76 -31.02 36.66
C LYS F 35 5.67 -29.56 36.21
N TRP F 36 5.86 -28.68 37.20
CA TRP F 36 6.20 -27.25 37.05
C TRP F 36 7.63 -27.19 36.56
N PHE F 37 8.02 -26.08 35.93
CA PHE F 37 9.45 -25.80 35.67
C PHE F 37 9.72 -24.32 35.89
N VAL F 38 10.92 -24.05 36.37
CA VAL F 38 11.56 -22.72 36.35
C VAL F 38 12.56 -22.70 35.19
N LEU F 39 12.27 -21.93 34.13
CA LEU F 39 13.27 -21.54 33.11
C LEU F 39 13.94 -20.27 33.62
N PHE F 40 15.26 -20.26 33.69
CA PHE F 40 16.07 -19.06 34.03
C PHE F 40 17.21 -18.92 33.03
N SER F 41 17.74 -17.71 32.91
CA SER F 41 18.76 -17.37 31.90
C SER F 41 19.98 -16.74 32.58
N HIS F 42 21.15 -16.80 31.93
CA HIS F 42 22.34 -16.07 32.41
C HIS F 42 23.09 -15.58 31.19
N PRO F 43 23.91 -14.50 31.28
CA PRO F 43 24.50 -13.92 30.08
C PRO F 43 25.41 -14.87 29.28
N ALA F 44 26.39 -15.51 29.93
CA ALA F 44 27.38 -16.37 29.24
C ALA F 44 27.98 -17.36 30.22
N ASP F 45 28.39 -18.51 29.68
CA ASP F 45 29.14 -19.55 30.43
C ASP F 45 30.46 -18.94 30.90
N PHE F 46 31.03 -19.48 31.97
CA PHE F 46 32.33 -19.01 32.52
C PHE F 46 32.24 -17.53 32.87
N THR F 47 31.11 -17.15 33.46
CA THR F 47 30.93 -15.86 34.16
C THR F 47 30.67 -16.15 35.65
N PRO F 48 31.21 -15.29 36.53
CA PRO F 48 31.22 -15.56 37.98
C PRO F 48 29.88 -15.48 38.70
N VAL F 49 29.08 -14.43 38.50
CA VAL F 49 27.74 -14.36 39.14
C VAL F 49 26.93 -15.57 38.66
N SER F 50 26.92 -15.84 37.36
CA SER F 50 26.15 -16.99 36.78
C SER F 50 26.58 -18.31 37.46
N THR F 51 27.88 -18.52 37.63
CA THR F 51 28.44 -19.69 38.35
C THR F 51 27.86 -19.76 39.77
N THR F 52 27.89 -18.66 40.53
CA THR F 52 27.29 -18.63 41.91
C THR F 52 25.83 -19.05 41.79
N GLU F 53 25.10 -18.64 40.75
CA GLU F 53 23.64 -18.94 40.70
C GLU F 53 23.42 -20.41 40.38
N PHE F 54 24.20 -20.97 39.47
CA PHE F 54 24.09 -22.41 39.15
C PHE F 54 24.34 -23.23 40.43
N VAL F 55 25.38 -22.85 41.18
CA VAL F 55 25.70 -23.56 42.46
C VAL F 55 24.52 -23.39 43.43
N SER F 56 23.91 -22.20 43.49
CA SER F 56 22.74 -21.95 44.38
C SER F 56 21.57 -22.85 43.99
N PHE F 57 21.25 -22.92 42.69
CA PHE F 57 20.16 -23.76 42.16
C PHE F 57 20.46 -25.25 42.49
N ALA F 58 21.69 -25.71 42.21
CA ALA F 58 22.12 -27.12 42.45
C ALA F 58 21.94 -27.48 43.93
N ARG F 59 22.34 -26.60 44.84
CA ARG F 59 22.14 -26.79 46.30
C ARG F 59 20.66 -26.97 46.62
N ARG F 60 19.78 -26.32 45.87
CA ARG F 60 18.32 -26.28 46.15
C ARG F 60 17.55 -27.29 45.31
N TYR F 61 18.23 -28.15 44.54
CA TYR F 61 17.62 -29.01 43.50
C TYR F 61 16.60 -29.95 44.16
N GLU F 62 16.97 -30.52 45.29
CA GLU F 62 16.11 -31.51 46.02
C GLU F 62 14.86 -30.77 46.50
N ASP F 63 15.05 -29.54 46.96
CA ASP F 63 13.94 -28.65 47.43
C ASP F 63 12.98 -28.40 46.27
N PHE F 64 13.48 -28.05 45.08
CA PHE F 64 12.63 -27.95 43.87
C PHE F 64 11.99 -29.30 43.58
N GLN F 65 12.78 -30.39 43.63
CA GLN F 65 12.29 -31.76 43.26
C GLN F 65 11.11 -32.13 44.18
N ARG F 66 11.17 -31.81 45.48
CA ARG F 66 10.09 -32.15 46.45
C ARG F 66 8.76 -31.46 46.06
N LEU F 67 8.82 -30.29 45.41
CA LEU F 67 7.61 -29.52 44.97
C LEU F 67 7.14 -30.03 43.61
N GLY F 68 7.83 -30.99 43.02
CA GLY F 68 7.52 -31.36 41.63
C GLY F 68 7.81 -30.21 40.66
N VAL F 69 8.95 -29.56 40.85
CA VAL F 69 9.45 -28.45 39.99
C VAL F 69 10.80 -28.86 39.40
N ASP F 70 10.90 -28.87 38.07
CA ASP F 70 12.17 -29.08 37.34
C ASP F 70 12.80 -27.72 37.07
N LEU F 71 14.08 -27.74 36.76
CA LEU F 71 14.88 -26.55 36.45
C LEU F 71 15.41 -26.68 35.02
N ILE F 72 15.50 -25.57 34.30
CA ILE F 72 16.17 -25.51 32.97
C ILE F 72 16.78 -24.12 32.81
N GLY F 73 18.10 -24.07 32.61
CA GLY F 73 18.84 -22.83 32.34
C GLY F 73 18.83 -22.46 30.86
N LEU F 74 19.47 -21.35 30.52
CA LEU F 74 19.46 -20.76 29.16
C LEU F 74 20.61 -19.73 29.08
N SER F 75 21.52 -19.90 28.14
CA SER F 75 22.37 -18.77 27.65
C SER F 75 22.53 -18.92 26.14
N VAL F 76 23.20 -17.97 25.49
CA VAL F 76 23.42 -17.92 24.02
C VAL F 76 24.68 -18.74 23.64
N ASP F 77 25.35 -19.33 24.62
CA ASP F 77 26.52 -20.23 24.40
C ASP F 77 26.01 -21.60 23.90
N SER F 78 26.91 -22.38 23.29
CA SER F 78 26.62 -23.68 22.64
C SER F 78 26.68 -24.78 23.70
N VAL F 79 26.14 -25.97 23.43
CA VAL F 79 26.11 -27.10 24.41
C VAL F 79 27.55 -27.48 24.82
N CYS F 80 28.56 -27.45 23.94
CA CYS F 80 29.96 -27.83 24.27
C CYS F 80 30.53 -26.90 25.34
N SER F 81 30.27 -25.59 25.24
CA SER F 81 30.60 -24.62 26.32
C SER F 81 29.85 -24.96 27.60
N HIS F 82 28.56 -25.26 27.50
CA HIS F 82 27.75 -25.63 28.68
C HIS F 82 28.41 -26.81 29.39
N ILE F 83 28.81 -27.85 28.64
CA ILE F 83 29.34 -29.10 29.25
C ILE F 83 30.73 -28.79 29.84
N LYS F 84 31.55 -28.02 29.13
CA LYS F 84 32.90 -27.63 29.63
C LYS F 84 32.75 -26.82 30.92
N TRP F 85 31.78 -25.91 30.97
CA TRP F 85 31.53 -25.05 32.15
C TRP F 85 31.08 -25.89 33.34
N LYS F 86 30.08 -26.75 33.14
CA LYS F 86 29.60 -27.70 34.19
C LYS F 86 30.78 -28.53 34.72
N GLU F 87 31.63 -29.01 33.82
CA GLU F 87 32.82 -29.79 34.22
C GLU F 87 33.68 -28.92 35.13
N TRP F 88 33.98 -27.69 34.70
CA TRP F 88 34.81 -26.74 35.49
C TRP F 88 34.18 -26.56 36.88
N ILE F 89 32.86 -26.39 37.00
CA ILE F 89 32.17 -26.19 38.32
C ILE F 89 32.35 -27.44 39.20
N GLU F 90 32.07 -28.65 38.70
CA GLU F 90 32.22 -29.91 39.47
C GLU F 90 33.68 -30.10 39.89
N ARG F 91 34.61 -29.81 38.99
CA ARG F 91 36.06 -30.01 39.25
C ARG F 91 36.53 -29.00 40.30
N HIS F 92 36.14 -27.73 40.18
CA HIS F 92 36.81 -26.61 40.91
C HIS F 92 36.02 -26.19 42.16
N ILE F 93 34.71 -26.45 42.22
CA ILE F 93 33.81 -26.06 43.36
C ILE F 93 33.25 -27.33 44.01
N GLY F 94 33.35 -28.48 43.35
CA GLY F 94 32.90 -29.77 43.90
C GLY F 94 31.39 -29.91 43.84
N VAL F 95 30.72 -29.18 42.95
CA VAL F 95 29.23 -29.22 42.87
C VAL F 95 28.82 -29.66 41.46
N ARG F 96 28.05 -30.73 41.35
CA ARG F 96 27.49 -31.23 40.07
C ARG F 96 26.21 -30.45 39.76
N ILE F 97 26.10 -29.91 38.55
CA ILE F 97 24.87 -29.24 38.03
C ILE F 97 24.02 -30.32 37.34
N PRO F 98 22.93 -30.81 37.96
CA PRO F 98 22.18 -31.94 37.40
C PRO F 98 21.09 -31.58 36.37
N PHE F 99 20.74 -30.31 36.19
CA PHE F 99 19.57 -29.89 35.37
C PHE F 99 20.07 -29.43 34.00
N PRO F 100 19.26 -29.50 32.91
CA PRO F 100 19.75 -29.04 31.62
C PRO F 100 19.93 -27.52 31.52
N ILE F 101 20.75 -27.10 30.56
CA ILE F 101 20.89 -25.68 30.13
C ILE F 101 20.56 -25.64 28.65
N ILE F 102 19.64 -24.78 28.25
CA ILE F 102 19.34 -24.53 26.82
C ILE F 102 20.53 -23.79 26.20
N ALA F 103 20.91 -24.17 24.97
CA ALA F 103 21.87 -23.47 24.11
C ALA F 103 21.07 -22.63 23.11
N ASP F 104 21.23 -21.31 23.09
CA ASP F 104 20.38 -20.40 22.26
C ASP F 104 21.24 -19.46 21.43
N PRO F 105 22.21 -19.99 20.64
CA PRO F 105 23.16 -19.14 19.92
C PRO F 105 22.60 -18.10 18.93
N GLN F 106 21.44 -18.25 18.35
CA GLN F 106 20.93 -17.13 17.48
C GLN F 106 20.00 -16.19 18.28
N GLY F 107 19.91 -16.38 19.61
CA GLY F 107 18.95 -15.62 20.44
C GLY F 107 17.48 -15.89 20.12
N THR F 108 17.13 -16.97 19.43
CA THR F 108 15.72 -17.33 19.10
C THR F 108 14.85 -17.36 20.38
N VAL F 109 15.25 -18.16 21.35
CA VAL F 109 14.50 -18.26 22.65
C VAL F 109 14.60 -16.91 23.39
N ALA F 110 15.77 -16.29 23.43
CA ALA F 110 16.01 -14.98 24.09
C ALA F 110 15.01 -13.91 23.57
N ARG F 111 14.79 -13.81 22.26
CA ARG F 111 13.88 -12.80 21.65
C ARG F 111 12.42 -13.17 21.96
N ARG F 112 12.06 -14.44 21.87
CA ARG F 112 10.70 -14.93 22.26
C ARG F 112 10.36 -14.54 23.70
N LEU F 113 11.30 -14.59 24.66
CA LEU F 113 11.00 -14.42 26.11
C LEU F 113 11.44 -13.03 26.63
N GLY F 114 11.83 -12.14 25.72
CA GLY F 114 12.25 -10.76 26.03
C GLY F 114 13.43 -10.73 26.97
N LEU F 115 14.41 -11.62 26.79
CA LEU F 115 15.56 -11.72 27.72
C LEU F 115 16.74 -10.85 27.27
N LEU F 116 16.63 -10.19 26.11
CA LEU F 116 17.65 -9.25 25.61
C LEU F 116 17.20 -7.84 25.91
N HIS F 117 17.88 -7.23 26.88
CA HIS F 117 17.54 -5.91 27.46
C HIS F 117 18.65 -5.00 27.00
N ALA F 118 18.61 -3.72 27.36
CA ALA F 118 19.54 -2.72 26.81
C ALA F 118 20.92 -2.88 27.43
N GLU F 119 21.07 -3.60 28.55
CA GLU F 119 22.41 -3.81 29.15
C GLU F 119 23.33 -4.56 28.19
N SER F 120 22.82 -5.53 27.41
CA SER F 120 23.63 -6.21 26.37
C SER F 120 22.75 -6.51 25.16
N ALA F 121 23.20 -6.13 23.97
CA ALA F 121 22.49 -6.48 22.72
C ALA F 121 22.59 -7.99 22.46
N THR F 122 23.58 -8.70 23.00
CA THR F 122 23.94 -10.09 22.55
C THR F 122 23.74 -11.15 23.63
N HIS F 123 23.60 -10.77 24.90
CA HIS F 123 23.54 -11.73 26.03
C HIS F 123 22.31 -11.47 26.89
N THR F 124 21.63 -12.53 27.29
CA THR F 124 20.42 -12.46 28.12
C THR F 124 20.79 -11.87 29.48
N VAL F 125 19.92 -11.01 30.01
CA VAL F 125 19.82 -10.74 31.46
C VAL F 125 19.43 -12.01 32.22
N ARG F 126 19.18 -11.85 33.52
CA ARG F 126 18.94 -12.97 34.46
C ARG F 126 17.43 -13.12 34.62
N GLY F 127 16.80 -13.59 33.56
CA GLY F 127 15.35 -13.81 33.50
C GLY F 127 14.95 -15.04 34.28
N VAL F 128 13.71 -15.06 34.78
CA VAL F 128 13.10 -16.23 35.47
C VAL F 128 11.63 -16.34 35.03
N PHE F 129 11.25 -17.52 34.54
CA PHE F 129 9.88 -17.86 34.13
C PHE F 129 9.43 -19.05 34.95
N ILE F 130 8.40 -18.83 35.76
CA ILE F 130 7.87 -19.87 36.66
C ILE F 130 6.61 -20.37 35.99
N VAL F 131 6.61 -21.64 35.58
CA VAL F 131 5.57 -22.18 34.66
C VAL F 131 4.95 -23.35 35.39
N ASP F 132 3.62 -23.41 35.48
CA ASP F 132 2.93 -24.50 36.22
C ASP F 132 2.83 -25.72 35.31
N ALA F 133 2.24 -26.79 35.84
CA ALA F 133 2.02 -28.09 35.19
C ALA F 133 0.97 -28.00 34.08
N ARG F 134 0.31 -26.85 33.87
CA ARG F 134 -0.61 -26.67 32.72
C ARG F 134 0.09 -25.87 31.63
N GLY F 135 1.38 -25.62 31.83
CA GLY F 135 2.19 -24.88 30.85
C GLY F 135 1.93 -23.38 30.88
N VAL F 136 1.41 -22.85 31.99
CA VAL F 136 1.00 -21.42 32.09
C VAL F 136 2.09 -20.66 32.86
N ILE F 137 2.56 -19.53 32.31
CA ILE F 137 3.49 -18.59 33.01
C ILE F 137 2.76 -17.98 34.22
N ARG F 138 3.30 -18.19 35.43
CA ARG F 138 2.72 -17.78 36.72
C ARG F 138 3.46 -16.55 37.29
N THR F 139 4.72 -16.32 36.95
CA THR F 139 5.54 -15.22 37.50
C THR F 139 6.77 -15.03 36.62
N MET F 140 7.29 -13.81 36.48
CA MET F 140 8.46 -13.48 35.64
C MET F 140 9.31 -12.47 36.38
N LEU F 141 10.61 -12.73 36.46
CA LEU F 141 11.56 -11.82 37.14
C LEU F 141 12.64 -11.49 36.13
N TYR F 142 13.10 -10.24 36.16
CA TYR F 142 14.25 -9.80 35.33
C TYR F 142 15.29 -9.16 36.23
N TYR F 143 16.30 -9.95 36.62
CA TYR F 143 17.49 -9.46 37.33
C TYR F 143 18.51 -9.06 36.28
N PRO F 144 19.39 -8.09 36.60
CA PRO F 144 20.37 -7.58 35.66
C PRO F 144 21.70 -8.36 35.74
N MET F 145 22.69 -7.92 34.98
CA MET F 145 23.99 -8.61 34.83
C MET F 145 24.71 -8.59 36.18
N GLU F 146 24.63 -7.46 36.88
CA GLU F 146 25.51 -7.10 38.01
C GLU F 146 24.97 -7.68 39.32
N LEU F 147 23.84 -8.39 39.33
CA LEU F 147 23.15 -8.75 40.60
C LEU F 147 22.62 -10.18 40.53
N GLY F 148 23.12 -11.03 41.41
CA GLY F 148 22.63 -12.41 41.48
C GLY F 148 21.25 -12.50 42.07
N ARG F 149 20.52 -13.53 41.68
CA ARG F 149 19.16 -13.78 42.20
C ARG F 149 19.27 -14.28 43.63
N LEU F 150 18.15 -14.20 44.35
CA LEU F 150 17.89 -14.85 45.63
C LEU F 150 17.07 -16.11 45.36
N VAL F 151 17.71 -17.27 45.31
CA VAL F 151 17.01 -18.46 44.75
C VAL F 151 15.94 -18.93 45.74
N ASP F 152 16.10 -18.67 47.03
CA ASP F 152 15.09 -19.06 48.05
C ASP F 152 13.76 -18.34 47.79
N GLU F 153 13.79 -17.12 47.24
CA GLU F 153 12.53 -16.40 46.86
C GLU F 153 11.85 -17.17 45.71
N ILE F 154 12.62 -17.79 44.82
CA ILE F 154 12.04 -18.58 43.70
C ILE F 154 11.35 -19.80 44.30
N LEU F 155 11.95 -20.45 45.31
CA LEU F 155 11.25 -21.54 46.05
C LEU F 155 9.99 -21.01 46.75
N ARG F 156 10.05 -19.84 47.39
CA ARG F 156 8.88 -19.35 48.16
C ARG F 156 7.78 -19.08 47.14
N ILE F 157 8.13 -18.48 45.97
CA ILE F 157 7.12 -18.20 44.92
C ILE F 157 6.44 -19.51 44.55
N VAL F 158 7.17 -20.59 44.26
CA VAL F 158 6.52 -21.82 43.72
C VAL F 158 5.71 -22.49 44.83
N LYS F 159 6.23 -22.52 46.06
CA LYS F 159 5.48 -23.12 47.18
C LYS F 159 4.18 -22.33 47.40
N ALA F 160 4.27 -21.00 47.45
CA ALA F 160 3.14 -20.10 47.71
C ALA F 160 2.11 -20.24 46.60
N LEU F 161 2.56 -20.35 45.34
CA LEU F 161 1.64 -20.48 44.19
C LEU F 161 0.87 -21.81 44.31
N LYS F 162 1.59 -22.92 44.57
CA LYS F 162 1.02 -24.28 44.69
C LYS F 162 0.00 -24.35 45.83
N LEU F 163 0.28 -23.74 46.98
CA LEU F 163 -0.70 -23.62 48.10
C LEU F 163 -1.90 -22.79 47.66
N GLY F 164 -1.66 -21.60 47.10
CA GLY F 164 -2.76 -20.76 46.60
C GLY F 164 -3.70 -21.58 45.72
N ASP F 165 -3.11 -22.35 44.80
CA ASP F 165 -3.85 -23.15 43.79
C ASP F 165 -4.65 -24.25 44.52
N SER F 166 -4.03 -25.01 45.42
CA SER F 166 -4.72 -26.20 46.00
C SER F 166 -5.71 -25.75 47.08
N LEU F 167 -5.47 -24.65 47.79
CA LEU F 167 -6.37 -24.19 48.90
C LEU F 167 -7.29 -23.05 48.44
N LYS F 168 -7.26 -22.67 47.16
CA LYS F 168 -8.15 -21.63 46.56
C LYS F 168 -7.99 -20.33 47.36
N ARG F 169 -6.75 -19.87 47.53
CA ARG F 169 -6.42 -18.70 48.36
C ARG F 169 -5.41 -17.82 47.63
N ALA F 170 -5.46 -16.52 47.92
CA ALA F 170 -4.44 -15.54 47.53
C ALA F 170 -3.45 -15.46 48.69
N VAL F 171 -2.22 -15.10 48.42
CA VAL F 171 -1.12 -15.17 49.41
C VAL F 171 -0.70 -13.74 49.74
N PRO F 172 -0.63 -13.40 51.03
CA PRO F 172 -0.31 -12.03 51.42
C PRO F 172 1.18 -11.77 51.25
N ALA F 173 1.50 -10.49 51.28
CA ALA F 173 2.89 -9.98 51.30
C ALA F 173 3.71 -10.72 52.36
N ASP F 174 4.86 -11.25 51.96
CA ASP F 174 5.90 -11.70 52.91
C ASP F 174 5.47 -13.00 53.58
N TRP F 175 4.43 -13.66 53.06
CA TRP F 175 3.99 -15.00 53.54
C TRP F 175 5.19 -15.96 53.52
N PRO F 176 5.39 -16.80 54.55
CA PRO F 176 4.42 -17.00 55.63
C PRO F 176 4.55 -16.15 56.89
N ASN F 177 5.27 -15.02 56.81
CA ASN F 177 5.49 -14.05 57.92
C ASN F 177 4.85 -12.69 57.60
N ASN F 178 3.59 -12.70 57.15
CA ASN F 178 2.86 -11.44 56.90
C ASN F 178 2.61 -10.73 58.24
N GLU F 179 2.95 -9.44 58.31
CA GLU F 179 2.88 -8.60 59.52
C GLU F 179 1.43 -8.44 60.00
N ILE F 180 0.42 -8.67 59.15
CA ILE F 180 -1.02 -8.44 59.48
C ILE F 180 -1.67 -9.78 59.87
N ILE F 181 -1.49 -10.83 59.07
CA ILE F 181 -2.19 -12.12 59.31
C ILE F 181 -1.21 -13.28 59.45
N GLY F 182 0.10 -13.05 59.54
CA GLY F 182 1.11 -14.11 59.71
C GLY F 182 1.08 -15.12 58.59
N GLU F 183 0.79 -16.39 58.90
CA GLU F 183 0.72 -17.50 57.92
C GLU F 183 -0.69 -17.63 57.34
N GLY F 184 -1.58 -16.69 57.63
CA GLY F 184 -2.94 -16.74 57.07
C GLY F 184 -2.93 -16.56 55.56
N LEU F 185 -3.92 -17.12 54.90
CA LEU F 185 -4.14 -16.97 53.45
C LEU F 185 -5.49 -16.28 53.22
N ILE F 186 -5.60 -15.55 52.11
CA ILE F 186 -6.70 -14.57 51.83
C ILE F 186 -7.77 -15.30 51.01
N VAL F 187 -9.02 -15.23 51.46
CA VAL F 187 -10.20 -15.66 50.66
C VAL F 187 -10.34 -14.66 49.52
N PRO F 188 -10.48 -15.11 48.26
CA PRO F 188 -10.63 -14.16 47.15
C PRO F 188 -11.83 -13.29 47.42
N PRO F 189 -11.73 -11.94 47.34
CA PRO F 189 -12.85 -11.09 47.75
C PRO F 189 -14.13 -11.26 46.92
N PRO F 190 -15.28 -10.83 47.47
CA PRO F 190 -16.55 -10.85 46.76
C PRO F 190 -16.46 -9.91 45.55
N THR F 191 -17.16 -10.24 44.47
CA THR F 191 -17.17 -9.44 43.23
C THR F 191 -18.55 -8.80 43.03
N THR F 192 -19.51 -9.02 43.94
CA THR F 192 -20.85 -8.41 43.90
C THR F 192 -21.23 -7.93 45.30
N GLU F 193 -22.17 -7.00 45.38
CA GLU F 193 -22.77 -6.51 46.64
C GLU F 193 -23.49 -7.67 47.34
N ASP F 194 -24.21 -8.51 46.61
CA ASP F 194 -24.92 -9.66 47.22
C ASP F 194 -23.89 -10.59 47.88
N GLN F 195 -22.84 -10.97 47.15
CA GLN F 195 -21.73 -11.82 47.67
C GLN F 195 -21.08 -11.15 48.87
N ALA F 196 -20.89 -9.83 48.84
CA ALA F 196 -20.22 -9.06 49.92
C ALA F 196 -21.08 -9.11 51.20
N ARG F 197 -22.41 -9.01 51.09
CA ARG F 197 -23.31 -9.03 52.28
C ARG F 197 -23.30 -10.45 52.88
N ALA F 198 -23.34 -11.48 52.04
CA ALA F 198 -23.45 -12.91 52.41
C ALA F 198 -22.18 -13.38 53.10
N ARG F 199 -21.01 -12.92 52.63
CA ARG F 199 -19.70 -13.19 53.29
C ARG F 199 -19.73 -12.64 54.72
N MET F 200 -20.18 -11.40 54.91
CA MET F 200 -20.20 -10.71 56.23
C MET F 200 -21.34 -11.25 57.11
N GLU F 201 -22.41 -11.82 56.53
CA GLU F 201 -23.56 -12.38 57.29
C GLU F 201 -23.30 -13.85 57.62
N SER F 202 -22.17 -14.44 57.18
CA SER F 202 -21.82 -15.86 57.44
C SER F 202 -20.91 -16.02 58.67
N GLY F 203 -20.12 -14.98 59.02
CA GLY F 203 -19.12 -15.03 60.12
C GLY F 203 -18.16 -16.20 60.00
N GLN F 204 -18.05 -16.80 58.81
CA GLN F 204 -17.21 -17.98 58.50
C GLN F 204 -15.70 -17.66 58.66
N TYR F 205 -15.28 -16.40 58.46
CA TYR F 205 -13.83 -16.04 58.40
C TYR F 205 -13.54 -14.85 59.29
N ARG F 206 -12.32 -14.79 59.83
CA ARG F 206 -11.71 -13.52 60.30
C ARG F 206 -11.75 -12.54 59.11
N SER F 207 -12.16 -11.30 59.36
CA SER F 207 -12.33 -10.23 58.35
C SER F 207 -11.92 -8.90 58.95
N LEU F 208 -11.41 -8.00 58.12
CA LEU F 208 -11.27 -6.57 58.49
C LEU F 208 -12.33 -5.77 57.73
N ASP F 209 -12.97 -6.35 56.73
CA ASP F 209 -14.02 -5.72 55.89
C ASP F 209 -14.53 -6.79 54.92
N TRP F 210 -15.63 -6.53 54.20
CA TRP F 210 -16.24 -7.52 53.29
C TRP F 210 -15.20 -7.97 52.25
N TRP F 211 -14.20 -7.12 51.92
CA TRP F 211 -13.21 -7.39 50.86
C TRP F 211 -11.92 -8.04 51.40
N PHE F 212 -11.78 -8.21 52.71
CA PHE F 212 -10.52 -8.64 53.37
C PHE F 212 -10.85 -9.70 54.43
N SER F 213 -10.93 -10.94 53.96
CA SER F 213 -11.17 -12.16 54.79
C SER F 213 -10.03 -13.14 54.62
N TRP F 214 -9.76 -13.93 55.65
CA TRP F 214 -8.60 -14.87 55.68
C TRP F 214 -8.86 -15.98 56.68
N ASP F 215 -8.08 -17.05 56.56
CA ASP F 215 -8.09 -18.23 57.47
C ASP F 215 -6.67 -18.79 57.46
N THR F 216 -6.46 -19.97 58.05
CA THR F 216 -5.12 -20.58 58.25
C THR F 216 -5.23 -22.03 57.82
N PRO F 217 -5.46 -22.28 56.52
CA PRO F 217 -5.72 -23.63 56.04
C PRO F 217 -4.43 -24.37 55.61
N ALA F 218 -3.27 -23.70 55.59
CA ALA F 218 -1.96 -24.32 55.25
C ALA F 218 -1.59 -25.26 56.39
N SER F 219 -1.19 -26.51 56.11
CA SER F 219 -0.63 -27.46 57.12
C SER F 219 0.59 -26.83 57.78
N ARG F 220 0.98 -27.31 58.96
CA ARG F 220 2.23 -26.86 59.66
C ARG F 220 3.44 -27.18 58.77
N ASP F 221 3.38 -28.31 58.06
CA ASP F 221 4.46 -28.79 57.17
C ASP F 221 4.66 -27.80 56.02
N ASP F 222 3.56 -27.36 55.40
CA ASP F 222 3.56 -26.36 54.29
C ASP F 222 4.27 -25.08 54.75
N VAL F 223 3.88 -24.55 55.91
CA VAL F 223 4.37 -23.28 56.49
C VAL F 223 5.83 -23.44 56.86
N GLU F 224 6.19 -24.57 57.50
CA GLU F 224 7.59 -24.79 57.94
C GLU F 224 8.48 -24.94 56.71
N GLU F 225 8.00 -25.59 55.66
CA GLU F 225 8.79 -25.75 54.40
C GLU F 225 9.13 -24.34 53.89
N ALA F 226 8.15 -23.43 53.86
CA ALA F 226 8.31 -22.06 53.35
C ALA F 226 9.19 -21.24 54.29
N ARG F 227 9.06 -21.37 55.62
CA ARG F 227 9.90 -20.61 56.60
C ARG F 227 11.36 -21.03 56.46
N ARG F 228 11.58 -22.30 56.16
CA ARG F 228 12.94 -22.91 55.96
C ARG F 228 13.68 -22.22 54.80
N TYR F 229 12.99 -21.96 53.68
CA TYR F 229 13.61 -21.27 52.53
C TYR F 229 14.15 -19.92 53.00
N LEU F 230 13.36 -19.19 53.79
CA LEU F 230 13.72 -17.79 54.16
C LEU F 230 14.78 -17.82 55.26
N ARG F 231 14.65 -18.77 56.18
CA ARG F 231 15.67 -19.06 57.22
C ARG F 231 17.02 -19.23 56.51
N ARG F 232 17.10 -20.15 55.53
CA ARG F 232 18.35 -20.40 54.76
C ARG F 232 18.82 -19.09 54.11
N ALA F 233 17.94 -18.31 53.51
CA ALA F 233 18.37 -17.03 52.87
C ALA F 233 18.99 -16.10 53.93
N ALA F 234 18.41 -16.03 55.12
CA ALA F 234 18.85 -15.11 56.20
C ALA F 234 20.18 -15.57 56.85
N GLU F 235 20.42 -16.88 56.99
CA GLU F 235 21.57 -17.41 57.80
C GLU F 235 22.82 -17.52 56.91
N LYS F 236 23.98 -17.02 57.33
CA LYS F 236 25.28 -17.27 56.65
C LYS F 236 25.58 -18.77 56.67
N PRO F 237 26.02 -19.38 55.54
CA PRO F 237 26.33 -20.82 55.52
C PRO F 237 27.50 -21.13 56.47
N ALA F 238 27.45 -22.29 57.13
CA ALA F 238 28.47 -22.75 58.11
C ALA F 238 29.84 -22.76 57.45
N LYS F 239 29.88 -23.21 56.18
CA LYS F 239 31.11 -23.48 55.41
C LYS F 239 30.97 -22.95 53.98
N LEU F 240 31.80 -22.00 53.59
CA LEU F 240 31.96 -21.49 52.21
C LEU F 240 32.68 -22.53 51.33
N LEU F 241 32.22 -22.71 50.10
CA LEU F 241 32.77 -23.71 49.15
C LEU F 241 34.14 -23.28 48.60
N TYR F 242 34.49 -21.99 48.56
CA TYR F 242 35.77 -21.55 47.93
C TYR F 242 36.98 -22.06 48.73
N GLU F 243 36.79 -22.40 50.01
CA GLU F 243 37.87 -22.82 50.95
C GLU F 243 38.70 -23.95 50.33
N GLU F 244 38.05 -25.08 50.01
CA GLU F 244 38.66 -26.29 49.41
C GLU F 244 38.42 -26.25 47.89
N ALA F 245 39.01 -25.26 47.20
CA ALA F 245 38.86 -24.99 45.74
C ALA F 245 39.57 -26.10 44.95
N PRO G 2 -22.21 4.22 14.59
CA PRO G 2 -21.80 4.70 13.26
C PRO G 2 -21.74 6.23 13.05
N GLY G 3 -21.41 7.01 14.09
CA GLY G 3 -21.42 8.49 14.01
C GLY G 3 -20.25 9.15 14.70
N SER G 4 -19.88 10.35 14.22
CA SER G 4 -18.77 11.20 14.73
C SER G 4 -19.37 12.51 15.28
N ILE G 5 -19.02 12.93 16.51
CA ILE G 5 -19.51 14.20 17.15
C ILE G 5 -18.34 15.07 17.63
N PRO G 6 -18.50 16.41 17.69
CA PRO G 6 -17.55 17.28 18.40
C PRO G 6 -17.75 17.03 19.89
N LEU G 7 -16.83 17.50 20.73
CA LEU G 7 -16.84 17.11 22.16
C LEU G 7 -16.91 18.33 23.07
N ILE G 8 -17.51 18.13 24.24
CA ILE G 8 -17.50 19.12 25.35
C ILE G 8 -16.04 19.42 25.65
N GLY G 9 -15.72 20.71 25.77
CA GLY G 9 -14.34 21.17 26.05
C GLY G 9 -13.60 21.50 24.76
N GLU G 10 -14.06 21.05 23.59
CA GLU G 10 -13.51 21.47 22.28
C GLU G 10 -14.11 22.82 21.83
N ARG G 11 -13.33 23.62 21.12
CA ARG G 11 -13.84 24.79 20.38
C ARG G 11 -14.89 24.29 19.38
N PHE G 12 -16.01 25.01 19.26
CA PHE G 12 -17.00 24.75 18.17
C PHE G 12 -16.29 24.84 16.83
N PRO G 13 -16.44 23.88 15.90
CA PRO G 13 -15.68 23.92 14.65
C PRO G 13 -15.91 25.21 13.85
N GLU G 14 -14.82 25.87 13.41
CA GLU G 14 -14.83 26.97 12.42
C GLU G 14 -15.66 26.53 11.22
N MET G 15 -16.67 27.29 10.85
CA MET G 15 -17.43 27.00 9.61
C MET G 15 -18.15 28.28 9.21
N GLU G 16 -18.35 28.46 7.91
CA GLU G 16 -19.30 29.45 7.34
C GLU G 16 -20.62 28.73 7.13
N VAL G 17 -21.72 29.36 7.51
CA VAL G 17 -23.07 28.76 7.35
C VAL G 17 -23.95 29.81 6.68
N THR G 18 -24.89 29.36 5.85
CA THR G 18 -25.95 30.18 5.24
C THR G 18 -27.20 30.08 6.12
N THR G 19 -27.67 31.20 6.65
CA THR G 19 -28.90 31.29 7.44
C THR G 19 -29.87 32.18 6.69
N ASP G 20 -31.14 32.22 7.11
CA ASP G 20 -32.17 33.11 6.55
C ASP G 20 -31.90 34.58 6.95
N HIS G 21 -30.83 34.86 7.70
CA HIS G 21 -30.37 36.25 8.03
C HIS G 21 -29.08 36.59 7.27
N GLY G 22 -28.50 35.61 6.59
CA GLY G 22 -27.30 35.79 5.75
C GLY G 22 -26.25 34.80 6.15
N VAL G 23 -25.02 35.06 5.70
CA VAL G 23 -23.85 34.17 5.88
C VAL G 23 -23.22 34.59 7.19
N ILE G 24 -22.93 33.66 8.09
CA ILE G 24 -22.10 33.98 9.29
C ILE G 24 -21.07 32.89 9.51
N LYS G 25 -19.98 33.26 10.20
CA LYS G 25 -18.92 32.34 10.64
C LYS G 25 -19.24 31.93 12.09
N LEU G 26 -19.14 30.65 12.38
CA LEU G 26 -19.32 30.10 13.73
C LEU G 26 -17.95 29.63 14.14
N PRO G 27 -17.56 29.74 15.43
CA PRO G 27 -18.33 30.43 16.45
C PRO G 27 -18.12 31.95 16.47
N ASP G 28 -17.28 32.47 15.58
CA ASP G 28 -16.62 33.81 15.69
C ASP G 28 -17.68 34.90 15.84
N HIS G 29 -18.78 34.77 15.10
CA HIS G 29 -19.92 35.74 15.06
C HIS G 29 -20.45 36.03 16.46
N TYR G 30 -20.43 35.03 17.35
CA TYR G 30 -20.98 35.13 18.73
C TYR G 30 -19.86 35.46 19.72
N VAL G 31 -18.72 34.81 19.58
CA VAL G 31 -17.48 35.15 20.34
C VAL G 31 -17.23 36.67 20.21
N SER G 32 -17.14 37.18 18.99
CA SER G 32 -17.05 38.65 18.67
C SER G 32 -17.88 39.49 19.63
N GLN G 33 -19.10 39.08 19.95
CA GLN G 33 -20.06 39.91 20.71
C GLN G 33 -20.00 39.58 22.21
N GLY G 34 -19.09 38.69 22.64
CA GLY G 34 -19.12 38.21 24.03
C GLY G 34 -20.36 37.38 24.32
N LYS G 35 -20.97 36.75 23.31
CA LYS G 35 -22.23 36.00 23.49
C LYS G 35 -21.97 34.48 23.49
N TRP G 36 -22.65 33.79 24.40
CA TRP G 36 -22.98 32.35 24.24
C TRP G 36 -23.92 32.18 23.04
N PHE G 37 -23.98 30.98 22.45
CA PHE G 37 -25.10 30.62 21.57
C PHE G 37 -25.55 29.18 21.83
N VAL G 38 -26.82 28.94 21.54
CA VAL G 38 -27.42 27.60 21.48
C VAL G 38 -27.75 27.36 20.01
N LEU G 39 -26.98 26.47 19.40
CA LEU G 39 -27.29 25.91 18.07
C LEU G 39 -28.12 24.65 18.31
N PHE G 40 -29.28 24.58 17.69
CA PHE G 40 -30.21 23.43 17.80
C PHE G 40 -30.68 23.11 16.37
N SER G 41 -31.09 21.87 16.16
CA SER G 41 -31.47 21.35 14.84
C SER G 41 -32.88 20.77 14.92
N HIS G 42 -33.57 20.67 13.79
CA HIS G 42 -34.88 20.01 13.64
C HIS G 42 -34.88 19.34 12.28
N PRO G 43 -35.67 18.26 12.10
CA PRO G 43 -35.59 17.45 10.90
C PRO G 43 -35.92 18.20 9.61
N ALA G 44 -37.01 18.97 9.61
CA ALA G 44 -37.52 19.62 8.39
C ALA G 44 -38.49 20.73 8.80
N ASP G 45 -38.53 21.76 7.98
CA ASP G 45 -39.51 22.87 8.05
C ASP G 45 -40.89 22.28 7.81
N PHE G 46 -41.92 22.92 8.36
CA PHE G 46 -43.33 22.51 8.12
C PHE G 46 -43.53 21.10 8.68
N THR G 47 -42.98 20.86 9.87
CA THR G 47 -43.22 19.66 10.69
C THR G 47 -43.74 20.16 12.05
N PRO G 48 -44.72 19.46 12.64
CA PRO G 48 -45.43 19.96 13.81
C PRO G 48 -44.60 19.98 15.11
N VAL G 49 -43.88 18.93 15.47
CA VAL G 49 -43.06 19.01 16.72
C VAL G 49 -42.09 20.19 16.57
N SER G 50 -41.36 20.23 15.45
CA SER G 50 -40.36 21.30 15.18
C SER G 50 -41.01 22.68 15.33
N THR G 51 -42.25 22.88 14.84
CA THR G 51 -43.01 24.15 14.99
C THR G 51 -43.23 24.45 16.48
N THR G 52 -43.68 23.47 17.28
CA THR G 52 -43.93 23.68 18.73
C THR G 52 -42.61 24.13 19.38
N GLU G 53 -41.47 23.58 18.94
CA GLU G 53 -40.16 23.90 19.57
C GLU G 53 -39.74 25.31 19.19
N PHE G 54 -39.94 25.73 17.94
CA PHE G 54 -39.58 27.12 17.51
C PHE G 54 -40.44 28.13 18.29
N VAL G 55 -41.71 27.83 18.55
CA VAL G 55 -42.63 28.72 19.31
C VAL G 55 -42.14 28.78 20.78
N SER G 56 -41.73 27.65 21.37
CA SER G 56 -41.18 27.60 22.75
C SER G 56 -39.91 28.46 22.85
N PHE G 57 -38.98 28.28 21.91
CA PHE G 57 -37.72 29.07 21.87
C PHE G 57 -38.06 30.56 21.74
N ALA G 58 -38.98 30.90 20.85
CA ALA G 58 -39.39 32.30 20.55
C ALA G 58 -39.97 32.94 21.82
N ARG G 59 -40.81 32.23 22.55
CA ARG G 59 -41.44 32.79 23.76
C ARG G 59 -40.39 32.95 24.87
N ARG G 60 -39.25 32.27 24.81
CA ARG G 60 -38.20 32.36 25.86
C ARG G 60 -37.04 33.23 25.37
N TYR G 61 -37.17 33.81 24.16
CA TYR G 61 -36.10 34.59 23.50
C TYR G 61 -35.49 35.59 24.49
N GLU G 62 -36.37 36.35 25.10
CA GLU G 62 -36.09 37.38 26.13
C GLU G 62 -35.24 36.77 27.25
N ASP G 63 -35.62 35.61 27.74
CA ASP G 63 -34.87 34.92 28.84
C ASP G 63 -33.46 34.56 28.34
N PHE G 64 -33.31 34.06 27.12
CA PHE G 64 -31.97 33.76 26.55
C PHE G 64 -31.15 35.08 26.46
N GLN G 65 -31.79 36.15 26.00
CA GLN G 65 -31.11 37.45 25.75
C GLN G 65 -30.63 38.04 27.09
N ARG G 66 -31.43 37.91 28.16
CA ARG G 66 -31.04 38.28 29.55
C ARG G 66 -29.72 37.60 29.96
N LEU G 67 -29.52 36.33 29.60
CA LEU G 67 -28.31 35.55 29.94
C LEU G 67 -27.17 35.84 28.99
N GLY G 68 -27.35 36.73 27.99
CA GLY G 68 -26.35 36.98 26.93
C GLY G 68 -26.16 35.77 26.04
N VAL G 69 -27.27 35.12 25.66
CA VAL G 69 -27.31 33.90 24.82
C VAL G 69 -28.16 34.19 23.59
N ASP G 70 -27.58 34.00 22.42
CA ASP G 70 -28.24 33.98 21.09
C ASP G 70 -28.66 32.55 20.75
N LEU G 71 -29.69 32.41 19.91
CA LEU G 71 -30.25 31.14 19.37
C LEU G 71 -29.92 31.06 17.87
N ILE G 72 -29.61 29.87 17.38
CA ILE G 72 -29.47 29.63 15.92
C ILE G 72 -29.97 28.21 15.61
N GLY G 73 -30.96 28.11 14.72
CA GLY G 73 -31.53 26.83 14.26
C GLY G 73 -30.76 26.24 13.08
N LEU G 74 -31.12 25.02 12.68
CA LEU G 74 -30.47 24.24 11.59
C LEU G 74 -31.49 23.19 11.14
N SER G 75 -31.75 23.15 9.83
CA SER G 75 -32.31 21.99 9.11
C SER G 75 -31.69 21.87 7.70
N VAL G 76 -31.87 20.73 7.06
CA VAL G 76 -31.38 20.46 5.68
C VAL G 76 -32.22 21.22 4.65
N ASP G 77 -33.28 21.94 5.05
CA ASP G 77 -34.12 22.76 4.14
C ASP G 77 -33.34 24.02 3.73
N SER G 78 -33.80 24.62 2.63
CA SER G 78 -33.24 25.84 1.98
C SER G 78 -33.73 27.11 2.69
N VAL G 79 -33.07 28.24 2.48
CA VAL G 79 -33.41 29.56 3.11
C VAL G 79 -34.85 29.92 2.75
N CYS G 80 -35.29 29.67 1.52
CA CYS G 80 -36.66 30.03 1.08
C CYS G 80 -37.71 29.26 1.89
N SER G 81 -37.53 27.96 2.10
CA SER G 81 -38.42 27.18 2.99
C SER G 81 -38.38 27.78 4.40
N HIS G 82 -37.20 28.10 4.91
CA HIS G 82 -37.10 28.68 6.27
C HIS G 82 -38.00 29.93 6.35
N ILE G 83 -37.93 30.82 5.34
CA ILE G 83 -38.65 32.14 5.35
C ILE G 83 -40.16 31.86 5.25
N LYS G 84 -40.56 31.00 4.32
CA LYS G 84 -41.99 30.61 4.12
C LYS G 84 -42.51 30.03 5.45
N TRP G 85 -41.69 29.25 6.16
CA TRP G 85 -42.14 28.53 7.38
C TRP G 85 -42.31 29.51 8.52
N LYS G 86 -41.37 30.44 8.66
CA LYS G 86 -41.47 31.54 9.64
C LYS G 86 -42.70 32.42 9.37
N GLU G 87 -43.01 32.72 8.10
CA GLU G 87 -44.22 33.54 7.73
C GLU G 87 -45.47 32.76 8.17
N TRP G 88 -45.50 31.48 7.91
CA TRP G 88 -46.66 30.63 8.31
C TRP G 88 -46.86 30.69 9.82
N ILE G 89 -45.79 30.52 10.60
CA ILE G 89 -45.86 30.51 12.09
C ILE G 89 -46.42 31.86 12.58
N GLU G 90 -45.91 32.97 12.06
CA GLU G 90 -46.32 34.33 12.48
C GLU G 90 -47.81 34.53 12.11
N ARG G 91 -48.22 34.13 10.91
CA ARG G 91 -49.61 34.34 10.40
C ARG G 91 -50.57 33.41 11.15
N HIS G 92 -50.21 32.15 11.40
CA HIS G 92 -51.18 31.14 11.90
C HIS G 92 -51.12 30.99 13.42
N ILE G 93 -49.98 31.27 14.06
CA ILE G 93 -49.81 31.09 15.53
C ILE G 93 -49.60 32.48 16.19
N GLY G 94 -49.24 33.51 15.43
CA GLY G 94 -49.09 34.88 15.96
C GLY G 94 -47.78 35.03 16.69
N VAL G 95 -46.81 34.17 16.40
CA VAL G 95 -45.50 34.23 17.07
C VAL G 95 -44.44 34.47 16.00
N ARG G 96 -43.68 35.55 16.13
CA ARG G 96 -42.55 35.91 15.23
C ARG G 96 -41.31 35.12 15.69
N ILE G 97 -40.58 34.52 14.76
CA ILE G 97 -39.29 33.81 15.04
C ILE G 97 -38.17 34.81 14.79
N PRO G 98 -37.53 35.41 15.83
CA PRO G 98 -36.56 36.48 15.60
C PRO G 98 -35.13 36.01 15.33
N PHE G 99 -34.83 34.70 15.47
CA PHE G 99 -33.43 34.18 15.42
C PHE G 99 -33.19 33.47 14.09
N PRO G 100 -31.93 33.37 13.63
CA PRO G 100 -31.65 32.78 12.32
C PRO G 100 -31.76 31.25 12.39
N ILE G 101 -31.96 30.67 11.21
CA ILE G 101 -31.97 29.21 10.93
C ILE G 101 -30.95 28.97 9.83
N ILE G 102 -29.94 28.13 10.11
CA ILE G 102 -29.00 27.60 9.09
C ILE G 102 -29.80 26.75 8.10
N ALA G 103 -29.50 26.94 6.81
CA ALA G 103 -29.91 26.06 5.68
C ALA G 103 -28.72 25.14 5.40
N ASP G 104 -28.93 23.82 5.47
CA ASP G 104 -27.85 22.80 5.35
C ASP G 104 -28.19 21.73 4.33
N PRO G 105 -28.56 22.09 3.07
CA PRO G 105 -29.00 21.14 2.06
C PRO G 105 -28.13 19.91 1.74
N GLN G 106 -26.81 19.99 1.81
CA GLN G 106 -26.02 18.74 1.55
C GLN G 106 -25.66 18.06 2.89
N GLY G 107 -26.16 18.58 4.02
CA GLY G 107 -25.84 18.01 5.34
C GLY G 107 -24.37 18.16 5.67
N THR G 108 -23.72 19.19 5.15
CA THR G 108 -22.29 19.49 5.49
C THR G 108 -22.18 19.78 6.99
N VAL G 109 -23.01 20.68 7.51
CA VAL G 109 -22.99 21.07 8.95
C VAL G 109 -23.45 19.85 9.77
N ALA G 110 -24.53 19.19 9.33
CA ALA G 110 -25.17 18.07 10.06
C ALA G 110 -24.14 16.97 10.33
N ARG G 111 -23.41 16.56 9.29
CA ARG G 111 -22.37 15.50 9.39
C ARG G 111 -21.24 16.02 10.31
N ARG G 112 -20.84 17.28 10.18
CA ARG G 112 -19.76 17.82 11.05
C ARG G 112 -20.18 17.80 12.53
N LEU G 113 -21.47 17.98 12.86
CA LEU G 113 -21.92 18.01 14.29
C LEU G 113 -22.63 16.69 14.69
N GLY G 114 -22.51 15.62 13.90
CA GLY G 114 -23.09 14.30 14.20
C GLY G 114 -24.61 14.36 14.40
N LEU G 115 -25.32 15.14 13.59
CA LEU G 115 -26.79 15.37 13.69
C LEU G 115 -27.57 14.38 12.82
N LEU G 116 -26.89 13.56 12.01
CA LEU G 116 -27.55 12.53 11.18
C LEU G 116 -27.38 11.23 11.95
N HIS G 117 -28.47 10.73 12.51
CA HIS G 117 -28.53 9.48 13.32
C HIS G 117 -29.32 8.46 12.51
N ALA G 118 -29.51 7.26 13.04
CA ALA G 118 -30.08 6.14 12.26
C ALA G 118 -31.57 6.37 11.99
N GLU G 119 -32.23 7.21 12.77
CA GLU G 119 -33.71 7.42 12.64
C GLU G 119 -34.02 7.97 11.25
N SER G 120 -33.06 8.70 10.66
CA SER G 120 -33.20 9.29 9.31
C SER G 120 -31.82 9.55 8.71
N ALA G 121 -31.55 9.00 7.53
CA ALA G 121 -30.30 9.23 6.77
C ALA G 121 -30.28 10.63 6.13
N THR G 122 -31.42 11.29 5.97
CA THR G 122 -31.60 12.55 5.21
C THR G 122 -31.80 13.78 6.13
N HIS G 123 -32.46 13.59 7.29
CA HIS G 123 -32.89 14.68 8.19
C HIS G 123 -32.27 14.54 9.59
N THR G 124 -31.93 15.70 10.11
CA THR G 124 -31.19 15.95 11.37
C THR G 124 -32.12 15.51 12.49
N VAL G 125 -31.59 14.90 13.55
CA VAL G 125 -32.39 14.73 14.80
C VAL G 125 -32.45 16.09 15.48
N ARG G 126 -32.82 16.12 16.77
CA ARG G 126 -33.05 17.37 17.54
C ARG G 126 -31.83 17.63 18.43
N GLY G 127 -30.70 17.97 17.80
CA GLY G 127 -29.45 18.29 18.50
C GLY G 127 -29.51 19.63 19.19
N VAL G 128 -28.72 19.77 20.26
CA VAL G 128 -28.48 21.04 21.00
C VAL G 128 -27.00 21.12 21.32
N PHE G 129 -26.32 22.16 20.81
CA PHE G 129 -24.94 22.54 21.22
C PHE G 129 -25.01 23.81 22.04
N ILE G 130 -24.62 23.73 23.30
CA ILE G 130 -24.53 24.94 24.15
C ILE G 130 -23.07 25.39 24.13
N VAL G 131 -22.83 26.61 23.65
CA VAL G 131 -21.46 27.09 23.33
C VAL G 131 -21.24 28.37 24.10
N ASP G 132 -20.14 28.48 24.84
CA ASP G 132 -19.89 29.66 25.69
C ASP G 132 -19.27 30.78 24.83
N ALA G 133 -18.93 31.90 25.45
CA ALA G 133 -18.48 33.13 24.78
C ALA G 133 -17.01 32.99 24.35
N ARG G 134 -16.33 31.91 24.77
CA ARG G 134 -14.98 31.58 24.28
C ARG G 134 -15.15 30.66 23.06
N GLY G 135 -16.38 30.27 22.73
CA GLY G 135 -16.66 29.39 21.59
C GLY G 135 -16.35 27.95 21.93
N VAL G 136 -16.42 27.60 23.21
CA VAL G 136 -16.21 26.20 23.70
C VAL G 136 -17.56 25.50 23.86
N ILE G 137 -17.66 24.28 23.34
CA ILE G 137 -18.88 23.45 23.53
C ILE G 137 -18.96 23.07 25.00
N ARG G 138 -20.04 23.44 25.68
CA ARG G 138 -20.21 23.21 27.13
C ARG G 138 -21.14 22.01 27.41
N THR G 139 -22.10 21.73 26.54
CA THR G 139 -23.14 20.69 26.77
C THR G 139 -23.73 20.28 25.41
N MET G 140 -24.15 19.03 25.26
CA MET G 140 -24.68 18.52 23.99
C MET G 140 -25.87 17.62 24.29
N LEU G 141 -26.99 17.86 23.63
CA LEU G 141 -28.21 17.03 23.82
C LEU G 141 -28.66 16.54 22.45
N TYR G 142 -29.18 15.33 22.38
CA TYR G 142 -29.67 14.72 21.14
C TYR G 142 -31.03 14.09 21.44
N TYR G 143 -32.10 14.81 21.13
CA TYR G 143 -33.50 14.35 21.20
C TYR G 143 -33.88 13.78 19.84
N PRO G 144 -34.85 12.84 19.81
CA PRO G 144 -35.22 12.17 18.57
C PRO G 144 -36.33 12.93 17.84
N MET G 145 -36.76 12.38 16.70
CA MET G 145 -37.78 12.98 15.84
C MET G 145 -39.10 13.09 16.60
N GLU G 146 -39.41 12.09 17.42
CA GLU G 146 -40.78 11.85 17.96
C GLU G 146 -40.98 12.62 19.29
N LEU G 147 -39.96 13.32 19.79
CA LEU G 147 -40.01 13.92 21.15
C LEU G 147 -39.46 15.35 21.11
N GLY G 148 -40.26 16.34 21.43
CA GLY G 148 -39.76 17.72 21.57
C GLY G 148 -38.95 17.94 22.83
N ARG G 149 -38.07 18.95 22.79
CA ARG G 149 -37.20 19.33 23.91
C ARG G 149 -38.03 20.01 24.99
N LEU G 150 -37.43 20.09 26.16
CA LEU G 150 -37.89 20.88 27.32
C LEU G 150 -37.06 22.14 27.34
N VAL G 151 -37.53 23.24 26.77
CA VAL G 151 -36.61 24.40 26.49
C VAL G 151 -36.15 25.03 27.82
N ASP G 152 -36.97 24.91 28.89
CA ASP G 152 -36.60 25.50 30.21
C ASP G 152 -35.32 24.85 30.72
N GLU G 153 -35.07 23.58 30.40
CA GLU G 153 -33.84 22.89 30.87
C GLU G 153 -32.63 23.52 30.15
N ILE G 154 -32.77 23.97 28.91
CA ILE G 154 -31.66 24.62 28.15
C ILE G 154 -31.34 25.96 28.81
N LEU G 155 -32.34 26.72 29.25
CA LEU G 155 -32.17 27.92 30.11
C LEU G 155 -31.42 27.59 31.41
N ARG G 156 -31.84 26.55 32.12
CA ARG G 156 -31.28 26.18 33.45
C ARG G 156 -29.81 25.80 33.24
N ILE G 157 -29.52 25.04 32.19
CA ILE G 157 -28.13 24.62 31.86
C ILE G 157 -27.29 25.90 31.70
N VAL G 158 -27.67 26.85 30.83
CA VAL G 158 -26.81 28.04 30.56
C VAL G 158 -26.64 28.86 31.84
N LYS G 159 -27.74 29.07 32.56
CA LYS G 159 -27.75 29.80 33.85
C LYS G 159 -26.77 29.14 34.81
N ALA G 160 -26.85 27.82 34.96
CA ALA G 160 -26.10 27.07 35.99
C ALA G 160 -24.63 27.10 35.60
N LEU G 161 -24.35 26.94 34.32
CA LEU G 161 -22.97 26.95 33.77
C LEU G 161 -22.36 28.34 34.05
N LYS G 162 -23.08 29.42 33.73
CA LYS G 162 -22.59 30.82 33.91
C LYS G 162 -22.28 31.06 35.38
N LEU G 163 -23.16 30.56 36.24
CA LEU G 163 -23.07 30.69 37.71
C LEU G 163 -21.86 29.89 38.18
N GLY G 164 -21.71 28.66 37.67
CA GLY G 164 -20.53 27.81 37.94
C GLY G 164 -19.23 28.52 37.56
N ASP G 165 -19.13 29.07 36.35
CA ASP G 165 -17.93 29.78 35.85
C ASP G 165 -17.60 31.00 36.73
N SER G 166 -18.59 31.82 37.10
CA SER G 166 -18.36 33.12 37.79
C SER G 166 -18.00 32.85 39.25
N LEU G 167 -18.64 31.88 39.90
CA LEU G 167 -18.42 31.61 41.35
C LEU G 167 -17.38 30.49 41.54
N LYS G 168 -16.86 29.87 40.47
CA LYS G 168 -15.85 28.79 40.54
C LYS G 168 -16.43 27.64 41.35
N ARG G 169 -17.57 27.12 40.93
CA ARG G 169 -18.31 26.08 41.68
C ARG G 169 -18.85 25.05 40.71
N ALA G 170 -19.03 23.82 41.17
CA ALA G 170 -19.76 22.77 40.44
C ALA G 170 -21.22 22.79 40.90
N VAL G 171 -22.15 22.36 40.04
CA VAL G 171 -23.60 22.51 40.29
C VAL G 171 -24.21 21.14 40.57
N PRO G 172 -24.85 20.94 41.74
CA PRO G 172 -25.40 19.63 42.08
C PRO G 172 -26.58 19.31 41.17
N ALA G 173 -26.93 18.03 41.18
CA ALA G 173 -28.14 17.48 40.56
C ALA G 173 -29.34 18.36 40.94
N ASP G 174 -30.13 18.69 39.93
CA ASP G 174 -31.50 19.24 40.08
C ASP G 174 -31.41 20.65 40.70
N TRP G 175 -30.25 21.29 40.61
CA TRP G 175 -30.06 22.66 41.15
C TRP G 175 -31.04 23.62 40.47
N PRO G 176 -31.66 24.60 41.19
CA PRO G 176 -31.42 24.90 42.60
C PRO G 176 -32.26 24.15 43.66
N ASN G 177 -32.81 23.00 43.30
CA ASN G 177 -33.71 22.22 44.16
C ASN G 177 -33.04 20.89 44.52
N ASN G 178 -31.73 20.90 44.75
CA ASN G 178 -30.99 19.65 45.06
C ASN G 178 -31.47 19.07 46.40
N GLU G 179 -31.75 17.75 46.43
CA GLU G 179 -32.31 17.08 47.64
C GLU G 179 -31.29 17.05 48.80
N ILE G 180 -30.00 17.19 48.56
CA ILE G 180 -29.01 17.15 49.66
C ILE G 180 -28.73 18.58 50.13
N ILE G 181 -28.40 19.51 49.23
CA ILE G 181 -27.88 20.85 49.61
C ILE G 181 -28.75 21.97 49.03
N GLY G 182 -29.92 21.64 48.49
CA GLY G 182 -30.85 22.62 47.92
C GLY G 182 -30.23 23.49 46.86
N GLU G 183 -29.95 24.76 47.20
CA GLU G 183 -29.39 25.78 46.28
C GLU G 183 -27.87 25.85 46.48
N GLY G 184 -27.31 25.04 47.37
CA GLY G 184 -25.85 24.99 47.55
C GLY G 184 -25.12 24.73 46.24
N LEU G 185 -23.92 25.29 46.12
CA LEU G 185 -22.98 25.02 45.01
C LEU G 185 -21.76 24.35 45.63
N ILE G 186 -21.08 23.50 44.85
CA ILE G 186 -20.06 22.54 45.34
C ILE G 186 -18.68 23.14 45.02
N VAL G 187 -17.81 23.21 46.03
CA VAL G 187 -16.38 23.60 45.88
C VAL G 187 -15.68 22.44 45.15
N PRO G 188 -14.91 22.69 44.07
CA PRO G 188 -14.17 21.60 43.43
C PRO G 188 -13.44 20.81 44.51
N PRO G 189 -13.50 19.46 44.50
CA PRO G 189 -12.80 18.67 45.52
C PRO G 189 -11.27 18.80 45.46
N PRO G 190 -10.59 18.57 46.60
CA PRO G 190 -9.13 18.52 46.63
C PRO G 190 -8.63 17.44 45.67
N THR G 191 -7.45 17.61 45.10
CA THR G 191 -6.79 16.63 44.19
C THR G 191 -5.58 15.96 44.87
N THR G 192 -5.29 16.30 46.13
CA THR G 192 -4.13 15.72 46.86
C THR G 192 -4.50 15.48 48.32
N GLU G 193 -3.74 14.63 49.00
CA GLU G 193 -3.95 14.36 50.44
C GLU G 193 -3.68 15.63 51.26
N ASP G 194 -2.66 16.40 50.90
CA ASP G 194 -2.32 17.68 51.59
C ASP G 194 -3.51 18.64 51.47
N GLN G 195 -4.08 18.79 50.27
CA GLN G 195 -5.28 19.64 50.06
C GLN G 195 -6.43 19.06 50.87
N ALA G 196 -6.66 17.73 50.87
CA ALA G 196 -7.78 17.13 51.62
C ALA G 196 -7.69 17.50 53.11
N ARG G 197 -6.49 17.39 53.69
CA ARG G 197 -6.23 17.67 55.11
C ARG G 197 -6.45 19.17 55.38
N ALA G 198 -5.86 20.08 54.60
CA ALA G 198 -5.97 21.55 54.81
C ALA G 198 -7.45 21.96 54.80
N ARG G 199 -8.21 21.48 53.81
CA ARG G 199 -9.66 21.77 53.63
C ARG G 199 -10.46 21.28 54.85
N MET G 200 -10.35 20.00 55.21
CA MET G 200 -11.03 19.41 56.41
C MET G 200 -10.68 20.22 57.67
N GLU G 201 -9.48 20.80 57.73
CA GLU G 201 -8.95 21.50 58.94
C GLU G 201 -9.46 22.95 58.99
N SER G 202 -9.64 23.61 57.83
CA SER G 202 -9.90 25.07 57.71
C SER G 202 -11.30 25.42 58.23
N GLY G 203 -12.25 24.47 58.23
CA GLY G 203 -13.63 24.66 58.73
C GLY G 203 -14.42 25.68 57.91
N GLN G 204 -13.85 26.12 56.77
CA GLN G 204 -14.30 27.23 55.91
C GLN G 204 -15.64 26.92 55.21
N TYR G 205 -15.96 25.64 54.99
CA TYR G 205 -17.16 25.21 54.26
C TYR G 205 -17.91 24.15 55.06
N ARG G 206 -19.23 24.07 54.87
CA ARG G 206 -20.03 22.86 55.20
C ARG G 206 -19.48 21.71 54.32
N SER G 207 -19.32 20.52 54.91
CA SER G 207 -18.64 19.33 54.35
C SER G 207 -19.39 18.10 54.80
N LEU G 208 -19.50 17.07 53.94
CA LEU G 208 -19.92 15.70 54.33
C LEU G 208 -18.67 14.83 54.42
N ASP G 209 -17.59 15.24 53.77
CA ASP G 209 -16.27 14.58 53.77
C ASP G 209 -15.30 15.51 53.03
N TRP G 210 -13.99 15.22 53.00
CA TRP G 210 -12.98 16.14 52.40
C TRP G 210 -13.27 16.36 50.90
N TRP G 211 -14.03 15.49 50.24
CA TRP G 211 -14.28 15.61 48.77
C TRP G 211 -15.65 16.24 48.48
N PHE G 212 -16.45 16.51 49.52
CA PHE G 212 -17.85 17.00 49.41
C PHE G 212 -18.08 18.21 50.32
N SER G 213 -17.64 19.37 49.85
CA SER G 213 -17.78 20.71 50.47
C SER G 213 -18.70 21.57 49.59
N TRP G 214 -19.49 22.43 50.22
CA TRP G 214 -20.36 23.40 49.49
C TRP G 214 -20.62 24.65 50.31
N ASP G 215 -21.12 25.69 49.66
CA ASP G 215 -21.57 26.93 50.32
C ASP G 215 -22.73 27.45 49.47
N THR G 216 -23.20 28.66 49.74
CA THR G 216 -24.42 29.24 49.09
C THR G 216 -24.06 30.61 48.57
N PRO G 217 -23.14 30.74 47.58
CA PRO G 217 -22.67 32.04 47.13
C PRO G 217 -23.53 32.63 46.01
N ALA G 218 -24.55 31.91 45.52
CA ALA G 218 -25.44 32.44 44.45
C ALA G 218 -26.36 33.48 45.11
N SER G 219 -26.66 34.59 44.43
CA SER G 219 -27.69 35.55 44.92
C SER G 219 -29.07 34.88 44.88
N ARG G 220 -29.98 35.34 45.73
CA ARG G 220 -31.41 34.93 45.78
C ARG G 220 -31.99 35.14 44.37
N ASP G 221 -31.59 36.22 43.69
CA ASP G 221 -32.07 36.58 42.33
C ASP G 221 -31.66 35.47 41.35
N ASP G 222 -30.39 35.05 41.40
CA ASP G 222 -29.86 33.96 40.52
C ASP G 222 -30.62 32.67 40.83
N VAL G 223 -30.86 32.36 42.10
CA VAL G 223 -31.50 31.09 42.52
C VAL G 223 -32.95 31.12 42.03
N GLU G 224 -33.65 32.24 42.26
CA GLU G 224 -35.10 32.31 42.00
C GLU G 224 -35.32 32.34 40.47
N GLU G 225 -34.43 32.99 39.72
CA GLU G 225 -34.52 33.00 38.24
C GLU G 225 -34.37 31.57 37.72
N ALA G 226 -33.42 30.82 38.25
CA ALA G 226 -33.16 29.44 37.81
C ALA G 226 -34.41 28.63 38.15
N ARG G 227 -35.00 28.84 39.32
CA ARG G 227 -36.21 28.09 39.76
C ARG G 227 -37.43 28.44 38.91
N ARG G 228 -37.60 29.71 38.50
CA ARG G 228 -38.72 30.23 37.68
C ARG G 228 -38.73 29.43 36.36
N TYR G 229 -37.57 29.09 35.78
CA TYR G 229 -37.53 28.31 34.52
C TYR G 229 -38.29 26.99 34.78
N LEU G 230 -37.96 26.32 35.86
CA LEU G 230 -38.55 24.98 36.19
C LEU G 230 -40.04 25.15 36.56
N ARG G 231 -40.39 26.21 37.29
CA ARG G 231 -41.82 26.53 37.61
C ARG G 231 -42.57 26.65 36.28
N ARG G 232 -42.04 27.40 35.32
CA ARG G 232 -42.71 27.59 34.00
C ARG G 232 -42.90 26.20 33.36
N ALA G 233 -41.85 25.38 33.32
CA ALA G 233 -41.88 24.05 32.69
C ALA G 233 -43.00 23.25 33.34
N ALA G 234 -43.21 23.44 34.64
CA ALA G 234 -44.18 22.64 35.42
C ALA G 234 -45.61 23.20 35.34
N GLU G 235 -45.83 24.43 34.86
CA GLU G 235 -47.14 25.13 34.87
C GLU G 235 -47.99 24.72 33.67
N LYS G 236 -49.22 24.29 33.91
CA LYS G 236 -50.31 24.21 32.89
C LYS G 236 -50.44 25.61 32.26
N PRO G 237 -50.27 25.80 30.93
CA PRO G 237 -50.34 27.14 30.35
C PRO G 237 -51.70 27.80 30.60
N ALA G 238 -51.70 29.14 30.74
CA ALA G 238 -52.89 29.95 31.13
C ALA G 238 -53.95 29.89 30.02
N LYS G 239 -53.52 30.07 28.77
CA LYS G 239 -54.35 29.84 27.58
C LYS G 239 -53.47 29.29 26.44
N LEU G 240 -53.97 28.25 25.80
CA LEU G 240 -53.36 27.56 24.64
C LEU G 240 -53.43 28.47 23.40
N LEU G 241 -52.32 28.54 22.68
CA LEU G 241 -52.16 29.37 21.46
C LEU G 241 -53.04 28.83 20.32
N TYR G 242 -53.42 27.54 20.33
CA TYR G 242 -54.25 26.98 19.22
C TYR G 242 -55.64 27.61 19.27
N GLU G 243 -56.14 27.95 20.47
CA GLU G 243 -57.48 28.56 20.69
C GLU G 243 -57.52 29.91 19.98
N GLU G 244 -56.75 30.89 20.48
CA GLU G 244 -56.69 32.28 19.95
C GLU G 244 -56.25 32.29 18.47
N ALA G 245 -55.67 31.21 17.95
CA ALA G 245 -55.26 31.09 16.54
C ALA G 245 -56.50 31.20 15.64
N PRO H 2 -11.94 15.44 17.86
CA PRO H 2 -13.36 15.03 18.07
C PRO H 2 -13.52 13.57 18.52
N GLY H 3 -14.72 13.01 18.36
CA GLY H 3 -15.06 11.67 18.88
C GLY H 3 -16.11 11.00 18.03
N SER H 4 -16.68 9.90 18.51
CA SER H 4 -17.49 8.93 17.73
C SER H 4 -18.53 8.27 18.64
N ILE H 5 -19.80 8.24 18.23
CA ILE H 5 -20.91 7.75 19.12
C ILE H 5 -21.72 6.63 18.46
N PRO H 6 -22.54 5.92 19.27
CA PRO H 6 -23.63 5.11 18.73
C PRO H 6 -24.74 6.16 18.56
N LEU H 7 -25.78 5.86 17.79
CA LEU H 7 -26.71 6.92 17.32
C LEU H 7 -28.14 6.56 17.69
N ILE H 8 -29.00 7.57 17.78
CA ILE H 8 -30.44 7.36 18.00
C ILE H 8 -30.94 6.51 16.84
N GLY H 9 -31.72 5.48 17.16
CA GLY H 9 -32.29 4.54 16.16
C GLY H 9 -31.42 3.32 15.95
N GLU H 10 -30.15 3.34 16.37
CA GLU H 10 -29.29 2.13 16.35
C GLU H 10 -29.62 1.26 17.56
N ARG H 11 -29.42 -0.05 17.42
CA ARG H 11 -29.41 -0.99 18.56
C ARG H 11 -28.21 -0.61 19.45
N PHE H 12 -28.40 -0.60 20.76
CA PHE H 12 -27.29 -0.34 21.71
C PHE H 12 -26.20 -1.39 21.43
N PRO H 13 -24.90 -1.01 21.31
CA PRO H 13 -23.85 -2.00 20.99
C PRO H 13 -23.82 -3.20 21.93
N GLU H 14 -23.73 -4.42 21.39
CA GLU H 14 -23.61 -5.66 22.21
C GLU H 14 -22.32 -5.53 23.02
N MET H 15 -22.38 -5.77 24.32
CA MET H 15 -21.14 -5.80 25.13
C MET H 15 -21.46 -6.50 26.45
N GLU H 16 -20.47 -7.17 27.00
CA GLU H 16 -20.50 -7.71 28.37
C GLU H 16 -19.83 -6.67 29.23
N VAL H 17 -20.50 -6.24 30.30
CA VAL H 17 -19.90 -5.23 31.21
C VAL H 17 -19.82 -5.86 32.59
N THR H 18 -18.75 -5.54 33.31
CA THR H 18 -18.61 -5.88 34.76
C THR H 18 -19.28 -4.78 35.58
N THR H 19 -20.31 -5.13 36.35
CA THR H 19 -20.95 -4.26 37.35
C THR H 19 -20.73 -4.79 38.76
N ASP H 20 -21.06 -3.93 39.74
CA ASP H 20 -21.01 -4.23 41.18
C ASP H 20 -22.14 -5.18 41.54
N HIS H 21 -22.99 -5.59 40.59
CA HIS H 21 -24.01 -6.67 40.74
C HIS H 21 -23.61 -7.91 39.96
N GLY H 22 -22.45 -7.89 39.30
CA GLY H 22 -21.96 -9.01 38.46
C GLY H 22 -21.89 -8.62 36.99
N VAL H 23 -21.59 -9.62 36.14
CA VAL H 23 -21.33 -9.44 34.70
C VAL H 23 -22.70 -9.41 34.04
N ILE H 24 -22.97 -8.48 33.14
CA ILE H 24 -24.24 -8.57 32.38
C ILE H 24 -23.93 -8.20 30.94
N LYS H 25 -24.83 -8.65 30.06
CA LYS H 25 -24.75 -8.40 28.61
C LYS H 25 -25.77 -7.30 28.29
N LEU H 26 -25.31 -6.24 27.65
CA LEU H 26 -26.15 -5.10 27.20
C LEU H 26 -26.35 -5.24 25.70
N PRO H 27 -27.54 -4.94 25.14
CA PRO H 27 -28.74 -4.59 25.91
C PRO H 27 -29.58 -5.80 26.35
N ASP H 28 -29.11 -7.01 26.02
CA ASP H 28 -29.84 -8.29 26.15
C ASP H 28 -30.48 -8.42 27.54
N HIS H 29 -29.69 -8.18 28.60
CA HIS H 29 -30.11 -8.34 30.00
C HIS H 29 -31.46 -7.63 30.22
N TYR H 30 -31.68 -6.47 29.60
CA TYR H 30 -32.88 -5.64 29.79
C TYR H 30 -33.93 -5.99 28.74
N VAL H 31 -33.53 -6.19 27.48
CA VAL H 31 -34.46 -6.61 26.38
C VAL H 31 -35.17 -7.90 26.81
N SER H 32 -34.43 -8.87 27.32
CA SER H 32 -34.96 -10.19 27.73
C SER H 32 -36.03 -10.02 28.83
N GLN H 33 -36.00 -8.92 29.58
CA GLN H 33 -37.02 -8.63 30.64
C GLN H 33 -38.12 -7.70 30.12
N GLY H 34 -38.11 -7.26 28.87
CA GLY H 34 -39.11 -6.27 28.39
C GLY H 34 -38.94 -4.90 29.06
N LYS H 35 -37.74 -4.59 29.54
CA LYS H 35 -37.46 -3.33 30.28
C LYS H 35 -36.62 -2.39 29.42
N TRP H 36 -36.97 -1.12 29.47
CA TRP H 36 -36.10 -0.01 29.07
C TRP H 36 -34.94 0.08 30.06
N PHE H 37 -33.85 0.72 29.66
CA PHE H 37 -32.79 1.08 30.62
C PHE H 37 -32.23 2.46 30.28
N VAL H 38 -31.87 3.16 31.34
CA VAL H 38 -31.10 4.42 31.28
C VAL H 38 -29.70 4.06 31.73
N LEU H 39 -28.77 4.07 30.80
CA LEU H 39 -27.36 3.97 31.17
C LEU H 39 -26.84 5.40 31.31
N PHE H 40 -26.20 5.73 32.41
CA PHE H 40 -25.62 7.07 32.64
C PHE H 40 -24.23 6.89 33.24
N SER H 41 -23.37 7.87 32.97
CA SER H 41 -21.93 7.84 33.33
C SER H 41 -21.65 8.96 34.36
N HIS H 42 -20.58 8.82 35.14
CA HIS H 42 -20.04 9.91 36.00
C HIS H 42 -18.52 9.77 36.02
N PRO H 43 -17.78 10.86 36.21
CA PRO H 43 -16.33 10.80 36.05
C PRO H 43 -15.64 9.80 37.00
N ALA H 44 -15.99 9.82 38.29
CA ALA H 44 -15.29 9.05 39.33
C ALA H 44 -16.14 8.93 40.59
N ASP H 45 -15.89 7.86 41.33
CA ASP H 45 -16.54 7.57 42.64
C ASP H 45 -16.02 8.61 43.63
N PHE H 46 -16.78 8.91 44.69
CA PHE H 46 -16.35 9.84 45.76
C PHE H 46 -16.02 11.20 45.14
N THR H 47 -16.88 11.64 44.22
CA THR H 47 -17.02 13.02 43.70
C THR H 47 -18.41 13.55 44.05
N PRO H 48 -18.49 14.85 44.39
CA PRO H 48 -19.69 15.42 45.01
C PRO H 48 -20.89 15.58 44.06
N VAL H 49 -20.71 16.14 42.86
CA VAL H 49 -21.83 16.24 41.88
C VAL H 49 -22.33 14.83 41.59
N SER H 50 -21.41 13.90 41.33
CA SER H 50 -21.79 12.50 41.01
C SER H 50 -22.64 11.92 42.14
N THR H 51 -22.24 12.15 43.40
CA THR H 51 -23.00 11.66 44.57
C THR H 51 -24.42 12.22 44.55
N THR H 52 -24.56 13.54 44.36
CA THR H 52 -25.90 14.17 44.33
C THR H 52 -26.71 13.50 43.22
N GLU H 53 -26.08 13.17 42.07
CA GLU H 53 -26.85 12.58 40.95
C GLU H 53 -27.32 11.18 41.33
N PHE H 54 -26.45 10.41 41.99
CA PHE H 54 -26.79 9.05 42.47
C PHE H 54 -27.94 9.12 43.47
N VAL H 55 -27.95 10.11 44.36
CA VAL H 55 -29.06 10.24 45.34
C VAL H 55 -30.34 10.61 44.59
N SER H 56 -30.25 11.48 43.59
CA SER H 56 -31.44 11.92 42.80
C SER H 56 -32.06 10.72 42.09
N PHE H 57 -31.25 9.92 41.41
CA PHE H 57 -31.72 8.67 40.74
C PHE H 57 -32.39 7.72 41.76
N ALA H 58 -31.73 7.51 42.89
CA ALA H 58 -32.19 6.60 43.99
C ALA H 58 -33.56 7.06 44.52
N ARG H 59 -33.73 8.37 44.69
CA ARG H 59 -35.04 8.93 45.11
C ARG H 59 -36.10 8.62 44.06
N ARG H 60 -35.72 8.56 42.77
CA ARG H 60 -36.69 8.42 41.66
C ARG H 60 -36.76 6.97 41.19
N TYR H 61 -36.12 6.07 41.92
CA TYR H 61 -35.97 4.64 41.52
C TYR H 61 -37.36 4.00 41.33
N GLU H 62 -38.28 4.21 42.26
CA GLU H 62 -39.67 3.70 42.14
C GLU H 62 -40.36 4.30 40.91
N ASP H 63 -40.18 5.58 40.62
CA ASP H 63 -40.83 6.22 39.44
C ASP H 63 -40.33 5.54 38.16
N PHE H 64 -39.04 5.22 38.12
CA PHE H 64 -38.39 4.51 36.99
C PHE H 64 -38.97 3.09 36.87
N GLN H 65 -39.01 2.37 37.99
CA GLN H 65 -39.53 0.97 38.07
C GLN H 65 -40.98 0.91 37.58
N ARG H 66 -41.83 1.85 38.01
CA ARG H 66 -43.27 1.93 37.62
C ARG H 66 -43.40 2.07 36.11
N LEU H 67 -42.41 2.65 35.44
CA LEU H 67 -42.40 2.80 33.95
C LEU H 67 -41.80 1.56 33.28
N GLY H 68 -41.23 0.60 34.02
CA GLY H 68 -40.54 -0.58 33.46
C GLY H 68 -39.21 -0.14 32.87
N VAL H 69 -38.54 0.77 33.59
CA VAL H 69 -37.20 1.36 33.30
C VAL H 69 -36.24 1.00 34.43
N ASP H 70 -35.16 0.30 34.10
CA ASP H 70 -34.05 0.02 35.04
C ASP H 70 -32.97 1.07 34.80
N LEU H 71 -32.12 1.23 35.79
CA LEU H 71 -31.00 2.20 35.82
C LEU H 71 -29.70 1.42 35.88
N ILE H 72 -28.66 1.95 35.27
CA ILE H 72 -27.29 1.39 35.39
C ILE H 72 -26.27 2.53 35.19
N GLY H 73 -25.38 2.71 36.16
CA GLY H 73 -24.30 3.72 36.09
C GLY H 73 -23.04 3.19 35.45
N LEU H 74 -22.03 4.04 35.36
CA LEU H 74 -20.76 3.76 34.68
C LEU H 74 -19.73 4.80 35.16
N SER H 75 -18.61 4.35 35.70
CA SER H 75 -17.36 5.15 35.78
C SER H 75 -16.18 4.23 35.47
N VAL H 76 -14.98 4.81 35.33
CA VAL H 76 -13.71 4.08 35.07
C VAL H 76 -13.20 3.46 36.38
N ASP H 77 -13.86 3.73 37.50
CA ASP H 77 -13.53 3.17 38.83
C ASP H 77 -13.94 1.69 38.86
N SER H 78 -13.26 0.94 39.72
CA SER H 78 -13.42 -0.53 39.86
C SER H 78 -14.59 -0.84 40.77
N VAL H 79 -15.04 -2.10 40.77
CA VAL H 79 -16.27 -2.53 41.50
C VAL H 79 -16.07 -2.34 43.01
N CYS H 80 -14.87 -2.56 43.57
CA CYS H 80 -14.62 -2.41 45.03
C CYS H 80 -14.88 -0.95 45.41
N SER H 81 -14.40 0.03 44.63
CA SER H 81 -14.69 1.48 44.81
C SER H 81 -16.19 1.72 44.71
N HIS H 82 -16.84 1.19 43.69
CA HIS H 82 -18.31 1.32 43.55
C HIS H 82 -18.97 0.94 44.87
N ILE H 83 -18.64 -0.22 45.46
CA ILE H 83 -19.36 -0.78 46.63
C ILE H 83 -19.01 0.07 47.87
N LYS H 84 -17.75 0.51 48.01
CA LYS H 84 -17.32 1.39 49.13
C LYS H 84 -18.03 2.74 49.04
N TRP H 85 -18.19 3.29 47.83
CA TRP H 85 -18.87 4.58 47.59
C TRP H 85 -20.36 4.43 47.93
N LYS H 86 -21.00 3.35 47.50
CA LYS H 86 -22.42 3.09 47.87
C LYS H 86 -22.55 2.98 49.38
N GLU H 87 -21.57 2.39 50.06
CA GLU H 87 -21.58 2.23 51.54
C GLU H 87 -21.51 3.62 52.17
N TRP H 88 -20.63 4.50 51.67
CA TRP H 88 -20.47 5.87 52.19
C TRP H 88 -21.79 6.64 52.06
N ILE H 89 -22.43 6.55 50.89
CA ILE H 89 -23.72 7.25 50.63
C ILE H 89 -24.79 6.72 51.60
N GLU H 90 -24.92 5.41 51.75
CA GLU H 90 -25.94 4.84 52.65
C GLU H 90 -25.68 5.32 54.07
N ARG H 91 -24.44 5.30 54.52
CA ARG H 91 -24.09 5.63 55.93
C ARG H 91 -24.17 7.16 56.15
N HIS H 92 -23.70 7.99 55.21
CA HIS H 92 -23.61 9.46 55.45
C HIS H 92 -24.85 10.22 54.95
N ILE H 93 -25.52 9.79 53.88
CA ILE H 93 -26.74 10.46 53.35
C ILE H 93 -27.99 9.69 53.77
N GLY H 94 -27.88 8.40 54.14
CA GLY H 94 -29.05 7.58 54.51
C GLY H 94 -29.82 7.12 53.28
N VAL H 95 -29.19 7.14 52.10
CA VAL H 95 -29.87 6.69 50.88
C VAL H 95 -29.14 5.46 50.34
N ARG H 96 -29.88 4.40 50.08
CA ARG H 96 -29.39 3.15 49.43
C ARG H 96 -29.39 3.36 47.91
N ILE H 97 -28.28 3.04 47.23
CA ILE H 97 -28.25 2.95 45.74
C ILE H 97 -28.58 1.52 45.35
N PRO H 98 -29.80 1.22 44.86
CA PRO H 98 -30.20 -0.16 44.59
C PRO H 98 -29.78 -0.68 43.21
N PHE H 99 -29.25 0.18 42.35
CA PHE H 99 -29.06 -0.18 40.93
C PHE H 99 -27.57 -0.41 40.68
N PRO H 100 -27.20 -1.20 39.65
CA PRO H 100 -25.81 -1.49 39.35
C PRO H 100 -25.00 -0.30 38.78
N ILE H 101 -23.71 -0.32 39.03
CA ILE H 101 -22.70 0.60 38.42
C ILE H 101 -21.72 -0.27 37.65
N ILE H 102 -21.49 0.08 36.38
CA ILE H 102 -20.45 -0.56 35.53
C ILE H 102 -19.08 -0.07 36.01
N ALA H 103 -18.10 -0.97 36.03
CA ALA H 103 -16.66 -0.67 36.21
C ALA H 103 -16.02 -0.70 34.83
N ASP H 104 -15.40 0.40 34.39
CA ASP H 104 -14.80 0.52 33.04
C ASP H 104 -13.34 0.97 33.13
N PRO H 105 -12.47 0.30 33.91
CA PRO H 105 -11.10 0.79 34.12
C PRO H 105 -10.21 0.99 32.87
N GLN H 106 -10.45 0.33 31.75
CA GLN H 106 -9.59 0.68 30.57
C GLN H 106 -10.33 1.65 29.62
N GLY H 107 -11.53 2.08 29.97
CA GLY H 107 -12.34 3.01 29.17
C GLY H 107 -12.91 2.37 27.93
N THR H 108 -12.97 1.03 27.89
CA THR H 108 -13.53 0.24 26.76
C THR H 108 -14.97 0.66 26.49
N VAL H 109 -15.82 0.71 27.52
CA VAL H 109 -17.26 1.07 27.32
C VAL H 109 -17.30 2.56 27.00
N ALA H 110 -16.46 3.35 27.67
CA ALA H 110 -16.46 4.82 27.53
C ALA H 110 -16.24 5.16 26.06
N ARG H 111 -15.19 4.58 25.47
CA ARG H 111 -14.78 4.90 24.07
C ARG H 111 -15.90 4.45 23.15
N ARG H 112 -16.48 3.28 23.39
CA ARG H 112 -17.60 2.76 22.58
C ARG H 112 -18.77 3.76 22.55
N LEU H 113 -19.13 4.37 23.69
CA LEU H 113 -20.33 5.25 23.82
C LEU H 113 -19.97 6.73 23.73
N GLY H 114 -18.72 7.04 23.37
CA GLY H 114 -18.27 8.43 23.16
C GLY H 114 -18.36 9.26 24.42
N LEU H 115 -18.04 8.67 25.59
CA LEU H 115 -18.19 9.31 26.92
C LEU H 115 -16.90 10.00 27.33
N LEU H 116 -15.84 9.95 26.52
CA LEU H 116 -14.58 10.66 26.84
C LEU H 116 -14.49 11.91 25.98
N HIS H 117 -14.75 13.08 26.56
CA HIS H 117 -14.76 14.37 25.85
C HIS H 117 -13.45 15.11 26.17
N ALA H 118 -13.19 16.25 25.55
CA ALA H 118 -11.94 17.03 25.78
C ALA H 118 -11.84 17.53 27.23
N GLU H 119 -12.92 17.57 28.00
CA GLU H 119 -12.82 18.05 29.41
C GLU H 119 -11.90 17.12 30.20
N SER H 120 -11.89 15.83 29.90
CA SER H 120 -10.95 14.86 30.55
C SER H 120 -10.62 13.70 29.61
N ALA H 121 -9.33 13.47 29.39
CA ALA H 121 -8.79 12.29 28.69
C ALA H 121 -9.06 11.00 29.47
N THR H 122 -9.25 11.07 30.79
CA THR H 122 -9.19 9.89 31.70
C THR H 122 -10.55 9.52 32.31
N HIS H 123 -11.49 10.46 32.43
CA HIS H 123 -12.80 10.22 33.09
C HIS H 123 -13.95 10.66 32.18
N THR H 124 -15.05 9.90 32.21
CA THR H 124 -16.26 10.14 31.42
C THR H 124 -16.89 11.45 31.87
N VAL H 125 -17.48 12.18 30.94
CA VAL H 125 -18.49 13.23 31.24
C VAL H 125 -19.77 12.53 31.71
N ARG H 126 -20.89 13.26 31.76
CA ARG H 126 -22.17 12.83 32.36
C ARG H 126 -23.09 12.42 31.22
N GLY H 127 -22.75 11.30 30.57
CA GLY H 127 -23.51 10.73 29.44
C GLY H 127 -24.83 10.17 29.94
N VAL H 128 -25.88 10.21 29.12
CA VAL H 128 -27.17 9.51 29.40
C VAL H 128 -27.61 8.83 28.11
N PHE H 129 -27.81 7.50 28.18
CA PHE H 129 -28.30 6.68 27.07
C PHE H 129 -29.64 6.12 27.47
N ILE H 130 -30.68 6.51 26.74
CA ILE H 130 -32.04 6.02 27.00
C ILE H 130 -32.35 4.98 25.94
N VAL H 131 -32.58 3.73 26.38
CA VAL H 131 -32.63 2.54 25.49
C VAL H 131 -33.98 1.84 25.71
N ASP H 132 -34.71 1.56 24.66
CA ASP H 132 -36.08 0.96 24.81
C ASP H 132 -35.95 -0.55 24.98
N ALA H 133 -37.09 -1.23 25.10
CA ALA H 133 -37.21 -2.67 25.43
C ALA H 133 -36.86 -3.52 24.20
N ARG H 134 -36.59 -2.91 23.05
CA ARG H 134 -36.09 -3.59 21.83
C ARG H 134 -34.58 -3.35 21.70
N GLY H 135 -33.97 -2.68 22.68
CA GLY H 135 -32.52 -2.42 22.70
C GLY H 135 -32.10 -1.24 21.84
N VAL H 136 -33.04 -0.39 21.41
CA VAL H 136 -32.77 0.74 20.47
C VAL H 136 -32.51 2.01 21.30
N ILE H 137 -31.42 2.72 20.97
CA ILE H 137 -31.10 4.06 21.53
C ILE H 137 -32.17 5.07 21.08
N ARG H 138 -32.84 5.70 22.03
CA ARG H 138 -34.00 6.60 21.75
C ARG H 138 -33.60 8.07 22.00
N THR H 139 -32.61 8.32 22.84
CA THR H 139 -32.17 9.69 23.24
C THR H 139 -30.77 9.60 23.85
N MET H 140 -29.99 10.66 23.72
CA MET H 140 -28.63 10.75 24.27
C MET H 140 -28.35 12.15 24.78
N LEU H 141 -27.93 12.29 26.03
CA LEU H 141 -27.57 13.59 26.65
C LEU H 141 -26.11 13.53 27.06
N TYR H 142 -25.38 14.61 26.86
CA TYR H 142 -23.98 14.75 27.36
C TYR H 142 -23.90 16.03 28.18
N TYR H 143 -24.02 15.87 29.49
CA TYR H 143 -23.77 16.94 30.47
C TYR H 143 -22.27 16.93 30.80
N PRO H 144 -21.70 18.07 31.22
CA PRO H 144 -20.29 18.15 31.59
C PRO H 144 -19.96 17.86 33.06
N MET H 145 -18.66 17.81 33.41
CA MET H 145 -18.15 17.56 34.80
C MET H 145 -18.82 18.51 35.81
N GLU H 146 -19.01 19.79 35.44
CA GLU H 146 -19.34 20.92 36.35
C GLU H 146 -20.85 21.10 36.58
N LEU H 147 -21.70 20.32 35.90
CA LEU H 147 -23.17 20.53 35.88
C LEU H 147 -23.87 19.19 36.10
N GLY H 148 -24.51 19.02 37.24
CA GLY H 148 -25.41 17.88 37.48
C GLY H 148 -26.63 17.91 36.59
N ARG H 149 -27.16 16.72 36.31
CA ARG H 149 -28.34 16.53 35.45
C ARG H 149 -29.59 16.92 36.23
N LEU H 150 -30.65 17.13 35.48
CA LEU H 150 -32.03 17.26 35.93
C LEU H 150 -32.69 15.90 35.71
N VAL H 151 -32.74 15.07 36.74
CA VAL H 151 -33.14 13.65 36.60
C VAL H 151 -34.64 13.62 36.24
N ASP H 152 -35.47 14.54 36.73
CA ASP H 152 -36.91 14.60 36.31
C ASP H 152 -37.09 14.76 34.79
N GLU H 153 -36.16 15.39 34.05
CA GLU H 153 -36.28 15.45 32.58
C GLU H 153 -36.05 14.05 31.97
N ILE H 154 -35.22 13.21 32.59
CA ILE H 154 -34.97 11.81 32.14
C ILE H 154 -36.25 10.99 32.33
N LEU H 155 -36.96 11.17 33.44
CA LEU H 155 -38.31 10.57 33.66
C LEU H 155 -39.31 11.07 32.61
N ARG H 156 -39.32 12.38 32.35
CA ARG H 156 -40.24 12.98 31.37
C ARG H 156 -39.95 12.36 29.99
N ILE H 157 -38.69 12.22 29.62
CA ILE H 157 -38.29 11.67 28.30
C ILE H 157 -38.85 10.25 28.15
N VAL H 158 -38.59 9.36 29.12
CA VAL H 158 -39.01 7.93 29.02
C VAL H 158 -40.53 7.86 29.05
N LYS H 159 -41.20 8.63 29.90
CA LYS H 159 -42.68 8.60 29.95
C LYS H 159 -43.26 9.03 28.59
N ALA H 160 -42.74 10.11 27.99
CA ALA H 160 -43.30 10.72 26.78
C ALA H 160 -43.02 9.79 25.60
N LEU H 161 -41.83 9.20 25.56
CA LEU H 161 -41.45 8.25 24.48
C LEU H 161 -42.41 7.05 24.54
N LYS H 162 -42.66 6.51 25.74
CA LYS H 162 -43.53 5.31 25.94
C LYS H 162 -44.97 5.63 25.55
N LEU H 163 -45.44 6.83 25.88
CA LEU H 163 -46.76 7.34 25.40
C LEU H 163 -46.78 7.45 23.87
N GLY H 164 -45.80 8.14 23.28
CA GLY H 164 -45.66 8.25 21.82
C GLY H 164 -45.75 6.90 21.15
N ASP H 165 -45.03 5.90 21.68
CA ASP H 165 -44.91 4.54 21.10
C ASP H 165 -46.28 3.83 21.17
N SER H 166 -46.90 3.80 22.34
CA SER H 166 -48.20 3.11 22.61
C SER H 166 -49.34 3.85 21.90
N LEU H 167 -49.35 5.18 21.79
CA LEU H 167 -50.50 5.89 21.17
C LEU H 167 -50.24 6.30 19.72
N LYS H 168 -49.08 5.95 19.16
CA LYS H 168 -48.68 6.29 17.77
C LYS H 168 -48.71 7.82 17.61
N ARG H 169 -48.02 8.56 18.47
CA ARG H 169 -48.05 10.04 18.42
C ARG H 169 -46.64 10.59 18.59
N ALA H 170 -46.39 11.79 18.07
CA ALA H 170 -45.19 12.59 18.34
C ALA H 170 -45.53 13.51 19.51
N VAL H 171 -44.53 13.88 20.31
CA VAL H 171 -44.73 14.65 21.58
C VAL H 171 -44.27 16.09 21.34
N PRO H 172 -45.13 17.08 21.60
CA PRO H 172 -44.76 18.48 21.42
C PRO H 172 -43.72 18.96 22.42
N ALA H 173 -43.00 20.04 22.09
CA ALA H 173 -42.10 20.77 23.01
C ALA H 173 -42.77 20.93 24.38
N ASP H 174 -42.04 20.68 25.48
CA ASP H 174 -42.49 21.06 26.85
C ASP H 174 -43.74 20.24 27.25
N TRP H 175 -44.06 19.15 26.56
CA TRP H 175 -45.20 18.29 26.96
C TRP H 175 -44.99 17.82 28.39
N PRO H 176 -46.02 17.77 29.27
CA PRO H 176 -47.42 18.00 28.90
C PRO H 176 -47.99 19.41 29.03
N ASN H 177 -47.12 20.41 29.00
CA ASN H 177 -47.48 21.83 29.19
C ASN H 177 -47.04 22.61 27.96
N ASN H 178 -47.37 22.10 26.77
CA ASN H 178 -47.04 22.77 25.49
C ASN H 178 -47.89 24.04 25.34
N GLU H 179 -47.29 25.15 24.95
CA GLU H 179 -48.00 26.45 24.92
C GLU H 179 -49.05 26.48 23.79
N ILE H 180 -48.96 25.61 22.78
CA ILE H 180 -49.88 25.62 21.61
C ILE H 180 -51.02 24.62 21.87
N ILE H 181 -50.69 23.36 22.25
CA ILE H 181 -51.71 22.26 22.38
C ILE H 181 -51.69 21.64 23.78
N GLY H 182 -51.08 22.26 24.78
CA GLY H 182 -51.16 21.76 26.16
C GLY H 182 -50.64 20.34 26.25
N GLU H 183 -51.53 19.39 26.61
CA GLU H 183 -51.21 17.95 26.77
C GLU H 183 -51.52 17.18 25.48
N GLY H 184 -51.94 17.89 24.44
CA GLY H 184 -52.11 17.34 23.08
C GLY H 184 -50.88 16.60 22.61
N LEU H 185 -51.11 15.56 21.82
CA LEU H 185 -50.07 14.75 21.14
C LEU H 185 -50.30 14.84 19.63
N ILE H 186 -49.23 14.83 18.86
CA ILE H 186 -49.25 15.17 17.42
C ILE H 186 -49.41 13.90 16.59
N VAL H 187 -50.38 13.90 15.68
CA VAL H 187 -50.56 12.80 14.69
C VAL H 187 -49.39 12.88 13.71
N PRO H 188 -48.60 11.81 13.49
CA PRO H 188 -47.48 11.87 12.54
C PRO H 188 -48.01 12.44 11.21
N PRO H 189 -47.34 13.43 10.61
CA PRO H 189 -47.91 14.11 9.45
C PRO H 189 -47.95 13.24 8.18
N PRO H 190 -48.84 13.57 7.21
CA PRO H 190 -48.89 12.87 5.93
C PRO H 190 -47.54 12.97 5.23
N THR H 191 -47.16 11.95 4.44
CA THR H 191 -45.91 11.85 3.68
C THR H 191 -46.20 11.97 2.16
N THR H 192 -47.47 12.12 1.75
CA THR H 192 -47.88 12.25 0.33
C THR H 192 -49.01 13.27 0.17
N GLU H 193 -49.17 13.79 -1.06
CA GLU H 193 -50.30 14.66 -1.46
C GLU H 193 -51.64 14.00 -1.15
N ASP H 194 -51.84 12.75 -1.58
CA ASP H 194 -53.13 12.03 -1.36
C ASP H 194 -53.42 12.01 0.15
N GLN H 195 -52.47 11.56 0.98
CA GLN H 195 -52.66 11.48 2.46
C GLN H 195 -52.99 12.87 3.00
N ALA H 196 -52.31 13.93 2.56
CA ALA H 196 -52.54 15.32 3.03
C ALA H 196 -54.01 15.70 2.77
N ARG H 197 -54.49 15.46 1.55
CA ARG H 197 -55.91 15.70 1.14
C ARG H 197 -56.84 14.82 2.00
N ALA H 198 -56.53 13.54 2.17
CA ALA H 198 -57.37 12.57 2.91
C ALA H 198 -57.43 12.95 4.41
N ARG H 199 -56.46 13.73 4.90
CA ARG H 199 -56.40 14.21 6.29
C ARG H 199 -57.36 15.38 6.48
N MET H 200 -57.23 16.41 5.64
CA MET H 200 -58.02 17.65 5.69
C MET H 200 -59.49 17.38 5.32
N GLU H 201 -59.80 16.25 4.68
CA GLU H 201 -61.17 15.90 4.24
C GLU H 201 -61.90 15.23 5.40
N SER H 202 -61.19 14.41 6.18
CA SER H 202 -61.60 13.96 7.54
C SER H 202 -61.74 15.18 8.45
N GLY H 203 -62.79 15.19 9.26
CA GLY H 203 -62.89 16.12 10.42
C GLY H 203 -62.24 15.51 11.65
N GLN H 204 -61.52 14.39 11.47
CA GLN H 204 -61.07 13.45 12.54
C GLN H 204 -60.30 14.16 13.67
N TYR H 205 -59.38 15.08 13.36
CA TYR H 205 -58.43 15.70 14.34
C TYR H 205 -58.56 17.21 14.26
N ARG H 206 -58.33 17.92 15.35
CA ARG H 206 -57.92 19.36 15.32
C ARG H 206 -56.65 19.52 14.46
N SER H 207 -56.54 20.61 13.70
CA SER H 207 -55.46 20.88 12.72
C SER H 207 -55.18 22.36 12.67
N LEU H 208 -53.92 22.76 12.45
CA LEU H 208 -53.56 24.12 12.02
C LEU H 208 -53.24 24.09 10.51
N ASP H 209 -52.99 22.89 9.98
CA ASP H 209 -52.68 22.64 8.54
C ASP H 209 -52.61 21.13 8.35
N TRP H 210 -52.53 20.67 7.10
CA TRP H 210 -52.46 19.23 6.73
C TRP H 210 -51.30 18.55 7.46
N TRP H 211 -50.26 19.30 7.84
CA TRP H 211 -49.03 18.72 8.45
C TRP H 211 -49.03 18.88 9.98
N PHE H 212 -50.01 19.57 10.58
CA PHE H 212 -50.07 19.86 12.03
C PHE H 212 -51.46 19.46 12.54
N SER H 213 -51.62 18.18 12.85
CA SER H 213 -52.84 17.60 13.49
C SER H 213 -52.47 17.05 14.87
N TRP H 214 -53.39 17.16 15.81
CA TRP H 214 -53.19 16.66 17.19
C TRP H 214 -54.53 16.23 17.79
N ASP H 215 -54.48 15.43 18.86
CA ASP H 215 -55.66 15.05 19.65
C ASP H 215 -55.16 14.99 21.08
N THR H 216 -55.99 14.54 22.02
CA THR H 216 -55.59 14.41 23.44
C THR H 216 -55.87 12.97 23.85
N PRO H 217 -55.07 11.98 23.42
CA PRO H 217 -55.37 10.58 23.69
C PRO H 217 -54.78 10.09 25.02
N ALA H 218 -53.91 10.86 25.69
CA ALA H 218 -53.26 10.41 26.95
C ALA H 218 -54.30 10.42 28.06
N SER H 219 -54.30 9.40 28.93
CA SER H 219 -55.16 9.34 30.14
C SER H 219 -54.77 10.47 31.09
N ARG H 220 -55.71 10.93 31.93
CA ARG H 220 -55.45 11.93 33.00
C ARG H 220 -54.23 11.47 33.81
N ASP H 221 -54.17 10.18 34.16
CA ASP H 221 -53.09 9.61 35.02
C ASP H 221 -51.74 9.73 34.30
N ASP H 222 -51.71 9.50 33.00
CA ASP H 222 -50.49 9.62 32.17
C ASP H 222 -50.00 11.06 32.25
N VAL H 223 -50.90 12.02 32.07
CA VAL H 223 -50.52 13.46 32.03
C VAL H 223 -50.02 13.88 33.41
N GLU H 224 -50.75 13.46 34.46
CA GLU H 224 -50.53 13.82 35.88
C GLU H 224 -49.18 13.22 36.29
N GLU H 225 -48.87 12.03 35.82
CA GLU H 225 -47.56 11.38 36.12
C GLU H 225 -46.42 12.29 35.63
N ALA H 226 -46.52 12.78 34.40
CA ALA H 226 -45.48 13.59 33.74
C ALA H 226 -45.43 14.97 34.42
N ARG H 227 -46.59 15.58 34.70
CA ARG H 227 -46.69 16.89 35.42
C ARG H 227 -46.01 16.77 36.79
N ARG H 228 -46.20 15.65 37.46
CA ARG H 228 -45.64 15.44 38.82
C ARG H 228 -44.11 15.45 38.75
N TYR H 229 -43.49 14.89 37.70
CA TYR H 229 -42.01 14.94 37.57
C TYR H 229 -41.56 16.41 37.50
N LEU H 230 -42.24 17.21 36.69
CA LEU H 230 -41.86 18.64 36.49
C LEU H 230 -42.12 19.46 37.77
N ARG H 231 -43.22 19.20 38.46
CA ARG H 231 -43.59 19.88 39.75
C ARG H 231 -42.49 19.56 40.78
N ARG H 232 -42.04 18.31 40.84
CA ARG H 232 -40.91 17.95 41.75
C ARG H 232 -39.66 18.75 41.36
N ALA H 233 -39.32 18.80 40.07
CA ALA H 233 -38.18 19.57 39.56
C ALA H 233 -38.27 21.00 40.07
N ALA H 234 -39.45 21.62 40.03
CA ALA H 234 -39.67 23.07 40.27
C ALA H 234 -39.65 23.40 41.79
N GLU H 235 -40.09 22.48 42.62
CA GLU H 235 -40.30 22.68 44.08
C GLU H 235 -38.99 22.44 44.85
N LYS H 236 -38.62 23.37 45.74
CA LYS H 236 -37.52 23.16 46.72
C LYS H 236 -37.95 22.08 47.70
N PRO H 237 -37.17 21.00 47.89
CA PRO H 237 -37.52 19.95 48.85
C PRO H 237 -37.74 20.52 50.26
N ALA H 238 -38.73 19.99 50.97
CA ALA H 238 -39.14 20.45 52.32
C ALA H 238 -37.97 20.27 53.30
N LYS H 239 -37.24 19.15 53.17
CA LYS H 239 -36.09 18.81 54.05
C LYS H 239 -34.86 18.51 53.18
N LEU H 240 -33.73 19.14 53.48
CA LEU H 240 -32.45 18.87 52.81
C LEU H 240 -31.73 17.74 53.55
N LEU H 241 -31.25 16.72 52.81
CA LEU H 241 -30.66 15.50 53.39
C LEU H 241 -29.38 15.82 54.19
N TYR H 242 -28.67 16.93 53.94
CA TYR H 242 -27.41 17.25 54.68
C TYR H 242 -27.72 17.46 56.17
N GLU H 243 -28.91 17.97 56.51
CA GLU H 243 -29.38 18.28 57.90
C GLU H 243 -29.41 17.00 58.76
N GLU H 244 -30.26 16.03 58.40
CA GLU H 244 -30.42 14.72 59.13
C GLU H 244 -29.21 13.80 58.91
N ALA H 245 -28.18 14.25 58.17
CA ALA H 245 -26.86 13.58 57.98
C ALA H 245 -25.90 13.99 59.10
N PRO I 2 -13.79 19.14 -12.09
CA PRO I 2 -14.68 18.19 -11.39
C PRO I 2 -15.78 17.59 -12.28
N GLY I 3 -16.67 16.78 -11.69
CA GLY I 3 -17.98 16.39 -12.26
C GLY I 3 -18.01 15.03 -12.93
N SER I 4 -18.90 14.13 -12.47
CA SER I 4 -19.13 12.77 -13.02
C SER I 4 -20.64 12.54 -13.26
N ILE I 5 -21.03 11.91 -14.38
CA ILE I 5 -22.45 11.69 -14.80
C ILE I 5 -22.66 10.24 -15.23
N PRO I 6 -23.92 9.78 -15.40
CA PRO I 6 -24.21 8.55 -16.13
C PRO I 6 -24.36 8.96 -17.60
N LEU I 7 -24.60 8.02 -18.53
CA LEU I 7 -24.37 8.27 -19.98
C LEU I 7 -25.51 7.75 -20.83
N ILE I 8 -25.70 8.36 -22.00
CA ILE I 8 -26.68 7.94 -23.05
C ILE I 8 -26.35 6.49 -23.40
N GLY I 9 -27.35 5.61 -23.48
CA GLY I 9 -27.14 4.18 -23.77
C GLY I 9 -27.00 3.34 -22.52
N GLU I 10 -26.62 3.92 -21.39
CA GLU I 10 -26.63 3.23 -20.08
C GLU I 10 -28.07 3.12 -19.55
N ARG I 11 -28.34 2.02 -18.87
CA ARG I 11 -29.55 1.88 -18.02
C ARG I 11 -29.54 2.99 -16.96
N PHE I 12 -30.69 3.63 -16.69
CA PHE I 12 -30.84 4.61 -15.59
C PHE I 12 -30.46 3.90 -14.29
N PRO I 13 -29.56 4.45 -13.46
CA PRO I 13 -29.09 3.70 -12.29
C PRO I 13 -30.23 3.27 -11.35
N GLU I 14 -30.20 2.02 -10.85
CA GLU I 14 -31.17 1.52 -9.85
C GLU I 14 -31.12 2.40 -8.61
N MET I 15 -32.24 2.92 -8.17
CA MET I 15 -32.31 3.71 -6.92
C MET I 15 -33.76 3.75 -6.43
N GLU I 16 -33.93 3.70 -5.12
CA GLU I 16 -35.20 4.05 -4.42
C GLU I 16 -35.18 5.57 -4.19
N VAL I 17 -36.25 6.29 -4.53
CA VAL I 17 -36.34 7.75 -4.28
C VAL I 17 -37.61 8.03 -3.49
N THR I 18 -37.58 9.06 -2.65
CA THR I 18 -38.76 9.58 -1.92
C THR I 18 -39.32 10.76 -2.70
N THR I 19 -40.58 10.65 -3.11
CA THR I 19 -41.35 11.70 -3.79
C THR I 19 -42.53 12.11 -2.91
N ASP I 20 -43.13 13.24 -3.24
CA ASP I 20 -44.36 13.75 -2.59
C ASP I 20 -45.55 12.87 -2.99
N HIS I 21 -45.40 11.86 -3.87
CA HIS I 21 -46.42 10.80 -4.16
C HIS I 21 -46.10 9.49 -3.44
N GLY I 22 -44.93 9.37 -2.80
CA GLY I 22 -44.49 8.12 -2.14
C GLY I 22 -43.11 7.70 -2.58
N VAL I 23 -42.66 6.56 -2.08
CA VAL I 23 -41.35 5.94 -2.45
C VAL I 23 -41.59 5.17 -3.75
N ILE I 24 -40.69 5.31 -4.72
CA ILE I 24 -40.68 4.44 -5.91
C ILE I 24 -39.23 4.06 -6.22
N LYS I 25 -39.07 2.97 -6.95
CA LYS I 25 -37.78 2.49 -7.50
C LYS I 25 -37.70 3.05 -8.93
N LEU I 26 -36.57 3.67 -9.28
CA LEU I 26 -36.29 4.06 -10.68
C LEU I 26 -35.25 3.09 -11.21
N PRO I 27 -35.28 2.75 -12.52
CA PRO I 27 -36.34 3.19 -13.44
C PRO I 27 -37.56 2.27 -13.39
N ASP I 28 -37.49 1.24 -12.55
CA ASP I 28 -38.38 0.05 -12.50
C ASP I 28 -39.84 0.50 -12.49
N HIS I 29 -40.20 1.51 -11.67
CA HIS I 29 -41.59 2.03 -11.53
C HIS I 29 -42.19 2.41 -12.89
N TYR I 30 -41.40 2.94 -13.83
CA TYR I 30 -41.92 3.36 -15.17
C TYR I 30 -41.75 2.22 -16.19
N VAL I 31 -40.59 1.56 -16.19
CA VAL I 31 -40.31 0.36 -17.04
C VAL I 31 -41.48 -0.64 -16.94
N SER I 32 -41.95 -0.92 -15.73
CA SER I 32 -42.99 -1.96 -15.51
C SER I 32 -44.33 -1.49 -16.10
N GLN I 33 -44.57 -0.18 -16.30
CA GLN I 33 -45.83 0.34 -16.92
C GLN I 33 -45.64 0.57 -18.44
N GLY I 34 -44.48 0.24 -18.98
CA GLY I 34 -44.13 0.54 -20.38
C GLY I 34 -44.04 2.04 -20.63
N LYS I 35 -43.74 2.86 -19.63
CA LYS I 35 -43.68 4.34 -19.78
C LYS I 35 -42.24 4.81 -19.92
N TRP I 36 -42.03 5.78 -20.78
CA TRP I 36 -40.85 6.69 -20.70
C TRP I 36 -41.00 7.57 -19.46
N PHE I 37 -39.90 8.14 -18.94
CA PHE I 37 -40.02 9.28 -18.01
C PHE I 37 -38.98 10.34 -18.35
N VAL I 38 -39.35 11.60 -18.12
CA VAL I 38 -38.40 12.74 -18.03
C VAL I 38 -38.22 13.06 -16.55
N LEU I 39 -37.03 12.77 -16.03
CA LEU I 39 -36.57 13.25 -14.72
C LEU I 39 -35.87 14.59 -14.99
N PHE I 40 -36.37 15.66 -14.37
CA PHE I 40 -35.73 16.99 -14.43
C PHE I 40 -35.57 17.50 -12.99
N SER I 41 -34.56 18.36 -12.79
CA SER I 41 -34.18 18.92 -11.48
C SER I 41 -34.43 20.42 -11.49
N HIS I 42 -34.52 21.02 -10.31
CA HIS I 42 -34.56 22.49 -10.11
C HIS I 42 -33.85 22.78 -8.80
N PRO I 43 -33.16 23.95 -8.67
CA PRO I 43 -32.33 24.25 -7.52
C PRO I 43 -33.07 24.18 -6.18
N ALA I 44 -34.26 24.77 -6.09
CA ALA I 44 -35.01 24.84 -4.81
C ALA I 44 -36.46 25.19 -5.12
N ASP I 45 -37.34 24.79 -4.22
CA ASP I 45 -38.77 25.15 -4.20
C ASP I 45 -38.88 26.64 -3.83
N PHE I 46 -39.97 27.28 -4.21
CA PHE I 46 -40.21 28.71 -3.94
C PHE I 46 -39.09 29.51 -4.58
N THR I 47 -38.69 29.10 -5.79
CA THR I 47 -37.82 29.87 -6.71
C THR I 47 -38.63 30.16 -7.97
N PRO I 48 -38.44 31.37 -8.54
CA PRO I 48 -39.28 31.85 -9.63
C PRO I 48 -39.06 31.17 -11.00
N VAL I 49 -37.83 31.02 -11.49
CA VAL I 49 -37.61 30.30 -12.80
C VAL I 49 -38.16 28.89 -12.65
N SER I 50 -37.80 28.21 -11.56
CA SER I 50 -38.27 26.83 -11.26
C SER I 50 -39.80 26.77 -11.33
N THR I 51 -40.49 27.72 -10.69
CA THR I 51 -41.97 27.85 -10.71
C THR I 51 -42.50 27.96 -12.15
N THR I 52 -41.89 28.81 -13.00
CA THR I 52 -42.28 28.99 -14.41
C THR I 52 -42.16 27.65 -15.13
N GLU I 53 -41.10 26.89 -14.85
CA GLU I 53 -40.83 25.60 -15.52
C GLU I 53 -41.90 24.58 -15.12
N PHE I 54 -42.22 24.47 -13.83
CA PHE I 54 -43.26 23.54 -13.33
C PHE I 54 -44.59 23.83 -14.01
N VAL I 55 -44.92 25.11 -14.14
CA VAL I 55 -46.19 25.53 -14.80
C VAL I 55 -46.12 25.12 -16.29
N SER I 56 -45.01 25.35 -16.97
CA SER I 56 -44.82 24.95 -18.39
C SER I 56 -44.96 23.42 -18.57
N PHE I 57 -44.35 22.63 -17.71
CA PHE I 57 -44.50 21.15 -17.69
C PHE I 57 -45.98 20.77 -17.48
N ALA I 58 -46.63 21.38 -16.50
CA ALA I 58 -48.04 21.11 -16.14
C ALA I 58 -48.91 21.40 -17.36
N ARG I 59 -48.73 22.52 -18.06
CA ARG I 59 -49.46 22.86 -19.31
C ARG I 59 -49.23 21.77 -20.36
N ARG I 60 -48.04 21.16 -20.40
CA ARG I 60 -47.67 20.18 -21.46
C ARG I 60 -47.94 18.75 -21.00
N TYR I 61 -48.53 18.55 -19.82
CA TYR I 61 -48.71 17.24 -19.15
C TYR I 61 -49.46 16.27 -20.08
N GLU I 62 -50.55 16.75 -20.66
CA GLU I 62 -51.43 15.95 -21.56
C GLU I 62 -50.66 15.57 -22.83
N ASP I 63 -49.77 16.45 -23.31
CA ASP I 63 -48.92 16.17 -24.50
C ASP I 63 -47.94 15.06 -24.13
N PHE I 64 -47.28 15.15 -22.96
CA PHE I 64 -46.32 14.11 -22.51
C PHE I 64 -47.08 12.77 -22.36
N GLN I 65 -48.26 12.81 -21.72
CA GLN I 65 -49.07 11.60 -21.42
C GLN I 65 -49.42 10.89 -22.74
N ARG I 66 -49.68 11.64 -23.81
CA ARG I 66 -50.12 11.08 -25.11
C ARG I 66 -48.96 10.33 -25.76
N LEU I 67 -47.71 10.68 -25.42
CA LEU I 67 -46.50 9.99 -25.89
C LEU I 67 -46.09 8.86 -24.96
N GLY I 68 -46.86 8.55 -23.92
CA GLY I 68 -46.47 7.51 -22.95
C GLY I 68 -45.32 7.97 -22.09
N VAL I 69 -45.25 9.27 -21.79
CA VAL I 69 -44.14 9.88 -21.01
C VAL I 69 -44.67 10.41 -19.66
N ASP I 70 -44.13 9.88 -18.57
CA ASP I 70 -44.42 10.38 -17.20
C ASP I 70 -43.33 11.40 -16.87
N LEU I 71 -43.63 12.34 -15.97
CA LEU I 71 -42.72 13.43 -15.55
C LEU I 71 -42.41 13.23 -14.07
N ILE I 72 -41.17 13.46 -13.66
CA ILE I 72 -40.77 13.41 -12.23
C ILE I 72 -39.71 14.50 -11.98
N GLY I 73 -39.99 15.41 -11.05
CA GLY I 73 -39.08 16.51 -10.64
C GLY I 73 -38.11 16.03 -9.57
N LEU I 74 -37.17 16.89 -9.19
CA LEU I 74 -36.08 16.62 -8.22
C LEU I 74 -35.56 17.96 -7.72
N SER I 75 -35.52 18.16 -6.41
CA SER I 75 -34.68 19.20 -5.77
C SER I 75 -34.22 18.67 -4.41
N VAL I 76 -33.29 19.38 -3.78
CA VAL I 76 -32.72 18.97 -2.47
C VAL I 76 -33.70 19.33 -1.34
N ASP I 77 -34.86 19.92 -1.65
CA ASP I 77 -35.89 20.24 -0.62
C ASP I 77 -36.61 18.96 -0.20
N SER I 78 -37.29 19.03 0.93
CA SER I 78 -38.00 17.91 1.57
C SER I 78 -39.44 17.82 1.04
N VAL I 79 -40.11 16.68 1.23
CA VAL I 79 -41.49 16.42 0.72
C VAL I 79 -42.43 17.55 1.16
N CYS I 80 -42.36 17.97 2.43
CA CYS I 80 -43.27 18.96 3.00
C CYS I 80 -43.17 20.28 2.22
N SER I 81 -41.96 20.69 1.88
CA SER I 81 -41.71 21.89 1.04
C SER I 81 -42.33 21.67 -0.34
N HIS I 82 -42.13 20.50 -0.95
CA HIS I 82 -42.72 20.18 -2.28
C HIS I 82 -44.23 20.42 -2.23
N ILE I 83 -44.91 19.93 -1.20
CA ILE I 83 -46.40 20.00 -1.09
C ILE I 83 -46.80 21.46 -0.84
N LYS I 84 -46.07 22.20 0.00
CA LYS I 84 -46.40 23.63 0.31
C LYS I 84 -46.22 24.46 -0.97
N TRP I 85 -45.19 24.13 -1.75
CA TRP I 85 -44.88 24.87 -3.00
C TRP I 85 -45.98 24.59 -4.02
N LYS I 86 -46.38 23.32 -4.19
CA LYS I 86 -47.47 22.94 -5.12
C LYS I 86 -48.76 23.63 -4.71
N GLU I 87 -49.04 23.70 -3.40
CA GLU I 87 -50.25 24.41 -2.89
C GLU I 87 -50.16 25.87 -3.34
N TRP I 88 -49.00 26.50 -3.13
CA TRP I 88 -48.79 27.91 -3.51
C TRP I 88 -49.06 28.09 -5.01
N ILE I 89 -48.55 27.20 -5.87
CA ILE I 89 -48.76 27.32 -7.34
C ILE I 89 -50.26 27.22 -7.70
N GLU I 90 -51.00 26.29 -7.12
CA GLU I 90 -52.44 26.13 -7.47
C GLU I 90 -53.23 27.36 -6.98
N ARG I 91 -52.95 27.83 -5.77
CA ARG I 91 -53.61 28.99 -5.14
C ARG I 91 -53.30 30.27 -5.94
N HIS I 92 -52.03 30.58 -6.24
CA HIS I 92 -51.63 31.93 -6.76
C HIS I 92 -51.57 31.95 -8.30
N ILE I 93 -51.36 30.83 -8.99
CA ILE I 93 -51.24 30.80 -10.49
C ILE I 93 -52.44 30.03 -11.08
N GLY I 94 -53.12 29.21 -10.26
CA GLY I 94 -54.31 28.46 -10.66
C GLY I 94 -53.97 27.19 -11.44
N VAL I 95 -52.73 26.72 -11.31
CA VAL I 95 -52.23 25.53 -12.05
C VAL I 95 -51.88 24.45 -11.04
N ARG I 96 -52.51 23.28 -11.18
CA ARG I 96 -52.21 22.08 -10.37
C ARG I 96 -51.01 21.37 -11.04
N ILE I 97 -50.03 20.96 -10.24
CA ILE I 97 -48.89 20.14 -10.68
C ILE I 97 -49.26 18.69 -10.40
N PRO I 98 -49.60 17.89 -11.44
CA PRO I 98 -50.05 16.51 -11.23
C PRO I 98 -48.92 15.48 -11.01
N PHE I 99 -47.66 15.83 -11.30
CA PHE I 99 -46.57 14.82 -11.32
C PHE I 99 -45.75 14.92 -10.03
N PRO I 100 -45.05 13.84 -9.63
CA PRO I 100 -44.28 13.85 -8.39
C PRO I 100 -42.98 14.65 -8.52
N ILE I 101 -42.47 15.06 -7.37
CA ILE I 101 -41.13 15.67 -7.20
C ILE I 101 -40.39 14.81 -6.19
N ILE I 102 -39.20 14.37 -6.56
CA ILE I 102 -38.22 13.74 -5.65
C ILE I 102 -37.73 14.77 -4.62
N ALA I 103 -37.67 14.34 -3.35
CA ALA I 103 -36.99 15.05 -2.25
C ALA I 103 -35.61 14.44 -2.08
N ASP I 104 -34.54 15.23 -2.23
CA ASP I 104 -33.16 14.71 -2.21
C ASP I 104 -32.31 15.50 -1.22
N PRO I 105 -32.72 15.62 0.07
CA PRO I 105 -31.97 16.42 1.05
C PRO I 105 -30.47 16.14 1.19
N GLN I 106 -29.96 14.95 0.95
CA GLN I 106 -28.48 14.80 1.14
C GLN I 106 -27.77 14.84 -0.23
N GLY I 107 -28.49 15.13 -1.31
CA GLY I 107 -27.95 15.16 -2.68
C GLY I 107 -27.47 13.79 -3.15
N THR I 108 -28.01 12.70 -2.58
CA THR I 108 -27.65 11.31 -2.97
C THR I 108 -27.96 11.14 -4.46
N VAL I 109 -29.18 11.48 -4.86
CA VAL I 109 -29.63 11.34 -6.27
C VAL I 109 -28.84 12.34 -7.11
N ALA I 110 -28.74 13.59 -6.66
CA ALA I 110 -28.08 14.71 -7.38
C ALA I 110 -26.67 14.28 -7.79
N ARG I 111 -25.93 13.67 -6.87
CA ARG I 111 -24.51 13.26 -7.06
C ARG I 111 -24.44 12.09 -8.05
N ARG I 112 -25.39 11.16 -7.96
CA ARG I 112 -25.45 10.00 -8.88
C ARG I 112 -25.68 10.50 -10.31
N LEU I 113 -26.48 11.55 -10.51
CA LEU I 113 -26.91 12.01 -11.87
C LEU I 113 -26.08 13.24 -12.29
N GLY I 114 -25.04 13.60 -11.52
CA GLY I 114 -24.14 14.75 -11.79
C GLY I 114 -24.89 16.06 -11.92
N LEU I 115 -25.82 16.32 -11.01
CA LEU I 115 -26.71 17.51 -11.06
C LEU I 115 -26.12 18.64 -10.20
N LEU I 116 -24.98 18.41 -9.53
CA LEU I 116 -24.29 19.44 -8.71
C LEU I 116 -23.11 19.97 -9.53
N HIS I 117 -23.26 21.18 -10.07
CA HIS I 117 -22.24 21.81 -10.93
C HIS I 117 -21.59 22.93 -10.13
N ALA I 118 -20.62 23.65 -10.72
CA ALA I 118 -19.81 24.67 -10.01
C ALA I 118 -20.69 25.84 -9.59
N GLU I 119 -21.78 26.07 -10.30
CA GLU I 119 -22.68 27.22 -10.01
C GLU I 119 -23.21 27.16 -8.56
N SER I 120 -23.35 25.98 -7.97
CA SER I 120 -23.85 25.84 -6.58
C SER I 120 -23.43 24.49 -6.02
N ALA I 121 -22.74 24.51 -4.88
CA ALA I 121 -22.27 23.30 -4.18
C ALA I 121 -23.45 22.54 -3.54
N THR I 122 -24.60 23.21 -3.37
CA THR I 122 -25.70 22.74 -2.46
C THR I 122 -26.99 22.49 -3.24
N HIS I 123 -27.20 23.18 -4.35
CA HIS I 123 -28.43 23.11 -5.17
C HIS I 123 -28.07 22.63 -6.58
N THR I 124 -29.00 21.86 -7.11
CA THR I 124 -28.99 21.16 -8.40
C THR I 124 -29.15 22.23 -9.51
N VAL I 125 -28.44 22.10 -10.62
CA VAL I 125 -28.78 22.85 -11.87
C VAL I 125 -30.06 22.25 -12.48
N ARG I 126 -30.38 22.62 -13.71
CA ARG I 126 -31.65 22.31 -14.42
C ARG I 126 -31.39 21.12 -15.34
N GLY I 127 -31.22 19.96 -14.73
CA GLY I 127 -30.91 18.70 -15.43
C GLY I 127 -32.15 18.15 -16.11
N VAL I 128 -31.94 17.41 -17.19
CA VAL I 128 -33.03 16.68 -17.87
C VAL I 128 -32.46 15.32 -18.29
N PHE I 129 -33.08 14.25 -17.80
CA PHE I 129 -32.83 12.84 -18.18
C PHE I 129 -34.09 12.33 -18.87
N ILE I 130 -33.95 12.01 -20.16
CA ILE I 130 -35.05 11.41 -20.96
C ILE I 130 -34.78 9.91 -21.02
N VAL I 131 -35.67 9.12 -20.43
CA VAL I 131 -35.44 7.66 -20.19
C VAL I 131 -36.55 6.90 -20.90
N ASP I 132 -36.21 5.91 -21.74
CA ASP I 132 -37.22 5.16 -22.54
C ASP I 132 -37.85 4.06 -21.67
N ALA I 133 -38.77 3.28 -22.24
CA ALA I 133 -39.58 2.27 -21.53
C ALA I 133 -38.70 1.05 -21.21
N ARG I 134 -37.46 0.99 -21.72
CA ARG I 134 -36.48 -0.05 -21.34
C ARG I 134 -35.61 0.45 -20.17
N GLY I 135 -35.87 1.66 -19.67
CA GLY I 135 -35.08 2.28 -18.59
C GLY I 135 -33.73 2.74 -19.08
N VAL I 136 -33.57 3.02 -20.38
CA VAL I 136 -32.26 3.44 -20.94
C VAL I 136 -32.26 4.97 -21.10
N ILE I 137 -31.15 5.61 -20.73
CA ILE I 137 -31.00 7.09 -20.87
C ILE I 137 -30.79 7.38 -22.34
N ARG I 138 -31.62 8.26 -22.92
CA ARG I 138 -31.62 8.51 -24.39
C ARG I 138 -31.07 9.90 -24.72
N THR I 139 -31.11 10.83 -23.76
CA THR I 139 -30.74 12.27 -23.94
C THR I 139 -30.54 12.89 -22.55
N MET I 140 -29.59 13.81 -22.41
CA MET I 140 -29.27 14.52 -21.15
C MET I 140 -29.06 16.00 -21.48
N LEU I 141 -29.73 16.87 -20.75
CA LEU I 141 -29.62 18.35 -20.89
C LEU I 141 -29.21 18.91 -19.54
N TYR I 142 -28.27 19.85 -19.54
CA TYR I 142 -27.88 20.58 -18.31
C TYR I 142 -28.06 22.07 -18.60
N TYR I 143 -29.16 22.63 -18.11
CA TYR I 143 -29.46 24.08 -18.17
C TYR I 143 -29.02 24.64 -16.84
N PRO I 144 -28.63 25.93 -16.78
CA PRO I 144 -28.16 26.53 -15.54
C PRO I 144 -29.25 27.23 -14.69
N MET I 145 -28.86 27.74 -13.52
CA MET I 145 -29.77 28.44 -12.58
C MET I 145 -30.49 29.56 -13.30
N GLU I 146 -29.76 30.33 -14.12
CA GLU I 146 -30.23 31.65 -14.62
C GLU I 146 -31.13 31.52 -15.86
N LEU I 147 -31.31 30.31 -16.42
CA LEU I 147 -31.99 30.10 -17.73
C LEU I 147 -33.03 28.97 -17.63
N GLY I 148 -34.32 29.30 -17.76
CA GLY I 148 -35.39 28.28 -17.90
C GLY I 148 -35.28 27.51 -19.21
N ARG I 149 -35.76 26.27 -19.19
CA ARG I 149 -35.80 25.29 -20.30
C ARG I 149 -36.82 25.73 -21.35
N LEU I 150 -36.67 25.22 -22.58
CA LEU I 150 -37.73 25.31 -23.62
C LEU I 150 -38.43 23.96 -23.60
N VAL I 151 -39.58 23.86 -22.93
CA VAL I 151 -40.17 22.53 -22.61
C VAL I 151 -40.68 21.88 -23.91
N ASP I 152 -41.13 22.66 -24.89
CA ASP I 152 -41.51 22.14 -26.23
C ASP I 152 -40.37 21.38 -26.91
N GLU I 153 -39.10 21.70 -26.63
CA GLU I 153 -37.96 20.94 -27.20
C GLU I 153 -37.82 19.57 -26.50
N ILE I 154 -38.14 19.46 -25.21
CA ILE I 154 -38.22 18.14 -24.50
C ILE I 154 -39.30 17.27 -25.17
N LEU I 155 -40.47 17.83 -25.49
CA LEU I 155 -41.55 17.14 -26.25
C LEU I 155 -41.04 16.71 -27.63
N ARG I 156 -40.41 17.62 -28.38
CA ARG I 156 -39.85 17.33 -29.73
C ARG I 156 -38.86 16.16 -29.62
N ILE I 157 -37.97 16.17 -28.63
CA ILE I 157 -36.92 15.13 -28.45
C ILE I 157 -37.62 13.78 -28.23
N VAL I 158 -38.61 13.72 -27.33
CA VAL I 158 -39.30 12.43 -27.04
C VAL I 158 -40.02 11.95 -28.30
N LYS I 159 -40.84 12.80 -28.91
CA LYS I 159 -41.62 12.45 -30.12
C LYS I 159 -40.68 11.90 -31.20
N ALA I 160 -39.58 12.60 -31.49
CA ALA I 160 -38.66 12.26 -32.58
C ALA I 160 -38.00 10.92 -32.26
N LEU I 161 -37.59 10.70 -31.01
CA LEU I 161 -36.90 9.48 -30.56
C LEU I 161 -37.83 8.28 -30.77
N LYS I 162 -39.07 8.34 -30.29
CA LYS I 162 -40.09 7.27 -30.45
C LYS I 162 -40.36 7.02 -31.95
N LEU I 163 -40.34 8.08 -32.76
CA LEU I 163 -40.47 7.96 -34.23
C LEU I 163 -39.27 7.19 -34.79
N GLY I 164 -38.05 7.59 -34.44
CA GLY I 164 -36.80 6.92 -34.85
C GLY I 164 -36.81 5.45 -34.46
N ASP I 165 -37.23 5.13 -33.25
CA ASP I 165 -37.26 3.75 -32.69
C ASP I 165 -38.24 2.89 -33.50
N SER I 166 -39.46 3.36 -33.74
CA SER I 166 -40.51 2.53 -34.39
C SER I 166 -40.31 2.48 -35.92
N LEU I 167 -39.80 3.55 -36.57
CA LEU I 167 -39.62 3.57 -38.05
C LEU I 167 -38.20 3.13 -38.43
N LYS I 168 -37.31 2.97 -37.47
CA LYS I 168 -35.88 2.59 -37.67
C LYS I 168 -35.28 3.65 -38.61
N ARG I 169 -35.32 4.89 -38.13
CA ARG I 169 -34.79 6.04 -38.86
C ARG I 169 -33.99 6.92 -37.91
N ALA I 170 -33.05 7.67 -38.45
CA ALA I 170 -32.38 8.77 -37.72
C ALA I 170 -33.10 10.05 -38.11
N VAL I 171 -33.07 11.03 -37.21
CA VAL I 171 -33.89 12.26 -37.30
C VAL I 171 -32.97 13.43 -37.63
N PRO I 172 -33.19 14.15 -38.75
CA PRO I 172 -32.29 15.22 -39.18
C PRO I 172 -32.38 16.41 -38.21
N ALA I 173 -31.39 17.30 -38.28
CA ALA I 173 -31.40 18.61 -37.62
C ALA I 173 -32.76 19.28 -37.86
N ASP I 174 -33.41 19.77 -36.79
CA ASP I 174 -34.51 20.75 -36.85
C ASP I 174 -35.79 20.04 -37.32
N TRP I 175 -35.81 18.70 -37.29
CA TRP I 175 -37.00 17.91 -37.69
C TRP I 175 -38.19 18.40 -36.86
N PRO I 176 -39.41 18.58 -37.41
CA PRO I 176 -39.76 18.19 -38.79
C PRO I 176 -39.63 19.26 -39.88
N ASN I 177 -38.84 20.31 -39.62
CA ASN I 177 -38.61 21.44 -40.55
C ASN I 177 -37.14 21.45 -40.96
N ASN I 178 -36.57 20.29 -41.30
CA ASN I 178 -35.15 20.21 -41.70
C ASN I 178 -35.00 20.96 -43.04
N GLU I 179 -33.95 21.77 -43.19
CA GLU I 179 -33.75 22.67 -44.37
C GLU I 179 -33.37 21.85 -45.63
N ILE I 180 -32.83 20.62 -45.49
CA ILE I 180 -32.44 19.76 -46.64
C ILE I 180 -33.58 18.83 -47.03
N ILE I 181 -34.19 18.14 -46.06
CA ILE I 181 -35.17 17.05 -46.41
C ILE I 181 -36.51 17.23 -45.70
N GLY I 182 -36.77 18.41 -45.15
CA GLY I 182 -38.06 18.75 -44.54
C GLY I 182 -38.43 17.80 -43.40
N GLU I 183 -39.55 17.08 -43.56
CA GLU I 183 -40.10 16.08 -42.59
C GLU I 183 -39.51 14.70 -42.90
N GLY I 184 -38.60 14.63 -43.86
CA GLY I 184 -37.81 13.44 -44.16
C GLY I 184 -37.09 12.89 -42.94
N LEU I 185 -36.98 11.57 -42.89
CA LEU I 185 -36.23 10.82 -41.86
C LEU I 185 -35.13 10.03 -42.59
N ILE I 186 -34.02 9.80 -41.91
CA ILE I 186 -32.74 9.35 -42.53
C ILE I 186 -32.60 7.83 -42.33
N VAL I 187 -32.30 7.11 -43.41
CA VAL I 187 -32.00 5.65 -43.38
C VAL I 187 -30.60 5.51 -42.77
N PRO I 188 -30.41 4.70 -41.70
CA PRO I 188 -29.07 4.50 -41.14
C PRO I 188 -28.11 4.10 -42.25
N PRO I 189 -26.93 4.73 -42.36
CA PRO I 189 -26.05 4.47 -43.50
C PRO I 189 -25.47 3.06 -43.54
N PRO I 190 -25.03 2.59 -44.73
CA PRO I 190 -24.27 1.34 -44.85
C PRO I 190 -23.03 1.35 -43.95
N THR I 191 -22.66 0.20 -43.42
CA THR I 191 -21.46 0.01 -42.58
C THR I 191 -20.38 -0.78 -43.34
N THR I 192 -20.66 -1.20 -44.59
CA THR I 192 -19.68 -1.93 -45.45
C THR I 192 -19.77 -1.48 -46.90
N GLU I 193 -18.71 -1.78 -47.65
CA GLU I 193 -18.59 -1.49 -49.11
C GLU I 193 -19.67 -2.25 -49.88
N ASP I 194 -19.89 -3.53 -49.61
CA ASP I 194 -21.01 -4.29 -50.24
C ASP I 194 -22.34 -3.57 -49.96
N GLN I 195 -22.62 -3.23 -48.70
CA GLN I 195 -23.90 -2.55 -48.32
C GLN I 195 -24.01 -1.23 -49.06
N ALA I 196 -22.92 -0.47 -49.19
CA ALA I 196 -22.91 0.83 -49.90
C ALA I 196 -23.27 0.63 -51.38
N ARG I 197 -22.60 -0.32 -52.06
CA ARG I 197 -22.85 -0.68 -53.49
C ARG I 197 -24.36 -1.00 -53.66
N ALA I 198 -24.86 -1.95 -52.86
CA ALA I 198 -26.23 -2.53 -52.98
C ALA I 198 -27.27 -1.45 -52.73
N ARG I 199 -27.00 -0.51 -51.80
CA ARG I 199 -27.88 0.64 -51.50
C ARG I 199 -28.00 1.54 -52.73
N MET I 200 -26.87 1.96 -53.30
CA MET I 200 -26.82 2.89 -54.46
C MET I 200 -27.43 2.22 -55.71
N GLU I 201 -27.43 0.89 -55.77
CA GLU I 201 -27.86 0.14 -56.98
C GLU I 201 -29.35 -0.24 -56.88
N SER I 202 -29.98 -0.09 -55.71
CA SER I 202 -31.38 -0.52 -55.49
C SER I 202 -32.36 0.58 -55.95
N GLY I 203 -31.93 1.85 -55.92
CA GLY I 203 -32.80 3.02 -56.18
C GLY I 203 -34.05 3.06 -55.29
N GLN I 204 -34.04 2.33 -54.16
CA GLN I 204 -35.18 2.22 -53.21
C GLN I 204 -35.45 3.57 -52.53
N TYR I 205 -34.42 4.37 -52.25
CA TYR I 205 -34.53 5.59 -51.40
C TYR I 205 -34.04 6.79 -52.17
N ARG I 206 -34.56 7.99 -51.88
CA ARG I 206 -33.94 9.28 -52.30
C ARG I 206 -32.58 9.36 -51.59
N SER I 207 -31.52 9.75 -52.31
CA SER I 207 -30.09 9.71 -51.85
C SER I 207 -29.31 10.92 -52.35
N LEU I 208 -28.36 11.43 -51.56
CA LEU I 208 -27.35 12.42 -51.98
C LEU I 208 -26.00 11.72 -52.19
N ASP I 209 -25.82 10.56 -51.57
CA ASP I 209 -24.63 9.66 -51.67
C ASP I 209 -25.02 8.36 -50.96
N TRP I 210 -24.15 7.35 -50.98
CA TRP I 210 -24.41 6.01 -50.41
C TRP I 210 -24.66 6.08 -48.89
N TRP I 211 -24.18 7.14 -48.23
CA TRP I 211 -24.23 7.32 -46.75
C TRP I 211 -25.34 8.30 -46.34
N PHE I 212 -26.07 8.86 -47.30
CA PHE I 212 -27.16 9.85 -47.05
C PHE I 212 -28.37 9.50 -47.90
N SER I 213 -29.22 8.62 -47.39
CA SER I 213 -30.54 8.27 -47.97
C SER I 213 -31.64 8.60 -46.94
N TRP I 214 -32.82 8.94 -47.44
CA TRP I 214 -33.99 9.31 -46.62
C TRP I 214 -35.28 8.98 -47.35
N ASP I 215 -36.36 8.98 -46.59
CA ASP I 215 -37.74 8.80 -47.13
C ASP I 215 -38.63 9.64 -46.21
N THR I 216 -39.96 9.50 -46.32
CA THR I 216 -40.95 10.30 -45.57
C THR I 216 -41.97 9.33 -44.98
N PRO I 217 -41.55 8.47 -44.04
CA PRO I 217 -42.38 7.39 -43.55
C PRO I 217 -43.24 7.81 -42.34
N ALA I 218 -43.03 9.01 -41.77
CA ALA I 218 -43.79 9.48 -40.59
C ALA I 218 -45.19 9.91 -41.05
N SER I 219 -46.24 9.47 -40.36
CA SER I 219 -47.66 9.89 -40.59
C SER I 219 -47.80 11.42 -40.56
N ARG I 220 -48.84 11.90 -41.22
CA ARG I 220 -49.27 13.33 -41.22
C ARG I 220 -49.46 13.76 -39.77
N ASP I 221 -50.19 12.95 -38.98
CA ASP I 221 -50.54 13.23 -37.56
C ASP I 221 -49.26 13.37 -36.75
N ASP I 222 -48.30 12.47 -36.96
CA ASP I 222 -47.02 12.44 -36.22
C ASP I 222 -46.25 13.74 -36.50
N VAL I 223 -46.17 14.16 -37.76
CA VAL I 223 -45.40 15.36 -38.15
C VAL I 223 -46.10 16.62 -37.59
N GLU I 224 -47.42 16.73 -37.74
CA GLU I 224 -48.25 17.87 -37.26
C GLU I 224 -48.13 17.97 -35.73
N GLU I 225 -48.08 16.85 -35.01
CA GLU I 225 -47.93 16.87 -33.53
C GLU I 225 -46.59 17.53 -33.15
N ALA I 226 -45.51 17.16 -33.82
CA ALA I 226 -44.15 17.72 -33.60
C ALA I 226 -44.15 19.21 -33.97
N ARG I 227 -44.81 19.56 -35.07
CA ARG I 227 -44.90 20.95 -35.59
C ARG I 227 -45.69 21.82 -34.60
N ARG I 228 -46.77 21.29 -34.03
CA ARG I 228 -47.59 22.08 -33.07
C ARG I 228 -46.74 22.38 -31.82
N TYR I 229 -45.81 21.52 -31.40
CA TYR I 229 -44.93 21.79 -30.23
C TYR I 229 -44.15 23.07 -30.53
N LEU I 230 -43.57 23.16 -31.72
CA LEU I 230 -42.67 24.29 -32.10
C LEU I 230 -43.50 25.55 -32.33
N ARG I 231 -44.70 25.42 -32.87
CA ARG I 231 -45.61 26.57 -33.07
C ARG I 231 -45.93 27.16 -31.70
N ARG I 232 -46.30 26.32 -30.72
CA ARG I 232 -46.53 26.78 -29.32
C ARG I 232 -45.27 27.52 -28.80
N ALA I 233 -44.07 26.97 -28.98
CA ALA I 233 -42.82 27.59 -28.50
C ALA I 233 -42.67 28.98 -29.12
N ALA I 234 -43.04 29.13 -30.40
CA ALA I 234 -42.86 30.33 -31.23
C ALA I 234 -43.95 31.40 -31.00
N GLU I 235 -45.16 31.04 -30.58
CA GLU I 235 -46.31 32.00 -30.46
C GLU I 235 -46.31 32.69 -29.09
N LYS I 236 -46.50 34.01 -29.09
CA LYS I 236 -46.79 34.84 -27.88
C LYS I 236 -48.09 34.30 -27.27
N PRO I 237 -48.16 33.94 -25.96
CA PRO I 237 -49.37 33.29 -25.42
C PRO I 237 -50.61 34.19 -25.52
N ALA I 238 -51.81 33.56 -25.48
CA ALA I 238 -53.13 34.23 -25.59
C ALA I 238 -53.32 35.17 -24.38
N LYS I 239 -53.47 34.56 -23.20
CA LYS I 239 -53.51 35.26 -21.88
C LYS I 239 -52.19 34.97 -21.14
N LEU I 240 -51.65 35.94 -20.42
CA LEU I 240 -50.59 35.73 -19.40
C LEU I 240 -51.27 35.36 -18.06
N LEU I 241 -50.75 34.36 -17.36
CA LEU I 241 -51.36 33.79 -16.11
C LEU I 241 -51.15 34.75 -14.91
N TYR I 242 -50.16 35.63 -14.97
CA TYR I 242 -49.93 36.72 -13.97
C TYR I 242 -51.21 37.56 -13.79
N GLU I 243 -51.93 37.82 -14.89
CA GLU I 243 -52.90 38.93 -15.03
C GLU I 243 -54.31 38.46 -14.65
N GLU I 244 -54.70 37.26 -15.09
CA GLU I 244 -56.02 36.64 -14.78
C GLU I 244 -55.91 35.74 -13.54
N ALA I 245 -54.84 35.87 -12.77
CA ALA I 245 -54.32 34.90 -11.76
C ALA I 245 -55.45 34.41 -10.85
N PRO J 2 -20.98 4.58 -15.64
CA PRO J 2 -21.08 6.04 -15.91
C PRO J 2 -19.83 6.63 -16.57
N GLY J 3 -19.63 7.96 -16.47
CA GLY J 3 -18.51 8.71 -17.05
C GLY J 3 -18.47 10.15 -16.55
N SER J 4 -17.36 10.84 -16.76
CA SER J 4 -17.08 12.17 -16.14
C SER J 4 -17.29 13.31 -17.15
N ILE J 5 -17.44 14.54 -16.65
CA ILE J 5 -17.62 15.79 -17.45
C ILE J 5 -16.90 16.94 -16.76
N PRO J 6 -16.84 18.16 -17.36
CA PRO J 6 -16.65 19.40 -16.62
C PRO J 6 -18.05 19.99 -16.39
N LEU J 7 -18.16 21.10 -15.67
CA LEU J 7 -19.46 21.49 -15.08
C LEU J 7 -19.81 22.93 -15.39
N ILE J 8 -21.11 23.23 -15.45
CA ILE J 8 -21.62 24.63 -15.59
C ILE J 8 -21.00 25.46 -14.47
N GLY J 9 -20.43 26.62 -14.83
CA GLY J 9 -19.73 27.51 -13.90
C GLY J 9 -18.24 27.19 -13.76
N GLU J 10 -17.76 26.08 -14.32
CA GLU J 10 -16.28 25.83 -14.38
C GLU J 10 -15.73 26.56 -15.61
N ARG J 11 -14.47 26.97 -15.52
CA ARG J 11 -13.71 27.47 -16.70
C ARG J 11 -13.59 26.28 -17.66
N PHE J 12 -13.92 26.47 -18.94
CA PHE J 12 -13.69 25.46 -19.99
C PHE J 12 -12.23 25.01 -19.90
N PRO J 13 -11.95 23.71 -19.79
CA PRO J 13 -10.57 23.23 -19.60
C PRO J 13 -9.58 23.73 -20.66
N GLU J 14 -8.44 24.25 -20.18
CA GLU J 14 -7.25 24.66 -20.98
C GLU J 14 -6.75 23.47 -21.82
N MET J 15 -6.75 23.60 -23.15
CA MET J 15 -6.22 22.56 -24.07
C MET J 15 -5.82 23.23 -25.39
N GLU J 16 -4.85 22.64 -26.11
CA GLU J 16 -4.60 22.96 -27.54
C GLU J 16 -5.33 21.92 -28.38
N VAL J 17 -6.05 22.32 -29.41
CA VAL J 17 -6.75 21.35 -30.29
C VAL J 17 -6.34 21.64 -31.72
N THR J 18 -6.21 20.58 -32.52
CA THR J 18 -5.92 20.64 -33.97
C THR J 18 -7.26 20.68 -34.69
N THR J 19 -7.52 21.78 -35.39
CA THR J 19 -8.72 22.00 -36.23
C THR J 19 -8.30 22.07 -37.69
N ASP J 20 -9.28 22.08 -38.59
CA ASP J 20 -9.05 22.26 -40.05
C ASP J 20 -8.76 23.72 -40.40
N HIS J 21 -8.77 24.66 -39.45
CA HIS J 21 -8.24 26.06 -39.59
C HIS J 21 -6.85 26.23 -38.92
N GLY J 22 -6.32 25.16 -38.31
CA GLY J 22 -5.01 25.15 -37.65
C GLY J 22 -5.16 24.89 -36.17
N VAL J 23 -4.06 25.03 -35.44
CA VAL J 23 -4.00 24.75 -33.98
C VAL J 23 -4.53 25.98 -33.26
N ILE J 24 -5.44 25.78 -32.31
CA ILE J 24 -5.87 26.87 -31.38
C ILE J 24 -5.90 26.35 -29.93
N LYS J 25 -5.72 27.27 -28.99
CA LYS J 25 -5.86 26.99 -27.55
C LYS J 25 -7.30 27.37 -27.16
N LEU J 26 -8.01 26.46 -26.49
CA LEU J 26 -9.36 26.71 -25.93
C LEU J 26 -9.21 26.89 -24.42
N PRO J 27 -9.99 27.79 -23.77
CA PRO J 27 -10.87 28.75 -24.46
C PRO J 27 -10.21 30.07 -24.91
N ASP J 28 -8.88 30.18 -24.73
CA ASP J 28 -8.15 31.48 -24.84
C ASP J 28 -8.40 32.11 -26.21
N HIS J 29 -8.31 31.33 -27.29
CA HIS J 29 -8.50 31.84 -28.66
C HIS J 29 -9.74 32.73 -28.71
N TYR J 30 -10.83 32.37 -28.03
CA TYR J 30 -12.12 33.10 -28.07
C TYR J 30 -12.20 34.17 -26.96
N VAL J 31 -11.74 33.85 -25.74
CA VAL J 31 -11.70 34.83 -24.60
C VAL J 31 -10.97 36.11 -25.07
N SER J 32 -9.80 35.96 -25.69
CA SER J 32 -8.94 37.09 -26.10
C SER J 32 -9.64 37.96 -27.15
N GLN J 33 -10.58 37.42 -27.94
CA GLN J 33 -11.36 38.19 -28.95
C GLN J 33 -12.66 38.74 -28.34
N GLY J 34 -12.91 38.52 -27.05
CA GLY J 34 -14.19 38.88 -26.38
C GLY J 34 -15.38 38.09 -26.93
N LYS J 35 -15.14 36.90 -27.49
CA LYS J 35 -16.22 36.09 -28.12
C LYS J 35 -16.65 34.90 -27.23
N TRP J 36 -17.96 34.68 -27.21
CA TRP J 36 -18.56 33.39 -26.75
C TRP J 36 -18.26 32.35 -27.82
N PHE J 37 -18.21 31.07 -27.46
CA PHE J 37 -18.18 30.01 -28.50
C PHE J 37 -19.14 28.86 -28.12
N VAL J 38 -19.58 28.19 -29.16
CA VAL J 38 -20.33 26.93 -29.01
C VAL J 38 -19.45 25.85 -29.60
N LEU J 39 -18.95 24.98 -28.73
CA LEU J 39 -18.30 23.72 -29.15
C LEU J 39 -19.38 22.64 -29.19
N PHE J 40 -19.59 22.04 -30.35
CA PHE J 40 -20.52 20.91 -30.54
C PHE J 40 -19.71 19.78 -31.18
N SER J 41 -20.16 18.54 -30.97
CA SER J 41 -19.50 17.30 -31.46
C SER J 41 -20.48 16.55 -32.37
N HIS J 42 -19.95 15.68 -33.22
CA HIS J 42 -20.73 14.79 -34.12
C HIS J 42 -19.92 13.51 -34.23
N PRO J 43 -20.58 12.34 -34.41
CA PRO J 43 -19.90 11.06 -34.31
C PRO J 43 -18.79 10.90 -35.36
N ALA J 44 -19.07 11.18 -36.62
CA ALA J 44 -18.15 10.91 -37.74
C ALA J 44 -18.49 11.80 -38.94
N ASP J 45 -17.49 12.15 -39.72
CA ASP J 45 -17.71 12.90 -40.97
C ASP J 45 -18.42 11.96 -41.94
N PHE J 46 -19.08 12.51 -42.95
CA PHE J 46 -19.74 11.72 -44.01
C PHE J 46 -20.81 10.87 -43.34
N THR J 47 -21.51 11.45 -42.36
CA THR J 47 -22.72 10.86 -41.75
C THR J 47 -23.86 11.84 -41.96
N PRO J 48 -25.07 11.30 -42.24
CA PRO J 48 -26.18 12.13 -42.71
C PRO J 48 -26.79 13.09 -41.66
N VAL J 49 -27.10 12.65 -40.44
CA VAL J 49 -27.61 13.59 -39.40
C VAL J 49 -26.56 14.70 -39.17
N SER J 50 -25.31 14.32 -38.95
CA SER J 50 -24.18 15.26 -38.76
C SER J 50 -24.18 16.31 -39.90
N THR J 51 -24.28 15.88 -41.15
CA THR J 51 -24.37 16.78 -42.35
C THR J 51 -25.54 17.76 -42.21
N THR J 52 -26.74 17.30 -41.86
CA THR J 52 -27.92 18.19 -41.66
C THR J 52 -27.55 19.24 -40.61
N GLU J 53 -26.82 18.86 -39.56
CA GLU J 53 -26.56 19.78 -38.42
C GLU J 53 -25.54 20.84 -38.84
N PHE J 54 -24.53 20.47 -39.64
CA PHE J 54 -23.52 21.44 -40.16
C PHE J 54 -24.22 22.48 -41.05
N VAL J 55 -25.14 22.05 -41.91
CA VAL J 55 -25.90 22.93 -42.82
C VAL J 55 -26.76 23.87 -41.98
N SER J 56 -27.37 23.36 -40.92
CA SER J 56 -28.25 24.18 -40.04
C SER J 56 -27.42 25.27 -39.34
N PHE J 57 -26.28 24.89 -38.79
CA PHE J 57 -25.33 25.81 -38.14
C PHE J 57 -24.90 26.89 -39.14
N ALA J 58 -24.46 26.48 -40.34
CA ALA J 58 -23.95 27.40 -41.41
C ALA J 58 -25.03 28.40 -41.80
N ARG J 59 -26.25 27.94 -42.00
CA ARG J 59 -27.43 28.82 -42.23
C ARG J 59 -27.54 29.86 -41.11
N ARG J 60 -27.26 29.47 -39.87
CA ARG J 60 -27.45 30.32 -38.65
C ARG J 60 -26.13 31.02 -38.27
N TYR J 61 -25.10 30.95 -39.12
CA TYR J 61 -23.75 31.50 -38.83
C TYR J 61 -23.84 33.01 -38.57
N GLU J 62 -24.58 33.75 -39.40
CA GLU J 62 -24.70 35.23 -39.24
C GLU J 62 -25.46 35.53 -37.95
N ASP J 63 -26.52 34.76 -37.64
CA ASP J 63 -27.28 34.90 -36.38
C ASP J 63 -26.30 34.75 -35.19
N PHE J 64 -25.41 33.76 -35.23
CA PHE J 64 -24.38 33.56 -34.18
C PHE J 64 -23.37 34.73 -34.19
N GLN J 65 -22.89 35.12 -35.38
CA GLN J 65 -21.85 36.19 -35.55
C GLN J 65 -22.35 37.51 -34.96
N ARG J 66 -23.62 37.87 -35.21
CA ARG J 66 -24.31 39.09 -34.70
C ARG J 66 -24.32 39.09 -33.15
N LEU J 67 -24.47 37.94 -32.50
CA LEU J 67 -24.43 37.79 -31.02
C LEU J 67 -22.99 37.81 -30.49
N GLY J 68 -21.95 37.77 -31.33
CA GLY J 68 -20.54 37.66 -30.87
C GLY J 68 -20.21 36.24 -30.40
N VAL J 69 -20.72 35.24 -31.10
CA VAL J 69 -20.56 33.78 -30.81
C VAL J 69 -19.88 33.11 -32.01
N ASP J 70 -18.79 32.41 -31.77
CA ASP J 70 -18.09 31.60 -32.79
C ASP J 70 -18.58 30.17 -32.62
N LEU J 71 -18.42 29.37 -33.68
CA LEU J 71 -18.78 27.94 -33.74
C LEU J 71 -17.52 27.12 -33.96
N ILE J 72 -17.39 26.02 -33.23
CA ILE J 72 -16.29 25.04 -33.43
C ILE J 72 -16.86 23.63 -33.25
N GLY J 73 -16.68 22.81 -34.29
CA GLY J 73 -17.09 21.38 -34.32
C GLY J 73 -16.02 20.46 -33.78
N LEU J 74 -16.34 19.18 -33.63
CA LEU J 74 -15.48 18.15 -32.99
C LEU J 74 -15.96 16.78 -33.49
N SER J 75 -15.06 15.99 -34.10
CA SER J 75 -15.20 14.52 -34.26
C SER J 75 -13.83 13.85 -34.09
N VAL J 76 -13.83 12.52 -34.06
CA VAL J 76 -12.61 11.68 -33.94
C VAL J 76 -11.95 11.48 -35.33
N ASP J 77 -12.57 11.95 -36.40
CA ASP J 77 -11.98 12.00 -37.77
C ASP J 77 -10.85 13.07 -37.81
N SER J 78 -9.92 12.90 -38.75
CA SER J 78 -8.70 13.73 -38.91
C SER J 78 -9.02 14.95 -39.78
N VAL J 79 -8.13 15.94 -39.85
CA VAL J 79 -8.48 17.21 -40.55
C VAL J 79 -8.68 16.92 -42.06
N CYS J 80 -7.92 16.01 -42.68
CA CYS J 80 -8.08 15.73 -44.13
C CYS J 80 -9.53 15.29 -44.43
N SER J 81 -10.09 14.40 -43.63
CA SER J 81 -11.52 13.98 -43.76
C SER J 81 -12.43 15.20 -43.53
N HIS J 82 -12.14 16.03 -42.53
CA HIS J 82 -12.94 17.26 -42.27
C HIS J 82 -13.04 18.06 -43.57
N ILE J 83 -11.92 18.24 -44.28
CA ILE J 83 -11.85 19.15 -45.45
C ILE J 83 -12.57 18.49 -46.63
N LYS J 84 -12.35 17.19 -46.88
CA LYS J 84 -13.07 16.45 -47.96
C LYS J 84 -14.57 16.43 -47.66
N TRP J 85 -14.94 16.32 -46.39
CA TRP J 85 -16.37 16.31 -45.98
C TRP J 85 -16.97 17.68 -46.27
N LYS J 86 -16.27 18.74 -45.90
CA LYS J 86 -16.70 20.13 -46.15
C LYS J 86 -16.82 20.36 -47.66
N GLU J 87 -15.88 19.81 -48.44
CA GLU J 87 -15.92 20.00 -49.92
C GLU J 87 -17.16 19.32 -50.49
N TRP J 88 -17.44 18.10 -50.05
CA TRP J 88 -18.66 17.36 -50.45
C TRP J 88 -19.92 18.19 -50.15
N ILE J 89 -20.01 18.78 -48.96
CA ILE J 89 -21.22 19.59 -48.57
C ILE J 89 -21.36 20.79 -49.51
N GLU J 90 -20.28 21.56 -49.76
CA GLU J 90 -20.31 22.74 -50.67
C GLU J 90 -20.73 22.31 -52.09
N ARG J 91 -20.20 21.19 -52.60
CA ARG J 91 -20.44 20.75 -53.99
C ARG J 91 -21.86 20.16 -54.14
N HIS J 92 -22.34 19.40 -53.16
CA HIS J 92 -23.57 18.57 -53.29
C HIS J 92 -24.78 19.25 -52.69
N ILE J 93 -24.61 20.12 -51.70
CA ILE J 93 -25.72 20.83 -50.99
C ILE J 93 -25.65 22.32 -51.31
N GLY J 94 -24.48 22.81 -51.77
CA GLY J 94 -24.24 24.22 -52.14
C GLY J 94 -24.10 25.12 -50.93
N VAL J 95 -23.64 24.60 -49.80
CA VAL J 95 -23.50 25.37 -48.54
C VAL J 95 -22.03 25.29 -48.11
N ARG J 96 -21.41 26.44 -47.84
CA ARG J 96 -20.02 26.49 -47.35
C ARG J 96 -20.08 26.39 -45.83
N ILE J 97 -19.26 25.53 -45.23
CA ILE J 97 -19.11 25.49 -43.75
C ILE J 97 -17.99 26.44 -43.40
N PRO J 98 -18.27 27.61 -42.78
CA PRO J 98 -17.23 28.62 -42.55
C PRO J 98 -16.44 28.47 -41.23
N PHE J 99 -16.85 27.58 -40.33
CA PHE J 99 -16.25 27.49 -38.96
C PHE J 99 -15.34 26.27 -38.88
N PRO J 100 -14.37 26.23 -37.93
CA PRO J 100 -13.51 25.06 -37.75
C PRO J 100 -14.15 23.78 -37.16
N ILE J 101 -13.59 22.62 -37.52
CA ILE J 101 -13.87 21.32 -36.85
C ILE J 101 -12.56 20.82 -36.24
N ILE J 102 -12.58 20.56 -34.94
CA ILE J 102 -11.49 19.85 -34.23
C ILE J 102 -11.44 18.41 -34.75
N ALA J 103 -10.21 17.94 -34.98
CA ALA J 103 -9.86 16.52 -35.19
C ALA J 103 -9.43 15.93 -33.85
N ASP J 104 -10.08 14.85 -33.39
CA ASP J 104 -9.81 14.25 -32.06
C ASP J 104 -9.59 12.75 -32.21
N PRO J 105 -8.60 12.30 -33.03
CA PRO J 105 -8.42 10.88 -33.30
C PRO J 105 -8.24 9.93 -32.11
N GLN J 106 -7.63 10.32 -30.99
CA GLN J 106 -7.49 9.37 -29.86
C GLN J 106 -8.57 9.67 -28.80
N GLY J 107 -9.54 10.53 -29.12
CA GLY J 107 -10.64 10.92 -28.21
C GLY J 107 -10.14 11.61 -26.96
N THR J 108 -9.00 12.31 -27.05
CA THR J 108 -8.39 13.09 -25.94
C THR J 108 -9.37 14.18 -25.47
N VAL J 109 -9.89 14.97 -26.42
CA VAL J 109 -10.86 16.07 -26.12
C VAL J 109 -12.19 15.43 -25.68
N ALA J 110 -12.66 14.42 -26.39
CA ALA J 110 -13.93 13.70 -26.10
C ALA J 110 -13.97 13.18 -24.65
N ARG J 111 -12.89 12.60 -24.12
CA ARG J 111 -12.87 12.03 -22.73
C ARG J 111 -12.88 13.17 -21.72
N ARG J 112 -12.19 14.27 -22.02
CA ARG J 112 -12.13 15.50 -21.20
C ARG J 112 -13.53 16.14 -21.07
N LEU J 113 -14.40 16.08 -22.10
CA LEU J 113 -15.71 16.76 -22.14
C LEU J 113 -16.87 15.75 -22.00
N GLY J 114 -16.57 14.49 -21.68
CA GLY J 114 -17.59 13.44 -21.47
C GLY J 114 -18.44 13.24 -22.72
N LEU J 115 -17.81 13.28 -23.89
CA LEU J 115 -18.51 13.19 -25.19
C LEU J 115 -18.60 11.74 -25.64
N LEU J 116 -17.94 10.79 -24.96
CA LEU J 116 -18.05 9.34 -25.28
C LEU J 116 -19.03 8.70 -24.31
N HIS J 117 -20.21 8.29 -24.79
CA HIS J 117 -21.26 7.67 -23.97
C HIS J 117 -21.36 6.20 -24.38
N ALA J 118 -22.31 5.46 -23.84
CA ALA J 118 -22.39 3.99 -23.99
C ALA J 118 -22.92 3.64 -25.38
N GLU J 119 -23.53 4.60 -26.08
CA GLU J 119 -24.07 4.36 -27.43
C GLU J 119 -22.94 4.01 -28.41
N SER J 120 -21.72 4.48 -28.15
CA SER J 120 -20.52 4.20 -28.98
C SER J 120 -19.25 4.40 -28.15
N ALA J 121 -18.43 3.36 -28.06
CA ALA J 121 -17.08 3.37 -27.46
C ALA J 121 -16.12 4.23 -28.31
N THR J 122 -16.41 4.43 -29.61
CA THR J 122 -15.43 4.95 -30.60
C THR J 122 -15.76 6.37 -31.07
N HIS J 123 -17.03 6.75 -31.12
CA HIS J 123 -17.47 8.05 -31.68
C HIS J 123 -18.24 8.86 -30.63
N THR J 124 -18.04 10.18 -30.66
CA THR J 124 -18.70 11.14 -29.75
C THR J 124 -20.19 11.14 -30.04
N VAL J 125 -21.02 11.36 -29.02
CA VAL J 125 -22.45 11.73 -29.21
C VAL J 125 -22.50 13.20 -29.64
N ARG J 126 -23.69 13.80 -29.67
CA ARG J 126 -23.96 15.19 -30.13
C ARG J 126 -23.92 16.13 -28.92
N GLY J 127 -22.73 16.35 -28.38
CA GLY J 127 -22.50 17.29 -27.27
C GLY J 127 -22.61 18.73 -27.73
N VAL J 128 -22.95 19.63 -26.81
CA VAL J 128 -22.97 21.10 -27.01
C VAL J 128 -22.47 21.72 -25.71
N PHE J 129 -21.35 22.44 -25.77
CA PHE J 129 -20.80 23.33 -24.69
C PHE J 129 -20.97 24.79 -25.11
N ILE J 130 -21.76 25.53 -24.34
CA ILE J 130 -21.93 26.99 -24.52
C ILE J 130 -21.00 27.63 -23.51
N VAL J 131 -19.97 28.32 -24.02
CA VAL J 131 -18.89 28.96 -23.25
C VAL J 131 -18.97 30.47 -23.50
N ASP J 132 -18.92 31.25 -22.43
CA ASP J 132 -19.01 32.73 -22.50
C ASP J 132 -17.60 33.32 -22.72
N ALA J 133 -17.55 34.65 -22.86
CA ALA J 133 -16.36 35.46 -23.21
C ALA J 133 -15.30 35.37 -22.12
N ARG J 134 -15.66 34.91 -20.92
CA ARG J 134 -14.76 34.67 -19.77
C ARG J 134 -14.24 33.23 -19.80
N GLY J 135 -14.65 32.45 -20.80
CA GLY J 135 -14.27 31.04 -20.91
C GLY J 135 -15.01 30.15 -19.93
N VAL J 136 -16.21 30.56 -19.48
CA VAL J 136 -16.98 29.79 -18.46
C VAL J 136 -18.05 28.99 -19.18
N ILE J 137 -18.14 27.69 -18.86
CA ILE J 137 -19.20 26.78 -19.37
C ILE J 137 -20.54 27.28 -18.81
N ARG J 138 -21.52 27.62 -19.67
CA ARG J 138 -22.82 28.19 -19.22
C ARG J 138 -23.95 27.17 -19.36
N THR J 139 -23.83 26.20 -20.27
CA THR J 139 -24.89 25.20 -20.60
C THR J 139 -24.24 24.02 -21.32
N MET J 140 -24.72 22.81 -21.07
CA MET J 140 -24.19 21.57 -21.70
C MET J 140 -25.38 20.75 -22.18
N LEU J 141 -25.39 20.37 -23.45
CA LEU J 141 -26.42 19.48 -24.04
C LEU J 141 -25.73 18.20 -24.53
N TYR J 142 -26.38 17.07 -24.29
CA TYR J 142 -25.91 15.78 -24.84
C TYR J 142 -27.07 15.17 -25.61
N TYR J 143 -27.05 15.34 -26.94
CA TYR J 143 -28.00 14.67 -27.86
C TYR J 143 -27.37 13.37 -28.31
N PRO J 144 -28.18 12.35 -28.69
CA PRO J 144 -27.66 11.04 -29.07
C PRO J 144 -27.41 10.95 -30.59
N MET J 145 -26.88 9.82 -31.06
CA MET J 145 -26.55 9.55 -32.48
C MET J 145 -27.80 9.73 -33.35
N GLU J 146 -28.95 9.23 -32.91
CA GLU J 146 -30.14 9.04 -33.75
C GLU J 146 -31.02 10.30 -33.81
N LEU J 147 -30.63 11.41 -33.17
CA LEU J 147 -31.46 12.65 -33.04
C LEU J 147 -30.61 13.88 -33.33
N GLY J 148 -30.92 14.60 -34.42
CA GLY J 148 -30.36 15.93 -34.71
C GLY J 148 -30.85 16.97 -33.70
N ARG J 149 -29.99 17.95 -33.43
CA ARG J 149 -30.27 19.12 -32.56
C ARG J 149 -31.32 20.03 -33.21
N LEU J 150 -31.99 20.82 -32.37
CA LEU J 150 -32.75 22.04 -32.76
C LEU J 150 -31.81 23.25 -32.58
N VAL J 151 -31.16 23.68 -33.64
CA VAL J 151 -30.04 24.68 -33.56
C VAL J 151 -30.60 26.03 -33.13
N ASP J 152 -31.86 26.32 -33.47
CA ASP J 152 -32.58 27.52 -32.99
C ASP J 152 -32.67 27.57 -31.45
N GLU J 153 -32.65 26.43 -30.73
CA GLU J 153 -32.70 26.46 -29.25
C GLU J 153 -31.30 26.87 -28.75
N ILE J 154 -30.25 26.53 -29.46
CA ILE J 154 -28.85 26.94 -29.12
C ILE J 154 -28.75 28.47 -29.22
N LEU J 155 -29.26 29.09 -30.30
CA LEU J 155 -29.31 30.58 -30.42
C LEU J 155 -30.13 31.17 -29.27
N ARG J 156 -31.30 30.59 -28.97
CA ARG J 156 -32.17 31.14 -27.90
C ARG J 156 -31.40 31.08 -26.58
N ILE J 157 -30.64 30.01 -26.35
CA ILE J 157 -29.87 29.84 -25.08
C ILE J 157 -28.87 30.99 -25.02
N VAL J 158 -28.08 31.20 -26.06
CA VAL J 158 -26.96 32.20 -26.00
C VAL J 158 -27.55 33.60 -25.89
N LYS J 159 -28.62 33.88 -26.61
CA LYS J 159 -29.31 35.20 -26.60
C LYS J 159 -29.81 35.49 -25.17
N ALA J 160 -30.55 34.55 -24.59
CA ALA J 160 -31.17 34.68 -23.26
C ALA J 160 -30.10 34.77 -22.15
N LEU J 161 -29.03 33.99 -22.24
CA LEU J 161 -27.90 34.08 -21.28
C LEU J 161 -27.27 35.48 -21.37
N LYS J 162 -26.98 35.98 -22.57
CA LYS J 162 -26.34 37.31 -22.78
C LYS J 162 -27.26 38.40 -22.20
N LEU J 163 -28.58 38.29 -22.42
CA LEU J 163 -29.61 39.20 -21.89
C LEU J 163 -29.66 39.09 -20.38
N GLY J 164 -29.62 37.87 -19.81
CA GLY J 164 -29.59 37.68 -18.35
C GLY J 164 -28.36 38.34 -17.74
N ASP J 165 -27.21 38.18 -18.38
CA ASP J 165 -25.90 38.71 -17.91
C ASP J 165 -25.93 40.25 -17.94
N SER J 166 -26.43 40.84 -19.04
CA SER J 166 -26.37 42.30 -19.27
C SER J 166 -27.47 42.98 -18.43
N LEU J 167 -28.65 42.37 -18.22
CA LEU J 167 -29.75 43.01 -17.47
C LEU J 167 -29.80 42.54 -16.01
N LYS J 168 -28.87 41.68 -15.57
CA LYS J 168 -28.89 41.08 -14.20
C LYS J 168 -30.29 40.49 -13.93
N ARG J 169 -30.76 39.61 -14.79
CA ARG J 169 -32.10 38.98 -14.63
C ARG J 169 -31.99 37.48 -14.88
N ALA J 170 -32.92 36.73 -14.31
CA ALA J 170 -33.06 35.29 -14.61
C ALA J 170 -34.17 35.15 -15.66
N VAL J 171 -34.11 34.10 -16.47
CA VAL J 171 -34.97 33.98 -17.68
C VAL J 171 -36.01 32.91 -17.42
N PRO J 172 -37.33 33.21 -17.55
CA PRO J 172 -38.36 32.21 -17.29
C PRO J 172 -38.37 31.12 -18.36
N ALA J 173 -39.01 30.00 -18.04
CA ALA J 173 -39.34 28.91 -18.98
C ALA J 173 -39.92 29.48 -20.27
N ASP J 174 -39.40 29.02 -21.41
CA ASP J 174 -40.02 29.24 -22.74
C ASP J 174 -39.86 30.70 -23.19
N TRP J 175 -39.03 31.49 -22.52
CA TRP J 175 -38.85 32.93 -22.89
C TRP J 175 -38.44 33.03 -24.36
N PRO J 176 -38.92 34.01 -25.16
CA PRO J 176 -39.71 35.14 -24.66
C PRO J 176 -41.24 34.96 -24.70
N ASN J 177 -41.70 33.72 -24.65
CA ASN J 177 -43.14 33.37 -24.74
C ASN J 177 -43.58 32.63 -23.49
N ASN J 178 -43.10 33.06 -22.31
CA ASN J 178 -43.46 32.42 -21.03
C ASN J 178 -44.96 32.59 -20.80
N GLU J 179 -45.62 31.55 -20.31
CA GLU J 179 -47.10 31.51 -20.14
C GLU J 179 -47.55 32.36 -18.94
N ILE J 180 -46.67 32.64 -17.96
CA ILE J 180 -47.00 33.46 -16.75
C ILE J 180 -46.68 34.94 -16.98
N ILE J 181 -45.47 35.27 -17.45
CA ILE J 181 -45.01 36.68 -17.54
C ILE J 181 -44.57 37.08 -18.95
N GLY J 182 -44.84 36.24 -19.96
CA GLY J 182 -44.58 36.60 -21.36
C GLY J 182 -43.10 36.79 -21.64
N GLU J 183 -42.71 38.02 -21.95
CA GLU J 183 -41.32 38.42 -22.29
C GLU J 183 -40.67 39.02 -21.06
N GLY J 184 -41.38 39.05 -19.93
CA GLY J 184 -40.81 39.43 -18.64
C GLY J 184 -39.56 38.63 -18.29
N LEU J 185 -38.63 39.26 -17.58
CA LEU J 185 -37.41 38.65 -17.01
C LEU J 185 -37.49 38.77 -15.47
N ILE J 186 -36.85 37.86 -14.78
CA ILE J 186 -37.08 37.63 -13.31
C ILE J 186 -35.97 38.32 -12.52
N VAL J 187 -36.35 39.03 -11.45
CA VAL J 187 -35.35 39.67 -10.54
C VAL J 187 -34.84 38.56 -9.64
N PRO J 188 -33.51 38.39 -9.47
CA PRO J 188 -33.00 37.39 -8.53
C PRO J 188 -33.71 37.55 -7.18
N PRO J 189 -34.17 36.45 -6.57
CA PRO J 189 -34.98 36.56 -5.37
C PRO J 189 -34.14 37.01 -4.17
N PRO J 190 -34.77 37.60 -3.13
CA PRO J 190 -34.08 37.88 -1.86
C PRO J 190 -33.45 36.60 -1.29
N THR J 191 -32.35 36.73 -0.54
CA THR J 191 -31.68 35.62 0.18
C THR J 191 -31.70 35.83 1.70
N THR J 192 -32.43 36.82 2.22
CA THR J 192 -32.60 37.04 3.70
C THR J 192 -34.01 37.51 4.00
N GLU J 193 -34.43 37.43 5.26
CA GLU J 193 -35.76 37.96 5.69
C GLU J 193 -35.79 39.47 5.50
N ASP J 194 -34.72 40.18 5.89
CA ASP J 194 -34.67 41.66 5.74
C ASP J 194 -34.82 42.00 4.25
N GLN J 195 -34.04 41.36 3.37
CA GLN J 195 -34.13 41.60 1.89
C GLN J 195 -35.54 41.25 1.43
N ALA J 196 -36.15 40.20 1.99
CA ALA J 196 -37.52 39.79 1.60
C ALA J 196 -38.53 40.88 2.00
N ARG J 197 -38.43 41.44 3.21
CA ARG J 197 -39.37 42.49 3.70
C ARG J 197 -39.17 43.74 2.83
N ALA J 198 -37.90 44.14 2.63
CA ALA J 198 -37.54 45.41 1.91
C ALA J 198 -38.12 45.37 0.50
N ARG J 199 -38.17 44.19 -0.12
CA ARG J 199 -38.68 43.95 -1.51
C ARG J 199 -40.20 44.06 -1.49
N MET J 200 -40.87 43.45 -0.52
CA MET J 200 -42.35 43.43 -0.50
C MET J 200 -42.91 44.79 -0.09
N GLU J 201 -42.09 45.72 0.40
CA GLU J 201 -42.54 47.06 0.87
C GLU J 201 -42.08 48.16 -0.11
N SER J 202 -41.42 47.82 -1.22
CA SER J 202 -40.81 48.83 -2.13
C SER J 202 -41.80 49.22 -3.25
N GLY J 203 -42.78 48.36 -3.57
CA GLY J 203 -43.68 48.50 -4.74
C GLY J 203 -42.94 48.54 -6.09
N GLN J 204 -41.62 48.42 -6.12
CA GLN J 204 -40.75 48.61 -7.32
C GLN J 204 -41.09 47.63 -8.46
N TYR J 205 -41.41 46.37 -8.16
CA TYR J 205 -41.54 45.30 -9.20
C TYR J 205 -42.91 44.64 -9.12
N ARG J 206 -43.45 44.24 -10.26
CA ARG J 206 -44.59 43.28 -10.28
C ARG J 206 -44.15 42.04 -9.50
N SER J 207 -44.99 41.51 -8.60
CA SER J 207 -44.67 40.37 -7.71
C SER J 207 -45.86 39.43 -7.64
N LEU J 208 -45.57 38.14 -7.44
CA LEU J 208 -46.57 37.13 -7.04
C LEU J 208 -46.31 36.78 -5.57
N ASP J 209 -45.08 36.95 -5.08
CA ASP J 209 -44.63 36.75 -3.68
C ASP J 209 -43.26 37.43 -3.57
N TRP J 210 -42.64 37.47 -2.38
CA TRP J 210 -41.33 38.14 -2.16
C TRP J 210 -40.20 37.47 -2.96
N TRP J 211 -40.40 36.21 -3.41
CA TRP J 211 -39.35 35.42 -4.11
C TRP J 211 -39.57 35.42 -5.63
N PHE J 212 -40.69 35.98 -6.09
CA PHE J 212 -41.13 35.99 -7.51
C PHE J 212 -41.49 37.43 -7.90
N SER J 213 -40.49 38.19 -8.33
CA SER J 213 -40.63 39.55 -8.90
C SER J 213 -40.12 39.55 -10.33
N TRP J 214 -40.69 40.36 -11.22
CA TRP J 214 -40.15 40.49 -12.59
C TRP J 214 -40.49 41.86 -13.16
N ASP J 215 -39.93 42.15 -14.33
CA ASP J 215 -40.21 43.39 -15.11
C ASP J 215 -39.96 43.04 -16.58
N THR J 216 -39.96 44.06 -17.46
CA THR J 216 -39.85 43.91 -18.94
C THR J 216 -38.66 44.75 -19.41
N PRO J 217 -37.42 44.42 -19.00
CA PRO J 217 -36.27 45.28 -19.28
C PRO J 217 -35.62 45.01 -20.66
N ALA J 218 -36.10 43.99 -21.38
CA ALA J 218 -35.52 43.65 -22.69
C ALA J 218 -36.17 44.54 -23.76
N SER J 219 -35.38 45.05 -24.71
CA SER J 219 -35.85 45.88 -25.86
C SER J 219 -36.72 45.05 -26.80
N ARG J 220 -37.51 45.75 -27.64
CA ARG J 220 -38.34 45.14 -28.71
C ARG J 220 -37.41 44.32 -29.61
N ASP J 221 -36.25 44.90 -29.96
CA ASP J 221 -35.22 44.27 -30.84
C ASP J 221 -34.73 42.95 -30.21
N ASP J 222 -34.38 42.94 -28.92
CA ASP J 222 -33.83 41.72 -28.25
C ASP J 222 -34.92 40.64 -28.24
N VAL J 223 -36.14 41.00 -27.84
CA VAL J 223 -37.30 40.08 -27.78
C VAL J 223 -37.56 39.53 -29.19
N GLU J 224 -37.58 40.39 -30.20
CA GLU J 224 -37.97 40.02 -31.59
C GLU J 224 -36.88 39.09 -32.16
N GLU J 225 -35.62 39.34 -31.83
CA GLU J 225 -34.49 38.48 -32.28
C GLU J 225 -34.67 37.05 -31.73
N ALA J 226 -35.03 36.89 -30.46
CA ALA J 226 -35.27 35.56 -29.85
C ALA J 226 -36.54 34.95 -30.47
N ARG J 227 -37.58 35.74 -30.71
CA ARG J 227 -38.85 35.24 -31.30
C ARG J 227 -38.62 34.71 -32.73
N ARG J 228 -37.76 35.38 -33.49
CA ARG J 228 -37.42 35.01 -34.89
C ARG J 228 -36.80 33.60 -34.94
N TYR J 229 -35.91 33.27 -34.00
CA TYR J 229 -35.26 31.93 -33.89
C TYR J 229 -36.35 30.86 -33.84
N LEU J 230 -37.36 31.08 -33.01
CA LEU J 230 -38.42 30.07 -32.71
C LEU J 230 -39.41 30.03 -33.87
N ARG J 231 -39.74 31.17 -34.47
CA ARG J 231 -40.60 31.19 -35.68
C ARG J 231 -39.92 30.40 -36.79
N ARG J 232 -38.62 30.59 -36.97
CA ARG J 232 -37.82 29.81 -37.96
C ARG J 232 -37.94 28.31 -37.63
N ALA J 233 -37.80 27.95 -36.35
CA ALA J 233 -37.76 26.52 -35.95
C ALA J 233 -39.11 25.89 -36.26
N ALA J 234 -40.20 26.63 -36.06
CA ALA J 234 -41.62 26.22 -36.25
C ALA J 234 -42.07 26.29 -37.72
N GLU J 235 -41.33 26.96 -38.60
CA GLU J 235 -41.70 27.22 -40.02
C GLU J 235 -41.21 26.06 -40.91
N LYS J 236 -42.15 25.41 -41.61
CA LYS J 236 -41.88 24.57 -42.80
C LYS J 236 -41.03 25.41 -43.76
N PRO J 237 -39.77 25.02 -44.09
CA PRO J 237 -38.87 25.93 -44.81
C PRO J 237 -39.39 26.20 -46.24
N ALA J 238 -39.05 27.37 -46.81
CA ALA J 238 -39.56 27.89 -48.11
C ALA J 238 -39.26 26.88 -49.22
N LYS J 239 -37.98 26.55 -49.40
CA LYS J 239 -37.45 25.60 -50.41
C LYS J 239 -36.65 24.51 -49.67
N LEU J 240 -36.62 23.27 -50.17
CA LEU J 240 -35.75 22.21 -49.57
C LEU J 240 -34.43 22.14 -50.35
N LEU J 241 -33.30 22.10 -49.66
CA LEU J 241 -31.96 22.14 -50.31
C LEU J 241 -31.71 20.88 -51.14
N TYR J 242 -32.35 19.73 -50.86
CA TYR J 242 -32.14 18.50 -51.68
C TYR J 242 -32.67 18.77 -53.10
N GLU J 243 -33.72 19.61 -53.23
CA GLU J 243 -34.46 19.89 -54.50
C GLU J 243 -33.58 20.58 -55.54
N GLU J 244 -32.55 21.35 -55.13
CA GLU J 244 -31.50 21.92 -56.04
C GLU J 244 -30.14 21.27 -55.73
N ALA J 245 -30.12 19.92 -55.68
CA ALA J 245 -29.00 19.07 -55.21
C ALA J 245 -29.31 17.58 -55.47
#